data_1EI6
#
_entry.id   1EI6
#
_cell.length_a   57.500
_cell.length_b   129.540
_cell.length_c   133.380
_cell.angle_alpha   90.00
_cell.angle_beta   96.90
_cell.angle_gamma   90.00
#
_symmetry.space_group_name_H-M   'P 1 21 1'
#
loop_
_entity.id
_entity.type
_entity.pdbx_description
1 polymer 'PHOSPHONOACETATE HYDROLASE'
2 non-polymer 'ZINC ION'
3 non-polymer 'PHOSPHONOFORMIC ACID'
4 non-polymer 'L(+)-TARTARIC ACID'
5 water water
#
_entity_poly.entity_id   1
_entity_poly.type   'polypeptide(L)'
_entity_poly.pdbx_seq_one_letter_code
;TNLISVNSRSYRLSSAPTIVICVDGCEQEYINQAIQAGQAPFLAELTGFGTVLTGDCVVPSFTNPNNLSIVTGAPPSVHG
ICGNFFFDQETQEEVLMNDAKYLRAPTILAEMAKAGQLVAVVTAKDKLRNLLGHQLKGICFSAEKADQVNLEEHGVENIL
ARVGMPVPSVYSADLSEFVFAAGLSLLTNERPDFMYLSTTDYVQHKHAPGTPEANAFYAMMDSYFKRYHEQGAIVAITAD
HGMNAKTDAIGRPNILFLQDLLDAQYGAQRTRVLLPITDPYVVHHGALGSYATVYLRDAVPQRDAIDFLAGIAGVEAVLT
RSQACQRFELPEDRIGDLVVLGERLTVLGSAADKHDLSGLTVPLRSHGGVSEQKVPLIFNRKLVGLDSPGRLRNFDIIDL
ALNHLA
;
_entity_poly.pdbx_strand_id   A,B,C,D
#
loop_
_chem_comp.id
_chem_comp.type
_chem_comp.name
_chem_comp.formula
PPF non-polymer 'PHOSPHONOFORMIC ACID' 'C H3 O5 P'
TLA non-polymer 'L(+)-TARTARIC ACID' 'C4 H6 O6'
ZN non-polymer 'ZINC ION' 'Zn 2'
#
# COMPACT_ATOMS: atom_id res chain seq x y z
N THR A 1 -22.89 38.40 -29.91
CA THR A 1 -22.67 36.98 -30.15
C THR A 1 -23.92 36.32 -30.78
N ASN A 2 -23.75 35.74 -31.99
CA ASN A 2 -24.85 35.11 -32.71
C ASN A 2 -25.30 33.82 -32.07
N LEU A 3 -26.61 33.66 -32.12
CA LEU A 3 -27.27 32.50 -31.63
C LEU A 3 -28.04 31.88 -32.75
N ILE A 4 -28.03 30.54 -32.82
CA ILE A 4 -28.77 29.77 -33.80
C ILE A 4 -29.40 28.60 -33.12
N SER A 5 -30.32 28.01 -33.79
CA SER A 5 -31.01 26.93 -33.21
C SER A 5 -31.17 25.84 -34.23
N VAL A 6 -30.80 24.62 -33.86
CA VAL A 6 -30.90 23.55 -34.81
C VAL A 6 -31.40 22.33 -34.18
N ASN A 7 -32.37 21.73 -34.80
CA ASN A 7 -32.90 20.53 -34.24
C ASN A 7 -33.31 20.73 -32.79
N SER A 8 -33.75 21.95 -32.51
CA SER A 8 -34.21 22.27 -31.15
C SER A 8 -33.11 22.57 -30.17
N ARG A 9 -31.94 22.87 -30.67
CA ARG A 9 -30.89 23.21 -29.76
C ARG A 9 -30.36 24.54 -30.16
N SER A 10 -30.03 25.30 -29.13
CA SER A 10 -29.49 26.60 -29.34
C SER A 10 -28.00 26.50 -29.30
N TYR A 11 -27.37 27.31 -30.09
CA TYR A 11 -25.92 27.29 -30.13
C TYR A 11 -25.35 28.65 -30.38
N ARG A 12 -24.39 28.98 -29.58
CA ARG A 12 -23.70 30.23 -29.70
C ARG A 12 -22.60 30.08 -30.73
N LEU A 13 -22.54 30.92 -31.76
CA LEU A 13 -21.44 30.81 -32.77
C LEU A 13 -20.03 31.01 -32.18
N SER A 14 -19.04 30.27 -32.71
CA SER A 14 -17.65 30.35 -32.24
C SER A 14 -17.08 31.72 -32.41
N SER A 15 -16.28 32.09 -31.42
CA SER A 15 -15.61 33.37 -31.39
C SER A 15 -14.15 33.17 -31.83
N ALA A 16 -13.73 31.91 -31.67
CA ALA A 16 -12.42 31.34 -32.00
C ALA A 16 -12.65 30.06 -32.83
N PRO A 17 -11.71 29.75 -33.71
CA PRO A 17 -11.86 28.60 -34.54
C PRO A 17 -12.02 27.41 -33.67
N THR A 18 -13.04 26.67 -33.95
CA THR A 18 -13.27 25.55 -33.16
C THR A 18 -13.12 24.33 -33.99
N ILE A 19 -12.49 23.32 -33.43
CA ILE A 19 -12.30 22.11 -34.17
C ILE A 19 -12.82 20.96 -33.41
N VAL A 20 -13.82 20.30 -34.00
CA VAL A 20 -14.43 19.13 -33.42
C VAL A 20 -13.92 17.90 -34.18
N ILE A 21 -13.34 16.95 -33.43
CA ILE A 21 -12.78 15.76 -34.02
C ILE A 21 -13.39 14.48 -33.59
N CYS A 22 -13.75 13.67 -34.55
CA CYS A 22 -14.31 12.36 -34.25
C CYS A 22 -13.27 11.33 -34.56
N VAL A 23 -12.67 10.72 -33.54
CA VAL A 23 -11.71 9.68 -33.68
C VAL A 23 -12.45 8.34 -33.67
N ASP A 24 -12.75 7.87 -34.88
CA ASP A 24 -13.47 6.64 -35.13
C ASP A 24 -12.91 5.45 -34.33
N GLY A 25 -13.79 4.70 -33.69
CA GLY A 25 -13.46 3.52 -32.90
C GLY A 25 -12.59 3.79 -31.66
N CYS A 26 -12.55 5.04 -31.24
CA CYS A 26 -11.71 5.42 -30.09
C CYS A 26 -12.14 4.94 -28.70
N GLU A 27 -11.96 3.64 -28.46
CA GLU A 27 -12.22 3.04 -27.18
C GLU A 27 -11.35 3.82 -26.22
N GLN A 28 -11.90 4.20 -25.08
CA GLN A 28 -11.14 5.02 -24.16
C GLN A 28 -9.77 4.52 -23.79
N GLU A 29 -9.64 3.23 -23.73
CA GLU A 29 -8.45 2.59 -23.29
C GLU A 29 -7.24 2.88 -24.21
N TYR A 30 -7.51 3.28 -25.43
CA TYR A 30 -6.41 3.60 -26.33
C TYR A 30 -5.73 4.83 -25.82
N ILE A 31 -6.51 5.77 -25.33
CA ILE A 31 -5.88 6.99 -24.85
C ILE A 31 -5.10 6.75 -23.57
N ASN A 32 -5.70 5.99 -22.68
CA ASN A 32 -5.08 5.69 -21.43
C ASN A 32 -3.72 5.01 -21.60
N GLN A 33 -3.70 3.97 -22.41
CA GLN A 33 -2.49 3.23 -22.65
C GLN A 33 -1.42 4.02 -23.34
N ALA A 34 -1.78 4.84 -24.29
CA ALA A 34 -0.79 5.65 -25.02
C ALA A 34 -0.11 6.63 -24.12
N ILE A 35 -0.87 7.10 -23.14
CA ILE A 35 -0.35 8.06 -22.19
C ILE A 35 0.61 7.37 -21.24
N GLN A 36 0.16 6.25 -20.71
CA GLN A 36 0.92 5.46 -19.77
C GLN A 36 2.25 5.03 -20.34
N ALA A 37 2.30 4.98 -21.67
CA ALA A 37 3.44 4.55 -22.43
C ALA A 37 4.39 5.64 -22.91
N GLY A 38 4.05 6.91 -22.63
CA GLY A 38 4.90 8.04 -23.02
C GLY A 38 4.65 8.58 -24.43
N GLN A 39 3.69 7.96 -25.10
CA GLN A 39 3.32 8.28 -26.44
C GLN A 39 2.27 9.39 -26.63
N ALA A 40 1.76 9.98 -25.55
CA ALA A 40 0.75 11.03 -25.68
C ALA A 40 0.90 12.12 -24.65
N PRO A 41 2.03 12.74 -24.73
CA PRO A 41 2.41 13.80 -23.84
C PRO A 41 1.47 14.97 -23.81
N PHE A 42 0.89 15.36 -24.95
CA PHE A 42 0.00 16.49 -24.95
C PHE A 42 -1.28 16.16 -24.18
N LEU A 43 -1.85 15.06 -24.54
CA LEU A 43 -3.04 14.62 -23.89
C LEU A 43 -2.74 14.32 -22.44
N ALA A 44 -1.50 13.91 -22.25
CA ALA A 44 -0.98 13.56 -20.93
C ALA A 44 -1.05 14.75 -19.96
N GLU A 45 -0.95 15.95 -20.47
CA GLU A 45 -0.98 17.11 -19.61
C GLU A 45 -2.24 17.97 -19.74
N LEU A 46 -3.19 17.55 -20.57
CA LEU A 46 -4.42 18.27 -20.85
C LEU A 46 -5.35 18.50 -19.63
N THR A 47 -5.28 17.63 -18.66
CA THR A 47 -6.09 17.75 -17.45
C THR A 47 -5.94 19.09 -16.79
N GLY A 48 -4.71 19.56 -16.77
CA GLY A 48 -4.37 20.82 -16.13
C GLY A 48 -4.97 22.02 -16.79
N PHE A 49 -5.45 21.85 -17.99
CA PHE A 49 -6.01 22.99 -18.65
C PHE A 49 -7.27 22.68 -19.41
N GLY A 50 -7.50 21.38 -19.62
CA GLY A 50 -8.65 20.92 -20.37
C GLY A 50 -9.65 20.20 -19.53
N THR A 51 -10.50 19.50 -20.22
CA THR A 51 -11.52 18.73 -19.60
C THR A 51 -11.67 17.39 -20.28
N VAL A 52 -11.69 16.34 -19.46
CA VAL A 52 -11.89 14.98 -19.95
C VAL A 52 -13.22 14.40 -19.34
N LEU A 53 -14.15 13.93 -20.17
CA LEU A 53 -15.42 13.36 -19.69
C LEU A 53 -15.74 12.07 -20.42
N THR A 54 -16.79 11.42 -20.01
CA THR A 54 -17.22 10.19 -20.67
C THR A 54 -18.67 10.30 -21.13
N GLY A 55 -18.96 9.77 -22.31
CA GLY A 55 -20.32 9.81 -22.87
C GLY A 55 -20.73 8.46 -23.42
N ASP A 56 -21.96 8.42 -23.95
CA ASP A 56 -22.61 7.27 -24.56
C ASP A 56 -22.86 7.66 -26.00
N CYS A 57 -22.44 6.83 -26.93
CA CYS A 57 -22.63 7.11 -28.34
C CYS A 57 -23.96 6.50 -28.60
N VAL A 58 -24.45 6.52 -29.82
CA VAL A 58 -25.73 5.91 -30.11
C VAL A 58 -25.54 4.46 -30.44
N VAL A 59 -26.48 3.61 -30.08
CA VAL A 59 -26.45 2.20 -30.41
C VAL A 59 -27.51 2.00 -31.50
N PRO A 60 -27.21 1.25 -32.61
CA PRO A 60 -25.94 0.54 -32.88
C PRO A 60 -24.73 1.42 -32.92
N SER A 61 -23.71 0.94 -32.27
CA SER A 61 -22.51 1.68 -32.23
C SER A 61 -21.73 1.66 -33.55
N PHE A 62 -22.38 2.16 -34.61
CA PHE A 62 -21.84 2.22 -35.96
C PHE A 62 -21.32 3.56 -36.38
N THR A 63 -20.42 3.57 -37.36
CA THR A 63 -19.80 4.79 -37.82
C THR A 63 -20.66 5.90 -38.36
N ASN A 64 -21.55 5.57 -39.31
CA ASN A 64 -22.43 6.59 -39.93
C ASN A 64 -23.53 7.20 -39.00
N PRO A 65 -24.31 6.34 -38.39
CA PRO A 65 -25.37 6.82 -37.49
C PRO A 65 -24.80 7.82 -36.47
N ASN A 66 -23.64 7.46 -35.89
CA ASN A 66 -22.95 8.28 -34.92
C ASN A 66 -22.43 9.58 -35.44
N ASN A 67 -21.65 9.54 -36.51
CA ASN A 67 -21.16 10.75 -37.08
C ASN A 67 -22.34 11.65 -37.41
N LEU A 68 -23.40 11.06 -37.93
CA LEU A 68 -24.53 11.86 -38.27
C LEU A 68 -25.14 12.51 -37.08
N SER A 69 -25.20 11.82 -35.96
CA SER A 69 -25.79 12.46 -34.77
C SER A 69 -24.91 13.55 -34.26
N ILE A 70 -23.62 13.38 -34.39
CA ILE A 70 -22.71 14.37 -33.89
C ILE A 70 -22.92 15.73 -34.54
N VAL A 71 -23.10 15.69 -35.85
CA VAL A 71 -23.25 16.89 -36.63
C VAL A 71 -24.64 17.53 -36.62
N THR A 72 -25.60 16.79 -36.12
CA THR A 72 -26.98 17.25 -35.99
C THR A 72 -27.36 17.46 -34.53
N GLY A 73 -26.48 17.01 -33.63
CA GLY A 73 -26.75 17.13 -32.19
C GLY A 73 -28.03 16.40 -31.79
N ALA A 74 -28.42 15.38 -32.58
CA ALA A 74 -29.62 14.59 -32.35
C ALA A 74 -29.41 13.13 -32.71
N PRO A 75 -30.34 12.32 -32.24
CA PRO A 75 -30.37 10.89 -32.44
C PRO A 75 -30.85 10.47 -33.84
N PRO A 76 -30.70 9.18 -34.18
CA PRO A 76 -31.14 8.73 -35.47
C PRO A 76 -32.63 8.90 -35.64
N SER A 77 -33.36 8.86 -34.52
CA SER A 77 -34.81 9.04 -34.56
C SER A 77 -35.21 10.34 -35.25
N VAL A 78 -34.28 11.28 -35.23
CA VAL A 78 -34.43 12.60 -35.80
C VAL A 78 -33.81 12.73 -37.19
N HIS A 79 -32.53 12.36 -37.35
CA HIS A 79 -31.88 12.46 -38.66
C HIS A 79 -32.20 11.33 -39.60
N GLY A 80 -32.70 10.25 -39.04
CA GLY A 80 -33.08 9.11 -39.87
C GLY A 80 -32.04 8.03 -40.16
N ILE A 81 -30.74 8.37 -40.17
CA ILE A 81 -29.67 7.40 -40.46
C ILE A 81 -29.37 6.51 -39.25
N CYS A 82 -29.90 5.31 -39.31
CA CYS A 82 -29.74 4.35 -38.24
C CYS A 82 -28.95 3.14 -38.63
N GLY A 83 -28.21 3.22 -39.75
CA GLY A 83 -27.39 2.13 -40.25
C GLY A 83 -26.91 2.40 -41.68
N ASN A 84 -26.37 1.34 -42.36
CA ASN A 84 -25.88 1.48 -43.75
C ASN A 84 -26.95 1.33 -44.77
N PHE A 85 -28.00 0.60 -44.37
CA PHE A 85 -29.14 0.35 -45.20
C PHE A 85 -30.23 -0.27 -44.38
N PHE A 86 -31.38 -0.44 -44.98
CA PHE A 86 -32.49 -1.07 -44.30
C PHE A 86 -33.32 -1.80 -45.31
N PHE A 87 -34.37 -2.43 -44.82
CA PHE A 87 -35.23 -3.18 -45.66
C PHE A 87 -36.62 -2.60 -45.74
N ASP A 88 -37.02 -2.25 -46.96
CA ASP A 88 -38.35 -1.70 -47.16
C ASP A 88 -39.32 -2.81 -47.48
N GLN A 89 -40.29 -3.02 -46.58
CA GLN A 89 -41.28 -4.05 -46.77
C GLN A 89 -42.49 -3.60 -47.59
N GLU A 90 -42.28 -2.55 -48.39
CA GLU A 90 -43.28 -1.98 -49.27
C GLU A 90 -42.91 -2.32 -50.70
N THR A 91 -41.59 -2.30 -50.90
CA THR A 91 -40.96 -2.60 -52.17
C THR A 91 -40.27 -3.92 -52.12
N GLN A 92 -40.10 -4.42 -50.90
CA GLN A 92 -39.42 -5.68 -50.71
C GLN A 92 -37.98 -5.59 -51.19
N GLU A 93 -37.39 -4.39 -51.05
CA GLU A 93 -36.00 -4.18 -51.49
C GLU A 93 -35.07 -3.67 -50.40
N GLU A 94 -33.77 -3.77 -50.68
CA GLU A 94 -32.77 -3.30 -49.75
C GLU A 94 -32.47 -1.87 -50.04
N VAL A 95 -32.73 -1.03 -49.04
CA VAL A 95 -32.52 0.40 -49.17
C VAL A 95 -31.23 0.90 -48.55
N LEU A 96 -30.36 1.38 -49.42
CA LEU A 96 -29.06 1.92 -49.04
C LEU A 96 -29.09 3.38 -48.70
N MET A 97 -28.81 3.70 -47.41
CA MET A 97 -28.78 5.06 -46.86
C MET A 97 -27.42 5.74 -47.11
N ASN A 98 -27.05 5.83 -48.39
CA ASN A 98 -25.79 6.39 -48.84
C ASN A 98 -25.95 7.74 -49.45
N ASP A 99 -27.16 8.23 -49.36
CA ASP A 99 -27.45 9.51 -49.92
C ASP A 99 -28.11 10.40 -48.92
N ALA A 100 -27.71 11.67 -49.02
CA ALA A 100 -28.21 12.72 -48.17
C ALA A 100 -29.72 12.86 -48.35
N LYS A 101 -30.23 12.12 -49.32
CA LYS A 101 -31.64 12.10 -49.59
C LYS A 101 -32.38 11.37 -48.47
N TYR A 102 -31.60 10.61 -47.66
CA TYR A 102 -32.16 9.85 -46.53
C TYR A 102 -32.17 10.62 -45.24
N LEU A 103 -31.47 11.76 -45.24
CA LEU A 103 -31.39 12.65 -44.08
C LEU A 103 -32.75 13.30 -43.73
N ARG A 104 -33.16 13.22 -42.44
CA ARG A 104 -34.45 13.81 -41.96
C ARG A 104 -34.30 15.09 -41.13
N ALA A 105 -33.07 15.57 -41.01
CA ALA A 105 -32.81 16.78 -40.24
C ALA A 105 -31.64 17.50 -40.85
N PRO A 106 -31.49 18.72 -40.44
CA PRO A 106 -30.44 19.56 -40.93
C PRO A 106 -29.23 19.50 -40.08
N THR A 107 -28.05 19.74 -40.68
CA THR A 107 -26.89 19.68 -39.84
C THR A 107 -26.57 21.01 -39.22
N ILE A 108 -26.00 20.96 -38.05
CA ILE A 108 -25.63 22.20 -37.43
C ILE A 108 -24.60 22.96 -38.23
N LEU A 109 -23.80 22.20 -38.99
CA LEU A 109 -22.74 22.76 -39.82
C LEU A 109 -23.26 23.65 -40.91
N ALA A 110 -24.29 23.15 -41.56
CA ALA A 110 -24.93 23.85 -42.66
C ALA A 110 -25.45 25.19 -42.18
N GLU A 111 -26.05 25.16 -40.98
CA GLU A 111 -26.59 26.35 -40.36
C GLU A 111 -25.50 27.38 -40.05
N MET A 112 -24.40 26.95 -39.45
CA MET A 112 -23.31 27.88 -39.17
C MET A 112 -22.85 28.60 -40.44
N ALA A 113 -22.88 27.88 -41.55
CA ALA A 113 -22.48 28.46 -42.81
C ALA A 113 -23.56 29.45 -43.22
N LYS A 114 -24.83 29.06 -43.05
CA LYS A 114 -25.92 29.96 -43.39
C LYS A 114 -25.76 31.27 -42.64
N ALA A 115 -25.34 31.15 -41.38
CA ALA A 115 -25.11 32.31 -40.53
C ALA A 115 -23.83 33.07 -40.84
N GLY A 116 -23.21 32.78 -41.98
CA GLY A 116 -22.02 33.52 -42.32
C GLY A 116 -20.71 32.91 -41.91
N GLN A 117 -20.78 31.76 -41.28
CA GLN A 117 -19.57 31.11 -40.85
C GLN A 117 -18.84 30.29 -41.93
N LEU A 118 -17.50 30.33 -41.86
CA LEU A 118 -16.61 29.57 -42.74
C LEU A 118 -16.41 28.24 -42.03
N VAL A 119 -17.04 27.20 -42.60
CA VAL A 119 -17.08 25.86 -42.07
C VAL A 119 -16.40 24.82 -42.97
N ALA A 120 -15.40 24.09 -42.42
CA ALA A 120 -14.63 23.06 -43.12
C ALA A 120 -14.96 21.70 -42.56
N VAL A 121 -15.02 20.72 -43.44
CA VAL A 121 -15.31 19.36 -43.04
C VAL A 121 -14.34 18.47 -43.77
N VAL A 122 -13.61 17.66 -43.04
CA VAL A 122 -12.67 16.76 -43.66
C VAL A 122 -12.84 15.38 -43.10
N THR A 123 -13.19 14.43 -43.97
CA THR A 123 -13.33 13.03 -43.61
C THR A 123 -12.24 12.23 -44.28
N ALA A 124 -12.00 11.06 -43.72
CA ALA A 124 -11.04 10.14 -44.26
C ALA A 124 -11.67 9.45 -45.47
N LYS A 125 -12.89 8.99 -45.25
CA LYS A 125 -13.66 8.34 -46.29
C LYS A 125 -14.58 9.30 -47.01
N ASP A 126 -14.69 9.10 -48.33
CA ASP A 126 -15.49 9.95 -49.16
C ASP A 126 -16.98 9.75 -49.07
N LYS A 127 -17.38 8.54 -48.73
CA LYS A 127 -18.78 8.17 -48.62
C LYS A 127 -19.51 8.97 -47.53
N LEU A 128 -18.76 9.21 -46.46
CA LEU A 128 -19.20 9.96 -45.30
C LEU A 128 -19.41 11.43 -45.67
N ARG A 129 -18.39 11.97 -46.31
CA ARG A 129 -18.34 13.32 -46.77
C ARG A 129 -19.65 13.72 -47.45
N ASN A 130 -20.24 12.79 -48.17
CA ASN A 130 -21.48 13.07 -48.88
C ASN A 130 -22.68 13.31 -48.00
N LEU A 131 -22.75 12.54 -46.93
CA LEU A 131 -23.88 12.67 -46.04
C LEU A 131 -23.74 13.91 -45.20
N LEU A 132 -22.50 14.15 -44.82
CA LEU A 132 -22.14 15.28 -43.99
C LEU A 132 -22.20 16.63 -44.67
N GLY A 133 -21.93 16.66 -45.96
CA GLY A 133 -21.94 17.91 -46.69
C GLY A 133 -23.32 18.39 -47.09
N HIS A 134 -24.34 17.72 -46.60
CA HIS A 134 -25.68 18.11 -46.92
C HIS A 134 -25.96 19.60 -46.64
N GLN A 135 -26.38 20.33 -47.72
CA GLN A 135 -26.69 21.77 -47.74
C GLN A 135 -25.57 22.64 -47.21
N LEU A 136 -24.34 22.18 -47.35
CA LEU A 136 -23.22 22.93 -46.84
C LEU A 136 -22.41 23.75 -47.84
N LYS A 137 -22.30 25.02 -47.49
CA LYS A 137 -21.53 25.98 -48.22
C LYS A 137 -20.29 26.26 -47.36
N GLY A 138 -19.17 25.73 -47.83
CA GLY A 138 -17.89 25.84 -47.18
C GLY A 138 -16.89 24.90 -47.84
N ILE A 139 -15.94 24.43 -47.04
CA ILE A 139 -14.90 23.53 -47.50
C ILE A 139 -15.25 22.09 -47.12
N CYS A 140 -15.25 21.18 -48.07
CA CYS A 140 -15.62 19.84 -47.71
C CYS A 140 -15.05 18.81 -48.66
N PHE A 141 -14.18 17.99 -48.11
CA PHE A 141 -13.57 16.96 -48.91
C PHE A 141 -13.05 15.82 -48.03
N SER A 142 -12.58 14.75 -48.66
CA SER A 142 -12.05 13.58 -47.95
C SER A 142 -10.61 13.36 -48.35
N ALA A 143 -9.87 12.67 -47.49
CA ALA A 143 -8.48 12.37 -47.80
C ALA A 143 -8.43 11.34 -48.92
N GLU A 144 -9.41 10.44 -48.89
CA GLU A 144 -9.54 9.38 -49.86
C GLU A 144 -9.60 9.84 -51.29
N LYS A 145 -10.16 11.02 -51.53
CA LYS A 145 -10.25 11.56 -52.87
C LYS A 145 -9.67 12.94 -52.89
N ALA A 146 -8.57 13.12 -52.12
CA ALA A 146 -7.89 14.41 -52.02
C ALA A 146 -7.19 14.75 -53.32
N ASP A 147 -7.55 13.95 -54.28
CA ASP A 147 -7.08 14.00 -55.63
C ASP A 147 -7.90 14.98 -56.46
N GLN A 148 -9.16 14.60 -56.61
CA GLN A 148 -10.18 15.25 -57.37
C GLN A 148 -10.81 16.44 -56.68
N VAL A 149 -9.99 17.18 -55.94
CA VAL A 149 -10.46 18.34 -55.21
C VAL A 149 -10.37 19.67 -55.98
N ASN A 150 -11.55 20.23 -56.24
CA ASN A 150 -11.70 21.48 -56.99
C ASN A 150 -12.35 22.56 -56.16
N LEU A 151 -12.08 23.80 -56.52
CA LEU A 151 -12.62 24.93 -55.80
C LEU A 151 -14.13 24.99 -55.73
N GLU A 152 -14.75 24.72 -56.84
CA GLU A 152 -16.19 24.79 -56.90
C GLU A 152 -16.91 23.82 -56.01
N GLU A 153 -16.42 22.62 -55.96
CA GLU A 153 -17.06 21.61 -55.16
C GLU A 153 -16.54 21.49 -53.73
N HIS A 154 -15.24 21.55 -53.59
CA HIS A 154 -14.59 21.36 -52.32
C HIS A 154 -14.26 22.58 -51.53
N GLY A 155 -14.19 23.70 -52.20
CA GLY A 155 -13.86 24.95 -51.54
C GLY A 155 -12.35 25.11 -51.42
N VAL A 156 -11.61 24.15 -52.02
CA VAL A 156 -10.13 24.12 -52.00
C VAL A 156 -9.53 23.59 -53.31
N GLU A 157 -8.22 23.80 -53.43
CA GLU A 157 -7.47 23.33 -54.57
C GLU A 157 -6.08 22.95 -54.16
N ASN A 158 -5.55 21.92 -54.81
CA ASN A 158 -4.21 21.45 -54.55
C ASN A 158 -3.91 21.30 -53.06
N ILE A 159 -4.58 20.35 -52.44
CA ILE A 159 -4.38 20.08 -51.04
C ILE A 159 -3.17 19.17 -50.84
N LEU A 160 -2.94 18.32 -51.84
CA LEU A 160 -1.82 17.40 -51.78
C LEU A 160 -0.50 18.13 -51.69
N ALA A 161 -0.42 19.16 -52.49
CA ALA A 161 0.72 20.04 -52.56
C ALA A 161 0.89 20.74 -51.24
N ARG A 162 -0.26 21.14 -50.65
CA ARG A 162 -0.30 21.83 -49.36
C ARG A 162 0.10 20.97 -48.19
N VAL A 163 -0.35 19.73 -48.20
CA VAL A 163 -0.04 18.81 -47.14
C VAL A 163 1.36 18.21 -47.21
N GLY A 164 1.86 18.04 -48.45
CA GLY A 164 3.18 17.48 -48.69
C GLY A 164 3.17 15.97 -48.58
N MET A 165 2.07 15.40 -49.02
CA MET A 165 1.87 13.97 -48.96
C MET A 165 1.18 13.52 -50.22
N PRO A 166 1.24 12.21 -50.44
CA PRO A 166 0.59 11.57 -51.58
C PRO A 166 -0.78 11.13 -51.17
N VAL A 167 -1.54 10.74 -52.15
CA VAL A 167 -2.85 10.27 -51.84
C VAL A 167 -2.71 8.91 -51.16
N PRO A 168 -3.21 8.83 -49.91
CA PRO A 168 -3.11 7.62 -49.10
C PRO A 168 -4.09 6.51 -49.46
N SER A 169 -3.70 5.28 -49.11
CA SER A 169 -4.53 4.11 -49.36
C SER A 169 -5.61 4.04 -48.29
N VAL A 170 -6.80 3.61 -48.64
CA VAL A 170 -7.87 3.51 -47.63
C VAL A 170 -7.52 2.62 -46.45
N TYR A 171 -6.86 1.54 -46.78
CA TYR A 171 -6.51 0.59 -45.78
C TYR A 171 -5.18 0.92 -45.14
N SER A 172 -5.14 2.09 -44.51
CA SER A 172 -3.94 2.54 -43.87
C SER A 172 -4.16 3.71 -42.90
N ALA A 173 -3.16 3.88 -42.01
CA ALA A 173 -3.14 4.94 -41.03
C ALA A 173 -2.95 6.29 -41.66
N ASP A 174 -2.25 6.30 -42.79
CA ASP A 174 -1.96 7.56 -43.49
C ASP A 174 -3.24 8.20 -43.93
N LEU A 175 -4.23 7.35 -44.16
CA LEU A 175 -5.52 7.85 -44.54
C LEU A 175 -5.99 8.87 -43.50
N SER A 176 -5.85 8.51 -42.22
CA SER A 176 -6.26 9.37 -41.12
C SER A 176 -5.27 10.46 -40.84
N GLU A 177 -4.01 10.15 -41.04
CA GLU A 177 -3.05 11.18 -40.81
C GLU A 177 -3.26 12.38 -41.75
N PHE A 178 -3.65 12.09 -42.98
CA PHE A 178 -3.89 13.11 -43.96
C PHE A 178 -4.90 14.08 -43.44
N VAL A 179 -6.01 13.53 -42.96
CA VAL A 179 -7.10 14.31 -42.40
C VAL A 179 -6.55 15.42 -41.49
N PHE A 180 -5.78 15.00 -40.50
CA PHE A 180 -5.19 15.90 -39.56
C PHE A 180 -4.29 16.87 -40.22
N ALA A 181 -3.51 16.35 -41.13
CA ALA A 181 -2.64 17.24 -41.76
C ALA A 181 -3.40 18.25 -42.57
N ALA A 182 -4.36 17.77 -43.32
CA ALA A 182 -5.13 18.74 -44.10
C ALA A 182 -5.78 19.82 -43.18
N GLY A 183 -6.26 19.39 -41.99
CA GLY A 183 -6.91 20.26 -40.99
C GLY A 183 -5.96 21.32 -40.45
N LEU A 184 -4.70 20.97 -40.43
CA LEU A 184 -3.72 21.92 -39.97
C LEU A 184 -3.51 23.02 -41.04
N SER A 185 -3.57 22.63 -42.30
CA SER A 185 -3.40 23.57 -43.39
C SER A 185 -4.55 24.58 -43.38
N LEU A 186 -5.76 24.06 -43.33
CA LEU A 186 -6.92 24.91 -43.30
C LEU A 186 -6.88 25.85 -42.15
N LEU A 187 -6.55 25.33 -40.99
CA LEU A 187 -6.53 26.18 -39.84
C LEU A 187 -5.55 27.32 -39.92
N THR A 188 -4.43 27.02 -40.50
CA THR A 188 -3.35 27.95 -40.64
C THR A 188 -3.47 28.85 -41.82
N ASN A 189 -4.39 28.50 -42.72
CA ASN A 189 -4.59 29.27 -43.91
C ASN A 189 -5.93 29.94 -43.93
N GLU A 190 -6.94 29.16 -44.19
CA GLU A 190 -8.32 29.63 -44.24
C GLU A 190 -8.85 30.02 -42.87
N ARG A 191 -8.30 29.37 -41.84
CA ARG A 191 -8.70 29.57 -40.46
C ARG A 191 -10.22 29.59 -40.31
N PRO A 192 -10.91 28.45 -40.56
CA PRO A 192 -12.36 28.41 -40.47
C PRO A 192 -12.84 28.62 -39.05
N ASP A 193 -14.06 29.11 -38.93
CA ASP A 193 -14.67 29.37 -37.64
C ASP A 193 -14.93 28.07 -36.92
N PHE A 194 -15.37 27.12 -37.75
CA PHE A 194 -15.69 25.77 -37.34
C PHE A 194 -15.22 24.70 -38.32
N MET A 195 -14.60 23.64 -37.76
CA MET A 195 -14.09 22.54 -38.54
C MET A 195 -14.39 21.18 -37.92
N TYR A 196 -14.78 20.26 -38.74
CA TYR A 196 -15.06 18.93 -38.32
C TYR A 196 -14.13 17.94 -39.01
N LEU A 197 -13.36 17.21 -38.22
CA LEU A 197 -12.44 16.20 -38.67
C LEU A 197 -12.95 14.83 -38.22
N SER A 198 -12.93 13.88 -39.14
CA SER A 198 -13.38 12.53 -38.86
C SER A 198 -12.46 11.49 -39.51
N THR A 199 -11.89 10.60 -38.69
CA THR A 199 -10.98 9.55 -39.14
C THR A 199 -11.69 8.25 -39.45
N THR A 200 -10.90 7.19 -39.57
CA THR A 200 -11.41 5.85 -39.81
C THR A 200 -10.84 4.95 -38.72
N ASP A 201 -11.52 3.85 -38.41
CA ASP A 201 -11.08 2.94 -37.36
C ASP A 201 -10.26 1.79 -37.90
N TYR A 202 -9.54 1.99 -38.99
CA TYR A 202 -8.72 0.94 -39.55
C TYR A 202 -7.74 0.36 -38.52
N VAL A 203 -6.98 1.24 -37.89
CA VAL A 203 -5.99 0.85 -36.91
C VAL A 203 -6.57 0.14 -35.71
N GLN A 204 -7.72 0.62 -35.24
CA GLN A 204 -8.33 0.04 -34.06
C GLN A 204 -8.95 -1.32 -34.29
N HIS A 205 -9.28 -1.62 -35.53
CA HIS A 205 -9.86 -2.91 -35.83
C HIS A 205 -8.81 -4.00 -35.86
N LYS A 206 -7.58 -3.52 -36.16
CA LYS A 206 -6.36 -4.28 -36.30
C LYS A 206 -5.52 -4.45 -35.02
N HIS A 207 -5.32 -3.34 -34.26
CA HIS A 207 -4.51 -3.35 -33.04
C HIS A 207 -5.27 -2.97 -31.79
N ALA A 208 -4.92 -3.64 -30.71
CA ALA A 208 -5.50 -3.40 -29.44
C ALA A 208 -4.83 -2.25 -28.76
N PRO A 209 -5.51 -1.75 -27.75
CA PRO A 209 -4.93 -0.66 -27.06
C PRO A 209 -3.65 -1.09 -26.41
N GLY A 210 -2.69 -0.18 -26.34
CA GLY A 210 -1.42 -0.51 -25.71
C GLY A 210 -0.40 -1.19 -26.63
N THR A 211 -0.80 -1.47 -27.86
CA THR A 211 0.13 -2.09 -28.78
C THR A 211 0.95 -1.01 -29.48
N PRO A 212 2.15 -1.41 -29.83
CA PRO A 212 3.09 -0.55 -30.48
C PRO A 212 2.47 0.22 -31.61
N GLU A 213 1.74 -0.49 -32.42
CA GLU A 213 1.07 0.15 -33.53
C GLU A 213 -0.09 1.02 -33.06
N ALA A 214 -0.81 0.58 -32.01
CA ALA A 214 -1.90 1.42 -31.52
C ALA A 214 -1.30 2.74 -31.03
N ASN A 215 -0.33 2.58 -30.16
CA ASN A 215 0.37 3.70 -29.58
C ASN A 215 0.97 4.65 -30.56
N ALA A 216 1.47 4.10 -31.63
CA ALA A 216 2.08 4.94 -32.66
C ALA A 216 1.06 5.88 -33.27
N PHE A 217 -0.02 5.30 -33.76
CA PHE A 217 -1.10 6.04 -34.34
C PHE A 217 -1.54 7.10 -33.33
N TYR A 218 -1.60 6.69 -32.07
CA TYR A 218 -2.01 7.66 -31.08
C TYR A 218 -1.03 8.76 -30.87
N ALA A 219 0.22 8.44 -31.04
CA ALA A 219 1.22 9.45 -30.86
C ALA A 219 1.15 10.46 -31.99
N MET A 220 0.69 9.99 -33.12
CA MET A 220 0.60 10.84 -34.27
C MET A 220 -0.50 11.91 -34.05
N MET A 221 -1.66 11.47 -33.59
CA MET A 221 -2.76 12.39 -33.34
C MET A 221 -2.42 13.42 -32.29
N ASP A 222 -1.79 12.95 -31.21
CA ASP A 222 -1.40 13.81 -30.11
C ASP A 222 -0.62 14.97 -30.63
N SER A 223 0.24 14.68 -31.58
CA SER A 223 1.07 15.70 -32.17
C SER A 223 0.23 16.80 -32.84
N TYR A 224 -0.79 16.42 -33.58
CA TYR A 224 -1.65 17.39 -34.21
C TYR A 224 -2.53 18.13 -33.19
N PHE A 225 -3.02 17.38 -32.21
CA PHE A 225 -3.85 18.00 -31.18
C PHE A 225 -3.14 19.14 -30.55
N LYS A 226 -1.84 18.97 -30.43
CA LYS A 226 -0.97 19.96 -29.83
C LYS A 226 -0.75 21.17 -30.71
N ARG A 227 -0.64 20.90 -31.98
CA ARG A 227 -0.43 21.94 -32.91
C ARG A 227 -1.63 22.81 -33.03
N TYR A 228 -2.80 22.17 -33.02
CA TYR A 228 -4.01 22.92 -33.11
C TYR A 228 -4.14 23.78 -31.90
N HIS A 229 -3.78 23.21 -30.78
CA HIS A 229 -3.88 23.93 -29.54
C HIS A 229 -2.91 25.09 -29.48
N GLU A 230 -1.73 24.90 -30.04
CA GLU A 230 -0.74 25.95 -30.06
C GLU A 230 -1.15 27.09 -30.99
N GLN A 231 -2.05 26.80 -31.93
CA GLN A 231 -2.56 27.77 -32.87
C GLN A 231 -3.71 28.60 -32.22
N GLY A 232 -4.14 28.17 -31.04
CA GLY A 232 -5.20 28.89 -30.37
C GLY A 232 -6.61 28.36 -30.64
N ALA A 233 -6.74 27.21 -31.30
CA ALA A 233 -8.07 26.71 -31.55
C ALA A 233 -8.63 26.03 -30.34
N ILE A 234 -9.96 25.90 -30.36
CA ILE A 234 -10.68 25.18 -29.36
C ILE A 234 -10.73 23.78 -29.98
N VAL A 235 -10.23 22.82 -29.27
CA VAL A 235 -10.19 21.47 -29.76
C VAL A 235 -11.13 20.63 -28.88
N ALA A 236 -12.10 19.98 -29.51
CA ALA A 236 -13.03 19.11 -28.81
C ALA A 236 -12.92 17.73 -29.45
N ILE A 237 -12.69 16.69 -28.63
CA ILE A 237 -12.55 15.38 -29.18
C ILE A 237 -13.47 14.34 -28.61
N THR A 238 -14.05 13.55 -29.52
CA THR A 238 -14.92 12.44 -29.16
C THR A 238 -14.70 11.25 -30.10
N ALA A 239 -15.61 10.30 -30.06
CA ALA A 239 -15.53 9.13 -30.89
C ALA A 239 -16.89 8.69 -31.32
N ASP A 240 -16.96 7.98 -32.44
CA ASP A 240 -18.26 7.47 -32.91
C ASP A 240 -18.74 6.22 -32.18
N HIS A 241 -17.79 5.49 -31.62
CA HIS A 241 -18.08 4.25 -30.95
C HIS A 241 -16.75 3.71 -30.42
N GLY A 242 -16.78 2.81 -29.42
CA GLY A 242 -15.50 2.23 -28.95
C GLY A 242 -15.12 1.01 -29.83
N MET A 243 -14.36 0.06 -29.29
CA MET A 243 -13.93 -1.13 -30.03
C MET A 243 -13.60 -2.26 -29.08
N ASN A 244 -13.91 -3.51 -29.43
CA ASN A 244 -13.53 -4.65 -28.57
C ASN A 244 -13.10 -5.88 -29.33
N ALA A 245 -12.39 -6.76 -28.60
CA ALA A 245 -11.93 -8.04 -29.12
C ALA A 245 -13.17 -8.86 -29.26
N LYS A 246 -13.22 -9.70 -30.31
CA LYS A 246 -14.39 -10.54 -30.60
C LYS A 246 -13.98 -12.00 -30.77
N THR A 247 -12.95 -12.30 -30.02
CA THR A 247 -12.34 -13.60 -30.06
C THR A 247 -12.15 -14.18 -28.69
N ASP A 248 -11.62 -15.40 -28.70
CA ASP A 248 -11.31 -16.17 -27.52
C ASP A 248 -9.84 -16.01 -27.20
N ALA A 249 -9.33 -16.76 -26.24
CA ALA A 249 -7.93 -16.65 -25.87
C ALA A 249 -6.92 -16.83 -26.99
N ILE A 250 -7.22 -17.58 -28.02
CA ILE A 250 -6.25 -17.74 -29.07
C ILE A 250 -6.53 -16.91 -30.30
N GLY A 251 -7.55 -16.09 -30.22
CA GLY A 251 -7.81 -15.22 -31.32
C GLY A 251 -8.82 -15.73 -32.31
N ARG A 252 -9.45 -16.84 -32.00
CA ARG A 252 -10.46 -17.32 -32.93
C ARG A 252 -11.71 -16.45 -32.68
N PRO A 253 -12.46 -16.12 -33.73
CA PRO A 253 -13.62 -15.24 -33.62
C PRO A 253 -14.89 -15.80 -33.04
N ASN A 254 -15.58 -14.97 -32.29
CA ASN A 254 -16.87 -15.41 -31.73
C ASN A 254 -17.98 -14.96 -32.64
N ILE A 255 -18.44 -15.87 -33.50
CA ILE A 255 -19.46 -15.54 -34.45
C ILE A 255 -20.76 -16.31 -34.40
N LEU A 256 -21.86 -15.56 -34.46
CA LEU A 256 -23.17 -16.21 -34.50
C LEU A 256 -23.82 -16.04 -35.90
N PHE A 257 -24.16 -17.14 -36.58
CA PHE A 257 -24.77 -16.96 -37.88
C PHE A 257 -26.23 -17.04 -37.78
N LEU A 258 -26.79 -15.88 -37.49
CA LEU A 258 -28.19 -15.73 -37.29
C LEU A 258 -29.03 -16.24 -38.42
N GLN A 259 -28.57 -16.11 -39.65
CA GLN A 259 -29.44 -16.61 -40.70
C GLN A 259 -29.52 -18.12 -40.60
N ASP A 260 -28.34 -18.74 -40.55
CA ASP A 260 -28.23 -20.17 -40.42
C ASP A 260 -29.10 -20.69 -39.24
N LEU A 261 -28.93 -20.06 -38.11
CA LEU A 261 -29.66 -20.43 -36.91
C LEU A 261 -31.20 -20.39 -37.07
N LEU A 262 -31.69 -19.27 -37.55
CA LEU A 262 -33.11 -19.08 -37.76
C LEU A 262 -33.72 -20.00 -38.80
N ASP A 263 -32.96 -20.22 -39.88
CA ASP A 263 -33.38 -21.07 -40.96
C ASP A 263 -33.57 -22.48 -40.50
N ALA A 264 -32.75 -22.88 -39.55
CA ALA A 264 -32.84 -24.23 -39.04
C ALA A 264 -33.97 -24.42 -38.06
N GLN A 265 -34.45 -23.31 -37.53
CA GLN A 265 -35.49 -23.31 -36.56
C GLN A 265 -36.85 -23.06 -37.16
N TYR A 266 -36.86 -22.21 -38.17
CA TYR A 266 -38.08 -21.81 -38.85
C TYR A 266 -38.13 -22.22 -40.31
N GLY A 267 -36.98 -22.51 -40.85
CA GLY A 267 -36.93 -22.87 -42.23
C GLY A 267 -36.54 -21.68 -43.07
N ALA A 268 -36.00 -22.01 -44.23
CA ALA A 268 -35.57 -21.02 -45.19
C ALA A 268 -36.66 -20.01 -45.53
N GLN A 269 -36.21 -18.76 -45.69
CA GLN A 269 -37.06 -17.63 -46.07
C GLN A 269 -38.14 -17.20 -45.11
N ARG A 270 -38.19 -17.68 -43.86
CA ARG A 270 -39.25 -17.17 -42.97
C ARG A 270 -38.72 -15.98 -42.20
N THR A 271 -37.45 -15.68 -42.40
CA THR A 271 -36.82 -14.59 -41.71
C THR A 271 -35.73 -13.99 -42.53
N ARG A 272 -35.50 -12.71 -42.28
CA ARG A 272 -34.51 -11.99 -42.97
C ARG A 272 -33.57 -11.28 -42.03
N VAL A 273 -32.30 -11.66 -42.11
CA VAL A 273 -31.25 -11.09 -41.30
C VAL A 273 -30.43 -10.02 -42.02
N LEU A 274 -30.42 -8.82 -41.42
CA LEU A 274 -29.68 -7.69 -41.95
C LEU A 274 -28.56 -7.27 -41.00
N LEU A 275 -27.37 -7.08 -41.54
CA LEU A 275 -26.20 -6.63 -40.78
C LEU A 275 -25.83 -5.23 -41.28
N PRO A 276 -26.48 -4.21 -40.71
CA PRO A 276 -26.29 -2.86 -41.15
C PRO A 276 -24.94 -2.24 -40.86
N ILE A 277 -23.98 -3.04 -40.36
CA ILE A 277 -22.66 -2.47 -40.07
C ILE A 277 -22.02 -1.79 -41.30
N THR A 278 -22.33 -2.34 -42.46
CA THR A 278 -21.86 -1.85 -43.74
C THR A 278 -22.95 -2.07 -44.78
N ASP A 279 -22.60 -1.80 -46.03
CA ASP A 279 -23.52 -1.99 -47.12
C ASP A 279 -23.84 -3.47 -47.24
N PRO A 280 -25.07 -3.73 -47.64
CA PRO A 280 -25.61 -5.06 -47.80
C PRO A 280 -24.75 -6.07 -48.58
N TYR A 281 -24.04 -5.58 -49.59
CA TYR A 281 -23.22 -6.43 -50.45
C TYR A 281 -21.93 -6.96 -49.87
N VAL A 282 -21.33 -6.22 -48.94
CA VAL A 282 -20.08 -6.64 -48.31
C VAL A 282 -20.25 -8.01 -47.58
N VAL A 283 -19.34 -8.98 -47.83
CA VAL A 283 -19.42 -10.31 -47.19
C VAL A 283 -18.20 -10.63 -46.32
N HIS A 284 -17.20 -9.77 -46.38
CA HIS A 284 -16.00 -9.98 -45.62
C HIS A 284 -16.20 -9.81 -44.12
N HIS A 285 -15.12 -9.96 -43.40
CA HIS A 285 -15.13 -9.82 -41.96
C HIS A 285 -15.53 -8.39 -41.58
N GLY A 286 -15.39 -7.49 -42.55
CA GLY A 286 -15.72 -6.10 -42.32
C GLY A 286 -17.21 -5.92 -42.02
N ALA A 287 -17.96 -6.99 -42.31
CA ALA A 287 -19.39 -7.05 -42.12
C ALA A 287 -19.85 -7.65 -40.79
N LEU A 288 -18.91 -7.86 -39.85
CA LEU A 288 -19.29 -8.45 -38.56
C LEU A 288 -19.23 -7.47 -37.42
N GLY A 289 -20.40 -7.24 -36.80
CA GLY A 289 -20.49 -6.32 -35.70
C GLY A 289 -21.37 -6.96 -34.68
N SER A 290 -21.50 -6.34 -33.50
CA SER A 290 -22.29 -6.86 -32.38
C SER A 290 -23.79 -6.43 -32.32
N TYR A 291 -24.28 -6.03 -33.48
CA TYR A 291 -25.65 -5.62 -33.70
C TYR A 291 -26.12 -6.06 -35.09
N ALA A 292 -27.34 -6.52 -35.06
CA ALA A 292 -28.07 -7.00 -36.22
C ALA A 292 -29.58 -6.78 -36.00
N THR A 293 -30.28 -6.69 -37.13
CA THR A 293 -31.72 -6.49 -37.19
C THR A 293 -32.38 -7.64 -37.98
N VAL A 294 -33.58 -8.05 -37.58
CA VAL A 294 -34.27 -9.15 -38.23
C VAL A 294 -35.71 -8.85 -38.58
N TYR A 295 -36.06 -9.22 -39.82
CA TYR A 295 -37.41 -9.08 -40.34
C TYR A 295 -38.02 -10.50 -40.38
N LEU A 296 -39.18 -10.63 -39.75
CA LEU A 296 -39.94 -11.86 -39.65
C LEU A 296 -41.10 -11.92 -40.63
N ARG A 297 -41.42 -13.10 -41.16
CA ARG A 297 -42.58 -13.18 -42.05
C ARG A 297 -43.79 -13.21 -41.13
N ASP A 298 -44.96 -12.89 -41.63
CA ASP A 298 -46.17 -12.89 -40.81
C ASP A 298 -46.41 -14.21 -40.07
N ALA A 299 -46.11 -15.31 -40.74
CA ALA A 299 -46.26 -16.64 -40.19
C ALA A 299 -45.51 -16.84 -38.87
N VAL A 300 -44.28 -16.34 -38.80
CA VAL A 300 -43.45 -16.46 -37.60
C VAL A 300 -43.95 -15.68 -36.39
N PRO A 301 -44.24 -16.41 -35.32
CA PRO A 301 -44.71 -15.82 -34.09
C PRO A 301 -43.56 -15.12 -33.36
N GLN A 302 -43.62 -13.80 -33.35
CA GLN A 302 -42.63 -12.94 -32.75
C GLN A 302 -42.08 -13.30 -31.39
N ARG A 303 -42.99 -13.63 -30.48
CA ARG A 303 -42.58 -14.00 -29.14
C ARG A 303 -41.65 -15.19 -29.19
N ASP A 304 -42.00 -16.15 -30.04
CA ASP A 304 -41.20 -17.36 -30.19
C ASP A 304 -39.79 -17.11 -30.65
N ALA A 305 -39.67 -16.25 -31.64
CA ALA A 305 -38.39 -15.90 -32.17
C ALA A 305 -37.56 -15.21 -31.09
N ILE A 306 -38.24 -14.42 -30.29
CA ILE A 306 -37.54 -13.73 -29.26
C ILE A 306 -36.98 -14.74 -28.29
N ASP A 307 -37.78 -15.68 -27.92
CA ASP A 307 -37.29 -16.66 -27.00
C ASP A 307 -36.16 -17.50 -27.57
N PHE A 308 -36.32 -17.91 -28.78
CA PHE A 308 -35.32 -18.71 -29.41
C PHE A 308 -33.96 -18.02 -29.42
N LEU A 309 -33.96 -16.83 -29.97
CA LEU A 309 -32.77 -16.07 -30.09
C LEU A 309 -32.16 -15.71 -28.81
N ALA A 310 -33.02 -15.25 -27.90
CA ALA A 310 -32.65 -14.83 -26.56
C ALA A 310 -31.96 -15.95 -25.84
N GLY A 311 -32.30 -17.18 -26.22
CA GLY A 311 -31.67 -18.33 -25.59
C GLY A 311 -30.31 -18.73 -26.20
N ILE A 312 -29.89 -18.14 -27.28
CA ILE A 312 -28.61 -18.55 -27.83
C ILE A 312 -27.44 -17.93 -27.10
N ALA A 313 -26.52 -18.77 -26.68
CA ALA A 313 -25.36 -18.28 -25.99
C ALA A 313 -24.60 -17.31 -26.87
N GLY A 314 -24.35 -16.10 -26.36
CA GLY A 314 -23.63 -15.07 -27.12
C GLY A 314 -24.52 -13.89 -27.50
N VAL A 315 -25.82 -14.07 -27.32
CA VAL A 315 -26.79 -13.03 -27.59
C VAL A 315 -27.04 -12.29 -26.29
N GLU A 316 -26.69 -11.04 -26.21
CA GLU A 316 -26.92 -10.31 -24.97
C GLU A 316 -28.40 -9.95 -24.79
N ALA A 317 -29.03 -9.50 -25.88
CA ALA A 317 -30.41 -9.11 -25.84
C ALA A 317 -31.08 -9.12 -27.20
N VAL A 318 -32.39 -9.38 -27.16
CA VAL A 318 -33.24 -9.39 -28.33
C VAL A 318 -34.37 -8.44 -28.07
N LEU A 319 -34.52 -7.41 -28.88
CA LEU A 319 -35.60 -6.50 -28.63
C LEU A 319 -36.46 -6.33 -29.85
N THR A 320 -37.71 -6.01 -29.57
CA THR A 320 -38.69 -5.75 -30.59
C THR A 320 -38.44 -4.36 -31.04
N ARG A 321 -38.95 -4.07 -32.22
CA ARG A 321 -38.80 -2.76 -32.86
C ARG A 321 -39.11 -1.66 -31.86
N SER A 322 -40.35 -1.70 -31.37
CA SER A 322 -40.82 -0.75 -30.43
C SER A 322 -39.87 -0.54 -29.27
N GLN A 323 -39.41 -1.60 -28.61
CA GLN A 323 -38.48 -1.42 -27.51
C GLN A 323 -37.18 -0.78 -27.91
N ALA A 324 -36.69 -1.21 -29.04
CA ALA A 324 -35.45 -0.73 -29.58
C ALA A 324 -35.48 0.74 -29.91
N CYS A 325 -36.60 1.17 -30.42
CA CYS A 325 -36.72 2.56 -30.81
C CYS A 325 -36.74 3.54 -29.68
N GLN A 326 -37.37 3.12 -28.65
CA GLN A 326 -37.51 3.91 -27.51
C GLN A 326 -36.23 3.99 -26.74
N ARG A 327 -35.67 2.85 -26.55
CA ARG A 327 -34.44 2.73 -25.83
C ARG A 327 -33.26 3.42 -26.45
N PHE A 328 -33.08 3.23 -27.75
CA PHE A 328 -31.95 3.80 -28.44
C PHE A 328 -32.29 4.97 -29.28
N GLU A 329 -33.57 5.31 -29.35
CA GLU A 329 -33.99 6.45 -30.16
C GLU A 329 -33.70 6.32 -31.63
N LEU A 330 -34.35 5.34 -32.23
CA LEU A 330 -34.18 5.05 -33.66
C LEU A 330 -35.46 5.24 -34.47
N PRO A 331 -35.36 5.36 -35.81
CA PRO A 331 -36.56 5.52 -36.63
C PRO A 331 -37.25 4.15 -36.81
N GLU A 332 -38.51 4.04 -36.43
CA GLU A 332 -39.19 2.78 -36.54
C GLU A 332 -39.39 2.23 -37.93
N ASP A 333 -39.38 3.11 -38.89
CA ASP A 333 -39.59 2.68 -40.24
C ASP A 333 -38.34 2.11 -40.91
N ARG A 334 -37.19 2.39 -40.22
CA ARG A 334 -36.02 1.86 -40.91
C ARG A 334 -35.36 0.77 -40.10
N ILE A 335 -36.03 0.20 -39.12
CA ILE A 335 -35.38 -0.94 -38.46
C ILE A 335 -36.31 -2.14 -38.66
N GLY A 336 -35.76 -3.28 -38.30
CA GLY A 336 -36.43 -4.59 -38.47
C GLY A 336 -37.43 -4.87 -37.35
N ASP A 337 -38.10 -6.02 -37.47
CA ASP A 337 -39.07 -6.39 -36.46
C ASP A 337 -38.40 -6.69 -35.16
N LEU A 338 -37.17 -7.06 -35.28
CA LEU A 338 -36.39 -7.40 -34.13
C LEU A 338 -35.02 -6.81 -34.20
N VAL A 339 -34.49 -6.59 -33.05
CA VAL A 339 -33.19 -6.07 -32.89
C VAL A 339 -32.39 -7.03 -32.00
N VAL A 340 -31.25 -7.49 -32.51
CA VAL A 340 -30.41 -8.41 -31.77
C VAL A 340 -29.05 -7.78 -31.40
N LEU A 341 -28.69 -7.94 -30.14
CA LEU A 341 -27.46 -7.43 -29.62
C LEU A 341 -26.62 -8.58 -29.12
N GLY A 342 -25.34 -8.53 -29.38
CA GLY A 342 -24.52 -9.61 -28.91
C GLY A 342 -23.61 -9.20 -27.77
N GLU A 343 -23.16 -10.18 -27.05
CA GLU A 343 -22.27 -9.93 -25.94
C GLU A 343 -21.00 -9.23 -26.36
N ARG A 344 -20.26 -8.82 -25.34
CA ARG A 344 -18.99 -8.11 -25.39
C ARG A 344 -17.97 -8.69 -26.35
N LEU A 345 -17.81 -10.02 -26.30
CA LEU A 345 -16.83 -10.66 -27.15
C LEU A 345 -17.37 -11.37 -28.40
N THR A 346 -18.67 -11.14 -28.68
CA THR A 346 -19.37 -11.75 -29.78
C THR A 346 -19.90 -10.85 -30.86
N VAL A 347 -19.83 -11.35 -32.11
CA VAL A 347 -20.33 -10.68 -33.32
C VAL A 347 -21.45 -11.52 -33.95
N LEU A 348 -22.24 -10.87 -34.80
CA LEU A 348 -23.34 -11.53 -35.46
C LEU A 348 -23.18 -11.43 -36.94
N GLY A 349 -23.30 -12.58 -37.59
CA GLY A 349 -23.19 -12.70 -39.03
C GLY A 349 -24.51 -13.23 -39.52
N SER A 350 -24.60 -13.50 -40.81
CA SER A 350 -25.82 -14.02 -41.36
C SER A 350 -25.71 -15.51 -41.61
N ALA A 351 -25.12 -15.85 -42.75
CA ALA A 351 -24.94 -17.25 -43.12
C ALA A 351 -23.50 -17.52 -43.40
N ALA A 352 -23.01 -18.64 -42.90
CA ALA A 352 -21.62 -19.03 -43.08
C ALA A 352 -21.19 -18.96 -44.53
N ASP A 353 -22.03 -19.60 -45.32
CA ASP A 353 -22.03 -19.74 -46.77
C ASP A 353 -21.71 -18.38 -47.45
N LYS A 354 -22.26 -17.31 -46.85
CA LYS A 354 -22.16 -15.93 -47.31
C LYS A 354 -20.85 -15.24 -47.04
N HIS A 355 -20.43 -15.30 -45.81
CA HIS A 355 -19.22 -14.65 -45.42
C HIS A 355 -17.97 -15.26 -45.98
N ASP A 356 -17.02 -14.36 -46.10
CA ASP A 356 -15.70 -14.63 -46.59
C ASP A 356 -14.72 -14.16 -45.51
N LEU A 357 -14.32 -15.08 -44.66
CA LEU A 357 -13.41 -14.80 -43.55
C LEU A 357 -11.94 -15.04 -43.86
N SER A 358 -11.69 -15.22 -45.13
CA SER A 358 -10.36 -15.44 -45.62
C SER A 358 -9.45 -14.23 -45.39
N GLY A 359 -10.08 -13.04 -45.41
CA GLY A 359 -9.43 -11.75 -45.24
C GLY A 359 -9.00 -11.42 -43.82
N LEU A 360 -9.44 -12.22 -42.86
CA LEU A 360 -9.06 -11.96 -41.48
C LEU A 360 -7.68 -12.47 -41.23
N THR A 361 -6.75 -11.56 -41.32
CA THR A 361 -5.38 -11.88 -41.09
C THR A 361 -5.14 -11.98 -39.59
N VAL A 362 -5.56 -10.92 -38.91
CA VAL A 362 -5.44 -10.75 -37.49
C VAL A 362 -6.75 -11.05 -36.78
N PRO A 363 -6.70 -11.31 -35.45
CA PRO A 363 -7.94 -11.57 -34.69
C PRO A 363 -8.90 -10.42 -34.73
N LEU A 364 -10.16 -10.80 -34.83
CA LEU A 364 -11.29 -9.91 -34.91
C LEU A 364 -11.46 -8.94 -33.71
N ARG A 365 -11.60 -7.65 -34.07
CA ARG A 365 -11.86 -6.52 -33.20
C ARG A 365 -13.01 -5.83 -33.88
N SER A 366 -14.12 -5.57 -33.18
CA SER A 366 -15.26 -4.91 -33.81
C SER A 366 -16.11 -4.16 -32.82
N HIS A 367 -17.27 -3.71 -33.29
CA HIS A 367 -18.18 -2.95 -32.51
C HIS A 367 -19.62 -3.10 -32.94
N GLY A 368 -20.45 -2.15 -32.52
CA GLY A 368 -21.88 -2.16 -32.88
C GLY A 368 -22.81 -2.42 -31.69
N GLY A 369 -22.27 -2.97 -30.61
CA GLY A 369 -23.16 -3.26 -29.47
C GLY A 369 -23.07 -2.34 -28.28
N VAL A 370 -23.76 -2.70 -27.20
CA VAL A 370 -23.72 -1.88 -26.01
C VAL A 370 -22.31 -1.81 -25.39
N SER A 371 -21.49 -2.84 -25.60
CA SER A 371 -20.10 -2.88 -25.07
C SER A 371 -19.13 -1.89 -25.75
N GLU A 372 -19.57 -1.23 -26.80
CA GLU A 372 -18.74 -0.25 -27.41
C GLU A 372 -19.42 1.09 -27.30
N GLN A 373 -20.33 1.24 -26.30
CA GLN A 373 -21.05 2.49 -26.16
C GLN A 373 -20.29 3.63 -25.46
N LYS A 374 -19.43 3.28 -24.53
CA LYS A 374 -18.68 4.34 -23.82
C LYS A 374 -17.60 4.99 -24.67
N VAL A 375 -17.59 6.33 -24.68
CA VAL A 375 -16.66 7.13 -25.44
C VAL A 375 -16.22 8.33 -24.66
N PRO A 376 -15.10 8.84 -25.06
CA PRO A 376 -14.55 10.01 -24.47
C PRO A 376 -15.13 11.32 -25.09
N LEU A 377 -14.91 12.39 -24.31
CA LEU A 377 -15.30 13.75 -24.61
C LEU A 377 -14.11 14.57 -24.06
N ILE A 378 -13.23 15.10 -24.93
CA ILE A 378 -12.05 15.81 -24.44
C ILE A 378 -12.01 17.20 -24.96
N PHE A 379 -11.62 18.14 -24.09
CA PHE A 379 -11.55 19.56 -24.43
C PHE A 379 -10.29 20.16 -23.90
N ASN A 380 -9.74 21.07 -24.67
CA ASN A 380 -8.53 21.74 -24.25
C ASN A 380 -8.91 23.00 -23.53
N ARG A 381 -10.11 23.00 -23.00
CA ARG A 381 -10.58 24.15 -22.29
C ARG A 381 -11.42 23.72 -21.09
N LYS A 382 -11.51 24.59 -20.09
CA LYS A 382 -12.30 24.28 -18.91
C LYS A 382 -13.74 24.54 -19.26
N LEU A 383 -14.62 23.79 -18.67
CA LEU A 383 -16.00 23.89 -19.02
C LEU A 383 -16.87 24.28 -17.85
N VAL A 384 -18.05 24.77 -18.13
CA VAL A 384 -18.91 25.14 -17.05
C VAL A 384 -20.37 24.86 -17.33
N GLY A 385 -21.17 24.84 -16.25
CA GLY A 385 -22.61 24.61 -16.35
C GLY A 385 -22.98 23.17 -16.59
N LEU A 386 -22.21 22.29 -16.01
CA LEU A 386 -22.49 20.91 -16.20
C LEU A 386 -23.56 20.31 -15.31
N ASP A 387 -24.70 20.07 -15.94
CA ASP A 387 -25.88 19.51 -15.33
C ASP A 387 -25.88 17.99 -15.46
N GLY A 390 -26.28 14.51 -16.19
CA GLY A 390 -27.27 13.41 -16.20
C GLY A 390 -26.79 12.23 -17.03
N ARG A 391 -26.57 12.50 -18.30
CA ARG A 391 -26.09 11.53 -19.26
C ARG A 391 -25.59 12.19 -20.55
N LEU A 392 -24.28 12.38 -20.55
CA LEU A 392 -23.60 12.98 -21.65
C LEU A 392 -23.64 12.06 -22.85
N ARG A 393 -23.78 12.63 -24.03
CA ARG A 393 -23.77 11.88 -25.27
C ARG A 393 -22.66 12.40 -26.15
N ASN A 394 -22.22 11.58 -27.07
CA ASN A 394 -21.19 12.09 -27.94
C ASN A 394 -21.79 13.24 -28.82
N PHE A 395 -23.09 13.18 -29.03
CA PHE A 395 -23.68 14.19 -29.83
C PHE A 395 -24.03 15.48 -29.14
N ASP A 396 -23.48 15.65 -27.93
CA ASP A 396 -23.65 16.85 -27.16
C ASP A 396 -22.36 17.57 -27.22
N ILE A 397 -21.43 17.02 -27.97
CA ILE A 397 -20.14 17.65 -28.05
C ILE A 397 -20.15 19.09 -28.53
N ILE A 398 -20.87 19.32 -29.61
CA ILE A 398 -20.94 20.68 -30.15
C ILE A 398 -21.57 21.66 -29.15
N ASP A 399 -22.61 21.22 -28.47
CA ASP A 399 -23.24 22.04 -27.47
C ASP A 399 -22.20 22.47 -26.44
N LEU A 400 -21.49 21.48 -25.90
CA LEU A 400 -20.45 21.73 -24.91
C LEU A 400 -19.36 22.64 -25.40
N ALA A 401 -18.88 22.39 -26.62
CA ALA A 401 -17.80 23.17 -27.21
C ALA A 401 -18.18 24.57 -27.60
N LEU A 402 -19.46 24.79 -27.85
CA LEU A 402 -19.88 26.12 -28.24
C LEU A 402 -20.50 26.88 -27.08
N ASN A 403 -21.27 26.18 -26.30
CA ASN A 403 -21.95 26.82 -25.22
C ASN A 403 -21.44 26.60 -23.82
N HIS A 404 -20.46 25.75 -23.58
CA HIS A 404 -20.11 25.52 -22.19
C HIS A 404 -18.77 25.90 -21.80
N LEU A 405 -18.18 26.70 -22.64
CA LEU A 405 -16.85 27.19 -22.45
C LEU A 405 -16.78 28.10 -21.28
N ALA A 406 -15.70 27.95 -20.54
CA ALA A 406 -15.47 28.80 -19.41
C ALA A 406 -14.52 29.89 -19.90
N THR B 1 0.21 45.40 18.65
CA THR B 1 -0.91 44.87 17.87
C THR B 1 -2.11 44.49 18.74
N ASN B 2 -3.14 44.03 18.08
CA ASN B 2 -4.35 43.59 18.73
C ASN B 2 -4.08 42.37 19.61
N LEU B 3 -4.95 42.15 20.54
CA LEU B 3 -4.78 41.02 21.40
C LEU B 3 -6.04 40.17 21.39
N ILE B 4 -5.87 38.89 21.02
CA ILE B 4 -6.97 37.91 20.95
C ILE B 4 -6.88 36.80 22.00
N SER B 5 -8.05 36.34 22.43
CA SER B 5 -8.19 35.29 23.41
C SER B 5 -8.79 34.08 22.70
N VAL B 6 -8.15 32.95 22.85
CA VAL B 6 -8.61 31.74 22.22
C VAL B 6 -8.36 30.59 23.16
N ASN B 7 -9.39 29.93 23.58
CA ASN B 7 -9.17 28.78 24.45
C ASN B 7 -8.48 29.10 25.74
N SER B 8 -8.82 30.27 26.24
CA SER B 8 -8.31 30.75 27.49
C SER B 8 -6.84 31.16 27.49
N ARG B 9 -6.35 31.51 26.32
CA ARG B 9 -5.00 31.99 26.19
C ARG B 9 -5.08 33.19 25.29
N SER B 10 -4.28 34.18 25.62
CA SER B 10 -4.24 35.40 24.86
C SER B 10 -2.99 35.43 23.97
N TYR B 11 -3.13 36.04 22.80
CA TYR B 11 -2.06 36.14 21.80
C TYR B 11 -1.94 37.51 21.17
N ARG B 12 -0.75 37.99 21.09
CA ARG B 12 -0.53 39.26 20.47
C ARG B 12 -0.21 39.01 19.01
N LEU B 13 -1.15 39.36 18.14
CA LEU B 13 -1.03 39.21 16.70
C LEU B 13 0.39 39.52 16.17
N SER B 14 0.89 38.68 15.28
CA SER B 14 2.22 38.90 14.74
C SER B 14 2.37 40.23 14.01
N SER B 15 3.54 40.84 14.21
CA SER B 15 3.91 42.10 13.58
C SER B 15 4.74 41.80 12.32
N ALA B 16 5.17 40.55 12.24
CA ALA B 16 5.95 40.02 11.15
C ALA B 16 5.40 38.67 10.75
N PRO B 17 5.60 38.31 9.47
CA PRO B 17 5.15 37.05 8.96
C PRO B 17 5.73 35.93 9.84
N THR B 18 4.83 35.14 10.42
CA THR B 18 5.23 34.08 11.30
C THR B 18 4.93 32.73 10.70
N ILE B 19 5.90 31.84 10.80
CA ILE B 19 5.76 30.50 10.28
C ILE B 19 5.92 29.47 11.37
N VAL B 20 4.93 28.66 11.46
CA VAL B 20 4.91 27.60 12.42
C VAL B 20 4.87 26.31 11.67
N ILE B 21 5.90 25.54 11.88
CA ILE B 21 6.03 24.30 11.20
C ILE B 21 5.97 23.12 12.10
N CYS B 22 5.18 22.14 11.64
CA CYS B 22 5.01 20.92 12.31
C CYS B 22 5.61 19.84 11.45
N VAL B 23 6.81 19.40 11.86
CA VAL B 23 7.53 18.33 11.21
C VAL B 23 7.02 17.03 11.82
N ASP B 24 6.15 16.39 11.11
CA ASP B 24 5.57 15.16 11.58
C ASP B 24 6.63 14.06 11.77
N GLY B 25 6.56 13.40 12.92
CA GLY B 25 7.45 12.31 13.29
C GLY B 25 8.84 12.69 13.69
N CYS B 26 9.02 13.98 14.00
CA CYS B 26 10.31 14.54 14.35
C CYS B 26 11.03 14.12 15.61
N GLU B 27 11.37 12.85 15.73
CA GLU B 27 12.13 12.41 16.86
C GLU B 27 13.42 13.23 16.87
N GLN B 28 13.85 13.68 18.07
CA GLN B 28 15.00 14.54 18.16
C GLN B 28 16.26 14.12 17.42
N GLU B 29 16.56 12.85 17.50
CA GLU B 29 17.73 12.25 16.90
C GLU B 29 17.88 12.48 15.42
N TYR B 30 16.74 12.70 14.73
CA TYR B 30 16.79 12.96 13.32
C TYR B 30 17.57 14.21 13.06
N ILE B 31 17.35 15.17 13.96
CA ILE B 31 18.04 16.44 13.86
C ILE B 31 19.50 16.33 14.21
N ASN B 32 19.76 15.70 15.34
CA ASN B 32 21.11 15.48 15.83
C ASN B 32 21.96 14.75 14.77
N GLN B 33 21.43 13.67 14.26
CA GLN B 33 22.10 12.89 13.26
C GLN B 33 22.42 13.67 12.00
N ALA B 34 21.42 14.38 11.51
CA ALA B 34 21.67 15.14 10.31
C ALA B 34 22.74 16.18 10.50
N ILE B 35 22.77 16.85 11.64
CA ILE B 35 23.77 17.88 11.88
C ILE B 35 25.17 17.30 11.87
N GLN B 36 25.28 16.23 12.63
CA GLN B 36 26.49 15.49 12.79
C GLN B 36 27.07 15.08 11.44
N ALA B 37 26.19 14.65 10.55
CA ALA B 37 26.53 14.24 9.20
C ALA B 37 26.80 15.43 8.30
N GLY B 38 26.74 16.64 8.87
CA GLY B 38 26.98 17.85 8.13
C GLY B 38 25.86 18.11 7.10
N GLN B 39 24.64 17.56 7.34
CA GLN B 39 23.49 17.74 6.41
C GLN B 39 22.42 18.72 6.87
N ALA B 40 22.74 19.57 7.87
CA ALA B 40 21.79 20.55 8.39
C ALA B 40 22.54 21.78 8.90
N PRO B 41 23.25 22.42 7.97
CA PRO B 41 24.10 23.57 8.25
C PRO B 41 23.36 24.77 8.84
N PHE B 42 22.12 24.94 8.46
CA PHE B 42 21.36 26.03 9.02
C PHE B 42 21.07 25.77 10.50
N LEU B 43 20.46 24.63 10.77
CA LEU B 43 20.13 24.23 12.13
C LEU B 43 21.37 24.14 12.99
N ALA B 44 22.43 23.67 12.37
CA ALA B 44 23.69 23.52 13.06
C ALA B 44 24.16 24.82 13.71
N GLU B 45 23.86 25.95 13.09
CA GLU B 45 24.33 27.19 13.67
C GLU B 45 23.24 28.07 14.24
N LEU B 46 22.00 27.61 14.14
CA LEU B 46 20.85 28.31 14.64
C LEU B 46 20.97 28.74 16.11
N THR B 47 21.69 28.00 16.95
CA THR B 47 21.82 28.40 18.37
C THR B 47 22.43 29.75 18.54
N GLY B 48 23.29 30.13 17.64
CA GLY B 48 23.93 31.41 17.77
C GLY B 48 22.97 32.59 17.90
N PHE B 49 21.75 32.46 17.32
CA PHE B 49 20.75 33.50 17.32
C PHE B 49 19.34 33.01 17.59
N GLY B 50 19.16 31.69 17.67
CA GLY B 50 17.88 31.07 17.90
C GLY B 50 17.81 30.34 19.21
N THR B 51 16.69 29.71 19.44
CA THR B 51 16.47 28.97 20.66
C THR B 51 16.07 27.52 20.34
N VAL B 52 16.60 26.56 21.11
CA VAL B 52 16.28 25.13 20.91
C VAL B 52 15.79 24.57 22.22
N LEU B 53 14.57 24.07 22.25
CA LEU B 53 14.08 23.50 23.48
C LEU B 53 13.53 22.12 23.25
N THR B 54 13.12 21.51 24.33
CA THR B 54 12.51 20.22 24.29
C THR B 54 11.15 20.31 25.00
N GLY B 55 10.13 19.78 24.38
CA GLY B 55 8.81 19.80 24.98
C GLY B 55 8.19 18.43 24.90
N ASP B 56 7.02 18.26 25.50
CA ASP B 56 6.30 17.00 25.45
C ASP B 56 5.10 17.12 24.54
N CYS B 57 4.89 16.16 23.64
CA CYS B 57 3.71 16.22 22.84
C CYS B 57 2.56 15.69 23.71
N VAL B 58 1.45 15.48 23.09
CA VAL B 58 0.29 14.94 23.74
C VAL B 58 0.29 13.41 23.59
N VAL B 59 -0.30 12.69 24.57
CA VAL B 59 -0.43 11.23 24.53
C VAL B 59 -1.92 10.90 24.45
N PRO B 60 -2.35 10.12 23.47
CA PRO B 60 -1.60 9.41 22.46
C PRO B 60 -0.88 10.26 21.46
N SER B 61 0.40 9.92 21.28
CA SER B 61 1.31 10.57 20.36
C SER B 61 1.00 10.27 18.92
N PHE B 62 -0.19 10.70 18.50
CA PHE B 62 -0.70 10.56 17.14
C PHE B 62 -0.73 11.91 16.44
N THR B 63 -0.78 11.84 15.12
CA THR B 63 -0.77 12.97 14.26
C THR B 63 -1.91 13.97 14.48
N ASN B 64 -3.14 13.48 14.35
CA ASN B 64 -4.33 14.33 14.52
C ASN B 64 -4.45 15.10 15.84
N PRO B 65 -4.48 14.36 16.99
CA PRO B 65 -4.62 15.00 18.26
C PRO B 65 -3.64 16.10 18.46
N ASN B 66 -2.43 15.78 18.09
CA ASN B 66 -1.32 16.66 18.21
C ASN B 66 -1.40 17.92 17.38
N ASN B 67 -1.66 17.79 16.06
CA ASN B 67 -1.78 18.92 15.12
C ASN B 67 -2.91 19.86 15.58
N LEU B 68 -4.06 19.28 16.02
CA LEU B 68 -5.19 20.07 16.52
C LEU B 68 -4.77 20.81 17.80
N SER B 69 -4.14 20.08 18.74
CA SER B 69 -3.63 20.71 19.93
C SER B 69 -2.72 21.88 19.56
N ILE B 70 -1.86 21.67 18.55
CA ILE B 70 -0.98 22.76 18.19
C ILE B 70 -1.68 24.03 17.74
N VAL B 71 -2.69 23.86 16.89
CA VAL B 71 -3.47 24.99 16.35
C VAL B 71 -4.58 25.54 17.26
N THR B 72 -5.00 24.80 18.28
CA THR B 72 -6.01 25.25 19.23
C THR B 72 -5.34 25.80 20.46
N GLY B 73 -4.08 25.40 20.63
CA GLY B 73 -3.30 25.82 21.77
C GLY B 73 -3.74 25.08 23.04
N ALA B 74 -4.49 23.98 22.84
CA ALA B 74 -5.00 23.25 23.97
C ALA B 74 -5.00 21.73 23.79
N PRO B 75 -5.20 20.98 24.91
CA PRO B 75 -5.24 19.52 24.87
C PRO B 75 -6.55 19.01 24.30
N PRO B 76 -6.62 17.70 24.06
CA PRO B 76 -7.80 17.08 23.48
C PRO B 76 -9.05 17.16 24.33
N SER B 77 -8.85 17.28 25.62
CA SER B 77 -9.97 17.37 26.49
C SER B 77 -10.72 18.63 26.14
N VAL B 78 -9.99 19.56 25.51
CA VAL B 78 -10.57 20.81 25.09
C VAL B 78 -11.20 20.75 23.72
N HIS B 79 -10.36 20.51 22.71
CA HIS B 79 -10.84 20.45 21.35
C HIS B 79 -11.57 19.17 21.01
N GLY B 80 -11.38 18.10 21.80
CA GLY B 80 -12.12 16.87 21.49
C GLY B 80 -11.57 15.79 20.53
N ILE B 81 -10.49 16.06 19.78
CA ILE B 81 -9.88 15.10 18.84
C ILE B 81 -8.78 14.31 19.53
N CYS B 82 -9.15 13.11 19.95
CA CYS B 82 -8.24 12.24 20.65
C CYS B 82 -7.76 11.03 19.85
N GLY B 83 -7.96 11.06 18.51
CA GLY B 83 -7.53 9.97 17.66
C GLY B 83 -8.11 10.08 16.27
N ASN B 84 -8.01 8.99 15.51
CA ASN B 84 -8.54 8.94 14.16
C ASN B 84 -9.87 8.23 14.13
N PHE B 85 -10.11 7.48 15.20
CA PHE B 85 -11.27 6.65 15.29
C PHE B 85 -11.66 6.41 16.75
N PHE B 86 -12.98 6.35 17.05
CA PHE B 86 -13.48 6.13 18.43
C PHE B 86 -14.88 5.51 18.51
N PHE B 87 -15.24 5.10 19.72
CA PHE B 87 -16.56 4.55 19.87
C PHE B 87 -17.54 5.66 20.20
N ASP B 88 -18.50 5.88 19.29
CA ASP B 88 -19.49 6.94 19.48
C ASP B 88 -20.83 6.46 20.05
N GLN B 89 -21.08 6.76 21.33
CA GLN B 89 -22.30 6.37 22.00
C GLN B 89 -23.53 6.96 21.30
N GLU B 90 -23.39 8.23 20.96
CA GLU B 90 -24.42 8.96 20.27
C GLU B 90 -24.87 8.17 19.03
N THR B 91 -23.89 7.47 18.43
CA THR B 91 -24.09 6.65 17.24
C THR B 91 -24.08 5.17 17.61
N GLN B 92 -23.65 4.90 18.83
CA GLN B 92 -23.55 3.53 19.32
C GLN B 92 -22.62 2.71 18.44
N GLU B 93 -21.87 3.42 17.56
CA GLU B 93 -20.94 2.80 16.62
C GLU B 93 -19.50 3.33 16.63
N GLU B 94 -18.60 2.53 16.01
CA GLU B 94 -17.17 2.84 15.88
C GLU B 94 -16.98 3.69 14.67
N VAL B 95 -17.03 5.00 14.89
CA VAL B 95 -16.91 6.00 13.86
C VAL B 95 -15.50 6.58 13.68
N LEU B 96 -15.30 7.30 12.57
CA LEU B 96 -14.05 7.98 12.26
C LEU B 96 -14.20 9.44 12.68
N MET B 97 -13.14 10.01 13.23
CA MET B 97 -13.17 11.39 13.69
C MET B 97 -12.44 12.26 12.68
N ASN B 98 -13.00 12.46 11.52
CA ASN B 98 -12.31 13.26 10.50
C ASN B 98 -13.12 14.48 10.16
N ASP B 99 -14.24 14.53 10.86
CA ASP B 99 -15.17 15.58 10.69
C ASP B 99 -15.02 16.68 11.72
N ALA B 100 -14.95 17.93 11.21
CA ALA B 100 -14.84 19.13 12.04
C ALA B 100 -15.99 19.18 13.01
N LYS B 101 -17.00 18.43 12.66
CA LYS B 101 -18.18 18.37 13.48
C LYS B 101 -17.80 17.76 14.82
N TYR B 102 -16.61 17.14 14.84
CA TYR B 102 -16.09 16.51 16.05
C TYR B 102 -15.27 17.46 16.88
N LEU B 103 -15.00 18.63 16.30
CA LEU B 103 -14.22 19.68 16.94
C LEU B 103 -15.02 20.40 18.00
N ARG B 104 -14.49 20.46 19.21
CA ARG B 104 -15.20 21.11 20.30
C ARG B 104 -14.62 22.48 20.64
N ALA B 105 -13.62 22.94 19.92
CA ALA B 105 -13.07 24.23 20.24
C ALA B 105 -12.68 24.90 18.96
N PRO B 106 -12.55 26.21 19.04
CA PRO B 106 -12.13 27.01 17.90
C PRO B 106 -10.62 26.97 17.77
N THR B 107 -10.09 27.20 16.58
CA THR B 107 -8.66 27.21 16.42
C THR B 107 -8.12 28.62 16.52
N ILE B 108 -6.87 28.74 16.86
CA ILE B 108 -6.23 30.03 16.93
C ILE B 108 -6.18 30.65 15.55
N LEU B 109 -6.05 29.79 14.54
CA LEU B 109 -5.98 30.19 13.13
C LEU B 109 -7.23 30.96 12.69
N ALA B 110 -8.42 30.40 12.97
CA ALA B 110 -9.65 31.05 12.60
C ALA B 110 -9.75 32.42 13.25
N GLU B 111 -9.44 32.43 14.55
CA GLU B 111 -9.45 33.58 15.38
C GLU B 111 -8.62 34.70 14.83
N MET B 112 -7.42 34.38 14.39
CA MET B 112 -6.54 35.37 13.84
C MET B 112 -7.13 35.97 12.58
N ALA B 113 -7.74 35.07 11.78
CA ALA B 113 -8.37 35.48 10.54
C ALA B 113 -9.50 36.48 10.79
N LYS B 114 -10.30 36.23 11.82
CA LYS B 114 -11.41 37.13 12.17
C LYS B 114 -10.89 38.54 12.54
N ALA B 115 -9.74 38.58 13.22
CA ALA B 115 -9.09 39.82 13.61
C ALA B 115 -8.45 40.56 12.40
N GLY B 116 -8.79 40.10 11.19
CA GLY B 116 -8.34 40.71 9.95
C GLY B 116 -7.03 40.21 9.37
N GLN B 117 -6.45 39.22 10.01
CA GLN B 117 -5.18 38.67 9.54
C GLN B 117 -5.28 37.75 8.35
N LEU B 118 -4.18 37.72 7.52
CA LEU B 118 -4.07 36.81 6.36
C LEU B 118 -3.36 35.56 6.85
N VAL B 119 -4.13 34.50 7.05
CA VAL B 119 -3.62 33.26 7.57
C VAL B 119 -3.53 32.17 6.52
N ALA B 120 -2.37 31.48 6.40
CA ALA B 120 -2.18 30.39 5.42
C ALA B 120 -1.90 29.06 6.08
N VAL B 121 -2.51 28.01 5.52
CA VAL B 121 -2.39 26.66 6.00
C VAL B 121 -2.10 25.73 4.87
N VAL B 122 -0.93 25.11 4.94
CA VAL B 122 -0.50 24.15 3.95
C VAL B 122 -0.14 22.86 4.62
N THR B 123 -0.83 21.78 4.24
CA THR B 123 -0.57 20.48 4.80
C THR B 123 -0.21 19.48 3.73
N ALA B 124 0.55 18.45 4.08
CA ALA B 124 0.89 17.46 3.08
C ALA B 124 -0.36 16.65 2.71
N LYS B 125 -1.05 16.16 3.71
CA LYS B 125 -2.25 15.39 3.43
C LYS B 125 -3.48 16.23 3.49
N ASP B 126 -4.43 15.88 2.65
CA ASP B 126 -5.69 16.59 2.58
C ASP B 126 -6.60 16.35 3.78
N LYS B 127 -6.49 15.17 4.35
CA LYS B 127 -7.31 14.77 5.48
C LYS B 127 -7.30 15.84 6.59
N LEU B 128 -6.06 16.20 6.97
CA LEU B 128 -5.73 17.19 7.99
C LEU B 128 -6.27 18.58 7.69
N ARG B 129 -6.05 18.98 6.44
CA ARG B 129 -6.48 20.26 5.92
C ARG B 129 -7.94 20.61 6.28
N ASN B 130 -8.83 19.63 6.18
CA ASN B 130 -10.26 19.79 6.50
C ASN B 130 -10.55 20.16 7.94
N LEU B 131 -9.83 19.50 8.83
CA LEU B 131 -9.97 19.68 10.25
C LEU B 131 -9.46 21.00 10.72
N LEU B 132 -8.25 21.28 10.25
CA LEU B 132 -7.50 22.47 10.55
C LEU B 132 -8.16 23.72 9.98
N GLY B 133 -8.91 23.56 8.89
CA GLY B 133 -9.55 24.67 8.17
C GLY B 133 -10.92 25.10 8.71
N HIS B 134 -11.34 24.46 9.76
CA HIS B 134 -12.60 24.77 10.38
C HIS B 134 -12.73 26.26 10.72
N GLN B 135 -13.77 26.90 10.11
CA GLN B 135 -14.12 28.32 10.28
C GLN B 135 -13.02 29.25 9.79
N LEU B 136 -12.07 28.71 9.08
CA LEU B 136 -10.99 29.54 8.60
C LEU B 136 -11.25 30.35 7.32
N LYS B 137 -11.00 31.66 7.37
CA LYS B 137 -11.17 32.42 6.15
C LYS B 137 -9.78 32.87 5.74
N GLY B 138 -9.27 32.22 4.71
CA GLY B 138 -7.94 32.53 4.23
C GLY B 138 -7.45 31.50 3.25
N ILE B 139 -6.17 31.22 3.36
CA ILE B 139 -5.49 30.27 2.50
C ILE B 139 -5.42 28.90 3.14
N CYS B 140 -5.93 27.87 2.47
CA CYS B 140 -5.88 26.54 3.07
C CYS B 140 -6.00 25.41 2.03
N PHE B 141 -4.99 24.53 1.99
CA PHE B 141 -4.97 23.43 1.03
C PHE B 141 -3.88 22.41 1.34
N SER B 142 -3.95 21.23 0.71
CA SER B 142 -2.96 20.20 0.91
C SER B 142 -2.06 20.01 -0.32
N ALA B 143 -0.89 19.34 -0.18
CA ALA B 143 -0.01 19.08 -1.33
C ALA B 143 -0.63 17.95 -2.14
N GLU B 144 -1.34 17.11 -1.40
CA GLU B 144 -2.05 15.97 -1.91
C GLU B 144 -2.99 16.36 -3.06
N LYS B 145 -3.72 17.44 -2.89
CA LYS B 145 -4.68 17.91 -3.87
C LYS B 145 -4.31 19.24 -4.45
N ALA B 146 -3.00 19.44 -4.57
CA ALA B 146 -2.48 20.67 -5.10
C ALA B 146 -3.08 21.05 -6.44
N ASP B 147 -3.44 20.01 -7.17
CA ASP B 147 -3.99 20.15 -8.50
C ASP B 147 -5.38 20.70 -8.56
N GLN B 148 -6.05 20.67 -7.44
CA GLN B 148 -7.39 21.14 -7.46
C GLN B 148 -7.67 22.41 -6.74
N VAL B 149 -6.67 23.26 -6.55
CA VAL B 149 -6.94 24.49 -5.86
C VAL B 149 -7.61 25.57 -6.70
N ASN B 150 -8.48 26.31 -6.01
CA ASN B 150 -9.21 27.43 -6.53
C ASN B 150 -9.25 28.53 -5.49
N LEU B 151 -9.30 29.76 -5.97
CA LEU B 151 -9.33 30.92 -5.14
C LEU B 151 -10.43 30.85 -4.12
N GLU B 152 -11.61 30.60 -4.61
CA GLU B 152 -12.76 30.54 -3.75
C GLU B 152 -12.58 29.61 -2.57
N GLU B 153 -12.37 28.37 -2.92
CA GLU B 153 -12.21 27.34 -1.97
C GLU B 153 -10.86 27.27 -1.25
N HIS B 154 -9.77 27.62 -1.91
CA HIS B 154 -8.55 27.49 -1.17
C HIS B 154 -7.87 28.75 -0.89
N GLY B 155 -8.39 29.82 -1.47
CA GLY B 155 -7.79 31.12 -1.30
C GLY B 155 -6.55 31.30 -2.16
N VAL B 156 -6.31 30.34 -3.03
CA VAL B 156 -5.15 30.43 -3.90
C VAL B 156 -5.42 29.70 -5.21
N GLU B 157 -4.55 29.90 -6.19
CA GLU B 157 -4.80 29.21 -7.43
C GLU B 157 -3.52 29.04 -8.23
N ASN B 158 -3.49 28.01 -9.09
CA ASN B 158 -2.29 27.70 -9.91
C ASN B 158 -1.03 27.54 -9.07
N ILE B 159 -1.16 26.79 -7.98
CA ILE B 159 -0.03 26.62 -7.11
C ILE B 159 1.02 25.72 -7.69
N LEU B 160 0.58 24.74 -8.46
CA LEU B 160 1.51 23.81 -9.09
C LEU B 160 2.51 24.51 -9.96
N ALA B 161 1.98 25.42 -10.74
CA ALA B 161 2.77 26.18 -11.66
C ALA B 161 3.75 27.08 -10.98
N ARG B 162 3.31 27.61 -9.84
CA ARG B 162 4.09 28.52 -9.01
C ARG B 162 5.26 27.83 -8.34
N VAL B 163 5.00 26.59 -7.98
CA VAL B 163 5.90 25.71 -7.31
C VAL B 163 6.91 25.10 -8.28
N GLY B 164 6.44 24.75 -9.47
CA GLY B 164 7.31 24.16 -10.48
C GLY B 164 7.48 22.69 -10.19
N MET B 165 6.43 22.13 -9.63
CA MET B 165 6.36 20.75 -9.27
C MET B 165 5.05 20.20 -9.71
N PRO B 166 5.04 18.88 -9.81
CA PRO B 166 3.87 18.12 -10.20
C PRO B 166 3.19 17.64 -8.95
N VAL B 167 1.96 17.18 -9.10
CA VAL B 167 1.26 16.68 -7.94
C VAL B 167 2.11 15.53 -7.40
N PRO B 168 2.51 15.61 -6.12
CA PRO B 168 3.35 14.60 -5.54
C PRO B 168 2.62 13.35 -5.07
N SER B 169 3.43 12.29 -4.89
CA SER B 169 2.92 11.04 -4.38
C SER B 169 2.94 11.11 -2.88
N VAL B 170 1.80 10.70 -2.32
CA VAL B 170 1.50 10.67 -0.91
C VAL B 170 2.54 9.93 -0.15
N TYR B 171 2.82 8.78 -0.66
CA TYR B 171 3.78 7.94 -0.05
C TYR B 171 5.14 8.23 -0.69
N SER B 172 5.59 9.44 -0.41
CA SER B 172 6.85 9.96 -0.93
C SER B 172 7.30 11.10 -0.06
N ALA B 173 8.58 11.46 -0.20
CA ALA B 173 9.17 12.57 0.54
C ALA B 173 8.73 13.88 -0.08
N ASP B 174 8.40 13.75 -1.36
CA ASP B 174 7.96 14.83 -2.23
C ASP B 174 6.69 15.53 -1.76
N LEU B 175 5.87 14.79 -1.05
CA LEU B 175 4.66 15.38 -0.57
C LEU B 175 5.00 16.51 0.43
N SER B 176 6.07 16.31 1.20
CA SER B 176 6.56 17.27 2.18
C SER B 176 7.37 18.37 1.57
N GLU B 177 8.23 18.06 0.57
CA GLU B 177 8.99 19.09 -0.05
C GLU B 177 8.01 20.07 -0.68
N PHE B 178 6.96 19.54 -1.26
CA PHE B 178 5.98 20.37 -1.87
C PHE B 178 5.37 21.38 -0.89
N VAL B 179 5.24 20.98 0.37
CA VAL B 179 4.67 21.85 1.37
C VAL B 179 5.58 23.04 1.62
N PHE B 180 6.83 22.75 1.73
CA PHE B 180 7.78 23.78 1.97
C PHE B 180 7.88 24.70 0.78
N ALA B 181 7.84 24.11 -0.36
CA ALA B 181 7.94 24.87 -1.55
C ALA B 181 6.75 25.80 -1.65
N ALA B 182 5.56 25.27 -1.42
CA ALA B 182 4.37 26.10 -1.48
C ALA B 182 4.48 27.17 -0.44
N GLY B 183 4.93 26.80 0.73
CA GLY B 183 5.08 27.76 1.80
C GLY B 183 5.96 28.93 1.40
N LEU B 184 7.04 28.64 0.71
CA LEU B 184 7.95 29.67 0.27
C LEU B 184 7.35 30.61 -0.78
N SER B 185 6.61 30.02 -1.69
CA SER B 185 5.98 30.81 -2.71
C SER B 185 4.99 31.74 -2.06
N LEU B 186 4.22 31.24 -1.10
CA LEU B 186 3.26 32.10 -0.41
C LEU B 186 3.99 33.20 0.34
N LEU B 187 5.07 32.82 1.00
CA LEU B 187 5.83 33.78 1.76
C LEU B 187 6.26 34.96 0.92
N THR B 188 6.83 34.68 -0.21
CA THR B 188 7.30 35.70 -1.08
C THR B 188 6.26 36.44 -1.92
N ASN B 189 5.04 35.97 -1.95
CA ASN B 189 4.05 36.69 -2.74
C ASN B 189 2.96 37.28 -1.84
N GLU B 190 2.01 36.42 -1.44
CA GLU B 190 0.88 36.78 -0.58
C GLU B 190 1.32 37.39 0.72
N ARG B 191 2.44 36.88 1.21
CA ARG B 191 2.98 37.33 2.46
C ARG B 191 1.96 37.26 3.64
N PRO B 192 1.52 36.09 4.03
CA PRO B 192 0.57 36.07 5.13
C PRO B 192 1.25 36.48 6.41
N ASP B 193 0.46 36.77 7.44
CA ASP B 193 0.98 37.21 8.75
C ASP B 193 1.27 36.04 9.63
N PHE B 194 0.67 34.95 9.29
CA PHE B 194 0.78 33.75 10.01
C PHE B 194 0.64 32.56 9.05
N MET B 195 1.50 31.55 9.19
CA MET B 195 1.45 30.38 8.35
C MET B 195 1.72 29.15 9.18
N TYR B 196 1.01 28.10 8.83
CA TYR B 196 1.14 26.85 9.48
C TYR B 196 1.40 25.81 8.42
N LEU B 197 2.60 25.20 8.48
CA LEU B 197 3.03 24.16 7.56
C LEU B 197 3.07 22.87 8.36
N SER B 198 2.54 21.79 7.79
CA SER B 198 2.49 20.51 8.45
C SER B 198 2.80 19.46 7.43
N THR B 199 3.83 18.65 7.72
CA THR B 199 4.28 17.59 6.83
C THR B 199 3.66 16.24 7.23
N THR B 200 4.18 15.16 6.62
CA THR B 200 3.79 13.78 6.91
C THR B 200 5.05 13.13 7.41
N ASP B 201 4.89 12.05 8.17
CA ASP B 201 6.07 11.35 8.67
C ASP B 201 6.40 10.10 7.85
N TYR B 202 6.10 10.14 6.57
CA TYR B 202 6.36 9.04 5.68
C TYR B 202 7.82 8.59 5.79
N VAL B 203 8.72 9.52 5.65
CA VAL B 203 10.14 9.15 5.74
C VAL B 203 10.52 8.60 7.08
N GLN B 204 9.90 9.16 8.12
CA GLN B 204 10.20 8.76 9.46
C GLN B 204 9.82 7.34 9.75
N HIS B 205 8.70 6.94 9.20
CA HIS B 205 8.21 5.60 9.38
C HIS B 205 9.06 4.61 8.58
N LYS B 206 9.70 5.13 7.54
CA LYS B 206 10.49 4.28 6.70
C LYS B 206 11.97 4.17 7.03
N HIS B 207 12.59 5.26 7.48
CA HIS B 207 14.01 5.30 7.80
C HIS B 207 14.39 5.89 9.14
N ALA B 208 15.33 5.23 9.78
CA ALA B 208 15.81 5.70 11.04
C ALA B 208 16.76 6.87 10.84
N PRO B 209 17.05 7.58 11.92
CA PRO B 209 17.92 8.74 11.92
C PRO B 209 19.38 8.37 11.60
N GLY B 210 20.04 9.18 10.84
CA GLY B 210 21.45 8.90 10.51
C GLY B 210 21.63 8.10 9.22
N THR B 211 20.50 7.62 8.68
CA THR B 211 20.49 6.88 7.45
C THR B 211 20.51 7.83 6.30
N PRO B 212 21.04 7.43 5.17
CA PRO B 212 21.12 8.33 4.08
C PRO B 212 19.80 8.92 3.67
N GLU B 213 18.82 8.13 3.53
CA GLU B 213 17.58 8.71 3.11
C GLU B 213 17.03 9.65 4.18
N ALA B 214 17.21 9.30 5.44
CA ALA B 214 16.72 10.17 6.50
C ALA B 214 17.40 11.50 6.45
N ASN B 215 18.73 11.50 6.31
CA ASN B 215 19.46 12.73 6.29
C ASN B 215 19.12 13.65 5.17
N ALA B 216 18.85 13.09 4.00
CA ALA B 216 18.54 13.89 2.85
C ALA B 216 17.19 14.61 3.03
N PHE B 217 16.30 13.98 3.71
CA PHE B 217 15.04 14.66 3.92
C PHE B 217 15.28 15.95 4.78
N TYR B 218 16.12 15.79 5.80
CA TYR B 218 16.45 16.88 6.68
C TYR B 218 17.25 17.95 6.05
N ALA B 219 18.09 17.56 5.12
CA ALA B 219 18.89 18.53 4.46
C ALA B 219 17.98 19.41 3.60
N MET B 220 16.99 18.79 2.99
CA MET B 220 16.06 19.54 2.17
C MET B 220 15.29 20.53 3.01
N MET B 221 14.88 20.08 4.20
CA MET B 221 14.11 20.95 5.06
C MET B 221 14.93 22.07 5.55
N ASP B 222 16.17 21.74 5.84
CA ASP B 222 17.05 22.72 6.37
C ASP B 222 17.25 23.91 5.43
N SER B 223 17.17 23.64 4.14
CA SER B 223 17.36 24.66 3.13
C SER B 223 16.19 25.63 3.10
N TYR B 224 15.03 25.09 3.26
CA TYR B 224 13.87 25.93 3.30
C TYR B 224 13.87 26.76 4.56
N PHE B 225 14.23 26.15 5.68
CA PHE B 225 14.25 26.87 6.94
C PHE B 225 15.14 28.05 6.78
N LYS B 226 16.22 27.81 6.10
CA LYS B 226 17.18 28.84 5.84
C LYS B 226 16.60 29.95 4.99
N ARG B 227 15.86 29.57 3.97
CA ARG B 227 15.27 30.56 3.12
C ARG B 227 14.22 31.39 3.82
N TYR B 228 13.38 30.73 4.61
CA TYR B 228 12.34 31.44 5.35
C TYR B 228 12.95 32.46 6.27
N HIS B 229 13.97 32.00 6.94
CA HIS B 229 14.68 32.81 7.85
C HIS B 229 15.21 34.03 7.14
N GLU B 230 15.78 33.78 5.97
CA GLU B 230 16.34 34.84 5.17
C GLU B 230 15.29 35.81 4.66
N GLN B 231 14.05 35.37 4.61
CA GLN B 231 12.99 36.25 4.15
C GLN B 231 12.55 37.16 5.29
N GLY B 232 13.29 37.09 6.40
CA GLY B 232 12.97 37.90 7.57
C GLY B 232 11.75 37.37 8.33
N ALA B 233 11.35 36.14 8.07
CA ALA B 233 10.19 35.61 8.78
C ALA B 233 10.57 35.04 10.12
N ILE B 234 9.60 34.95 11.00
CA ILE B 234 9.80 34.36 12.30
C ILE B 234 9.49 32.88 12.06
N VAL B 235 10.46 32.02 12.39
CA VAL B 235 10.34 30.59 12.19
C VAL B 235 10.27 29.78 13.49
N ALA B 236 9.23 29.01 13.62
CA ALA B 236 9.08 28.22 14.80
C ALA B 236 8.76 26.79 14.41
N ILE B 237 9.57 25.83 14.88
CA ILE B 237 9.35 24.43 14.54
C ILE B 237 9.17 23.48 15.72
N THR B 238 8.34 22.45 15.51
CA THR B 238 8.11 21.43 16.51
C THR B 238 7.61 20.20 15.78
N ALA B 239 7.14 19.17 16.50
CA ALA B 239 6.62 17.96 15.88
C ALA B 239 5.30 17.59 16.57
N ASP B 240 4.53 16.68 15.98
CA ASP B 240 3.28 16.23 16.57
C ASP B 240 3.58 15.11 17.56
N HIS B 241 4.67 14.46 17.29
CA HIS B 241 5.19 13.31 18.10
C HIS B 241 6.57 12.84 17.54
N GLY B 242 7.17 11.89 18.24
CA GLY B 242 8.44 11.33 17.87
C GLY B 242 8.30 10.04 17.07
N MET B 243 9.37 9.24 17.09
CA MET B 243 9.37 8.00 16.31
C MET B 243 10.32 6.95 16.87
N ASN B 244 9.92 5.67 16.76
CA ASN B 244 10.74 4.59 17.26
C ASN B 244 10.53 3.29 16.50
N ALA B 245 11.55 2.45 16.63
CA ALA B 245 11.54 1.16 16.02
C ALA B 245 10.67 0.31 16.92
N LYS B 246 9.89 -0.64 16.33
CA LYS B 246 9.01 -1.53 17.00
C LYS B 246 9.33 -2.90 16.49
N THR B 247 10.62 -3.16 16.44
CA THR B 247 11.15 -4.43 15.93
C THR B 247 12.31 -5.00 16.71
N ASP B 248 12.53 -6.29 16.49
CA ASP B 248 13.64 -6.98 17.10
C ASP B 248 14.90 -6.71 16.28
N ALA B 249 15.99 -7.37 16.64
CA ALA B 249 17.24 -7.13 15.92
C ALA B 249 17.21 -7.43 14.45
N ILE B 250 16.30 -8.24 13.99
CA ILE B 250 16.31 -8.47 12.57
C ILE B 250 15.21 -7.74 11.86
N GLY B 251 14.53 -6.87 12.57
CA GLY B 251 13.48 -6.16 11.88
C GLY B 251 12.10 -6.76 11.96
N ARG B 252 11.92 -7.77 12.75
CA ARG B 252 10.62 -8.33 12.88
C ARG B 252 9.88 -7.50 13.93
N PRO B 253 8.65 -7.21 13.63
CA PRO B 253 7.79 -6.38 14.46
C PRO B 253 7.40 -6.98 15.80
N ASN B 254 7.40 -6.16 16.86
CA ASN B 254 6.98 -6.61 18.21
C ASN B 254 5.51 -6.22 18.38
N ILE B 255 4.58 -7.13 18.13
CA ILE B 255 3.19 -6.79 18.22
C ILE B 255 2.45 -7.54 19.28
N LEU B 256 1.42 -6.91 19.80
CA LEU B 256 0.54 -7.55 20.78
C LEU B 256 -0.90 -7.44 20.26
N PHE B 257 -1.53 -8.58 19.85
CA PHE B 257 -2.87 -8.56 19.37
C PHE B 257 -3.75 -8.64 20.62
N LEU B 258 -4.02 -7.47 21.15
CA LEU B 258 -4.81 -7.34 22.37
C LEU B 258 -6.10 -8.13 22.32
N GLN B 259 -6.84 -7.98 21.23
CA GLN B 259 -8.12 -8.68 21.11
C GLN B 259 -7.99 -10.20 21.31
N ASP B 260 -7.01 -10.79 20.66
CA ASP B 260 -6.75 -12.22 20.73
C ASP B 260 -6.47 -12.66 22.13
N LEU B 261 -5.77 -11.81 22.84
CA LEU B 261 -5.42 -12.17 24.20
C LEU B 261 -6.55 -12.08 25.22
N LEU B 262 -7.38 -11.09 25.06
CA LEU B 262 -8.49 -10.86 25.95
C LEU B 262 -9.54 -11.92 25.70
N ASP B 263 -9.82 -12.11 24.41
CA ASP B 263 -10.74 -13.12 23.97
C ASP B 263 -10.36 -14.44 24.59
N ALA B 264 -9.08 -14.75 24.56
CA ALA B 264 -8.65 -16.00 25.12
C ALA B 264 -8.72 -16.08 26.63
N GLN B 265 -8.65 -14.93 27.25
CA GLN B 265 -8.65 -14.79 28.68
C GLN B 265 -10.03 -14.67 29.31
N TYR B 266 -10.96 -14.03 28.58
CA TYR B 266 -12.30 -13.82 29.11
C TYR B 266 -13.40 -14.27 28.19
N GLY B 267 -13.03 -14.69 26.99
CA GLY B 267 -14.01 -15.12 26.02
C GLY B 267 -14.25 -14.02 25.00
N ALA B 268 -14.61 -14.44 23.80
CA ALA B 268 -14.86 -13.53 22.69
C ALA B 268 -16.02 -12.59 22.96
N GLN B 269 -15.91 -11.38 22.45
CA GLN B 269 -16.95 -10.38 22.63
C GLN B 269 -16.97 -9.80 24.03
N ARG B 270 -16.53 -10.58 25.03
CA ARG B 270 -16.54 -10.07 26.40
C ARG B 270 -15.83 -8.71 26.51
N THR B 271 -14.84 -8.47 25.64
CA THR B 271 -14.09 -7.20 25.59
C THR B 271 -13.99 -6.70 24.14
N ARG B 272 -13.72 -5.43 24.04
CA ARG B 272 -13.62 -4.82 22.75
C ARG B 272 -12.43 -3.89 22.57
N VAL B 273 -11.44 -4.35 21.82
CA VAL B 273 -10.29 -3.53 21.57
C VAL B 273 -10.55 -2.50 20.47
N LEU B 274 -10.13 -1.28 20.75
CA LEU B 274 -10.29 -0.22 19.79
C LEU B 274 -8.93 0.44 19.57
N LEU B 275 -8.55 0.63 18.30
CA LEU B 275 -7.28 1.24 17.93
C LEU B 275 -7.42 2.65 17.31
N PRO B 276 -7.35 3.69 18.16
CA PRO B 276 -7.50 5.07 17.72
C PRO B 276 -6.64 5.53 16.55
N ILE B 277 -5.58 4.79 16.18
CA ILE B 277 -4.72 5.17 15.04
C ILE B 277 -5.35 4.82 13.70
N THR B 278 -6.34 3.95 13.79
CA THR B 278 -7.10 3.42 12.67
C THR B 278 -7.71 4.44 11.73
N ASP B 279 -7.41 4.23 10.43
CA ASP B 279 -7.85 4.98 9.25
C ASP B 279 -7.46 4.25 7.95
N PRO B 280 -8.04 4.64 6.82
CA PRO B 280 -7.76 4.01 5.53
C PRO B 280 -6.29 3.98 5.10
N TYR B 281 -5.54 5.00 5.51
CA TYR B 281 -4.11 5.12 5.19
C TYR B 281 -3.20 4.36 6.18
N VAL B 282 -3.01 3.06 5.92
CA VAL B 282 -2.20 2.20 6.76
C VAL B 282 -0.77 1.92 6.26
N VAL B 283 -0.43 2.45 5.09
CA VAL B 283 0.89 2.20 4.47
C VAL B 283 2.09 2.39 5.40
N HIS B 284 1.99 3.40 6.28
CA HIS B 284 3.05 3.74 7.22
C HIS B 284 3.28 2.75 8.34
N HIS B 285 2.19 2.23 8.93
CA HIS B 285 2.37 1.37 10.06
C HIS B 285 1.51 0.12 10.10
N GLY B 286 0.75 -0.19 9.03
CA GLY B 286 -0.06 -1.40 9.11
C GLY B 286 -1.12 -1.27 10.21
N ALA B 287 -1.38 0.01 10.58
CA ALA B 287 -2.30 0.47 11.64
C ALA B 287 -1.82 0.04 13.01
N LEU B 288 -0.53 0.01 13.16
CA LEU B 288 0.01 -0.38 14.42
C LEU B 288 0.68 0.80 15.12
N GLY B 289 0.13 1.11 16.31
CA GLY B 289 0.63 2.19 17.15
C GLY B 289 0.94 1.66 18.55
N SER B 290 1.58 2.46 19.38
CA SER B 290 1.94 2.02 20.72
C SER B 290 0.91 2.46 21.76
N TYR B 291 -0.33 2.55 21.36
CA TYR B 291 -1.37 2.99 22.30
C TYR B 291 -2.70 2.41 21.90
N ALA B 292 -3.54 1.93 22.85
CA ALA B 292 -4.83 1.41 22.46
C ALA B 292 -5.86 1.64 23.59
N THR B 293 -7.10 1.39 23.29
CA THR B 293 -8.16 1.59 24.27
C THR B 293 -9.05 0.38 24.28
N VAL B 294 -9.57 0.02 25.47
CA VAL B 294 -10.41 -1.15 25.64
C VAL B 294 -11.74 -0.88 26.35
N TYR B 295 -12.81 -1.29 25.69
CA TYR B 295 -14.15 -1.16 26.20
C TYR B 295 -14.58 -2.51 26.73
N LEU B 296 -15.00 -2.53 27.99
CA LEU B 296 -15.42 -3.74 28.66
C LEU B 296 -16.93 -3.95 28.71
N ARG B 297 -17.34 -5.20 28.55
CA ARG B 297 -18.73 -5.52 28.67
C ARG B 297 -18.91 -5.72 30.14
N ASP B 298 -19.97 -5.17 30.66
CA ASP B 298 -20.31 -5.25 32.06
C ASP B 298 -20.02 -6.61 32.76
N ALA B 299 -19.59 -7.62 31.98
CA ALA B 299 -19.28 -8.95 32.46
C ALA B 299 -17.87 -9.11 33.04
N VAL B 300 -16.98 -8.17 32.80
CA VAL B 300 -15.58 -8.26 33.27
C VAL B 300 -15.18 -7.33 34.42
N PRO B 301 -14.46 -7.91 35.39
CA PRO B 301 -13.99 -7.15 36.51
C PRO B 301 -12.85 -6.31 36.01
N GLN B 302 -13.02 -5.02 36.23
CA GLN B 302 -12.04 -4.08 35.78
C GLN B 302 -10.65 -4.26 36.34
N ARG B 303 -10.59 -4.55 37.63
CA ARG B 303 -9.31 -4.74 38.27
C ARG B 303 -8.61 -5.95 37.67
N ASP B 304 -9.38 -6.98 37.42
CA ASP B 304 -8.84 -8.19 36.88
C ASP B 304 -8.20 -7.94 35.56
N ALA B 305 -8.99 -7.35 34.69
CA ALA B 305 -8.55 -7.02 33.37
C ALA B 305 -7.24 -6.28 33.39
N ILE B 306 -7.19 -5.28 34.25
CA ILE B 306 -6.04 -4.42 34.43
C ILE B 306 -4.84 -5.25 34.82
N ASP B 307 -5.04 -6.08 35.86
CA ASP B 307 -3.97 -6.96 36.35
C ASP B 307 -3.50 -7.92 35.27
N PHE B 308 -4.43 -8.42 34.52
CA PHE B 308 -4.14 -9.31 33.44
C PHE B 308 -3.32 -8.58 32.37
N LEU B 309 -3.91 -7.56 31.80
CA LEU B 309 -3.22 -6.80 30.79
C LEU B 309 -1.91 -6.23 31.25
N ALA B 310 -1.87 -5.72 32.46
CA ALA B 310 -0.65 -5.14 32.96
C ALA B 310 0.46 -6.17 33.05
N GLY B 311 0.07 -7.44 33.09
CA GLY B 311 1.04 -8.51 33.22
C GLY B 311 1.74 -8.93 31.92
N ILE B 312 1.19 -8.54 30.80
CA ILE B 312 1.72 -8.90 29.50
C ILE B 312 3.01 -8.25 29.11
N ALA B 313 3.99 -9.08 28.79
CA ALA B 313 5.27 -8.53 28.38
C ALA B 313 5.01 -7.67 27.15
N GLY B 314 5.33 -6.39 27.26
CA GLY B 314 5.12 -5.48 26.14
C GLY B 314 4.25 -4.33 26.54
N VAL B 315 3.42 -4.60 27.54
CA VAL B 315 2.54 -3.63 28.04
C VAL B 315 3.29 -2.72 28.97
N GLU B 316 3.30 -1.43 28.64
CA GLU B 316 3.99 -0.48 29.51
C GLU B 316 3.09 -0.08 30.68
N ALA B 317 1.83 0.17 30.39
CA ALA B 317 0.91 0.56 31.43
C ALA B 317 -0.55 0.42 31.04
N VAL B 318 -1.42 0.25 32.06
CA VAL B 318 -2.85 0.14 31.89
C VAL B 318 -3.50 1.12 32.78
N LEU B 319 -4.36 1.95 32.20
CA LEU B 319 -5.06 3.00 32.90
C LEU B 319 -6.57 2.98 32.74
N THR B 320 -7.26 3.31 33.83
CA THR B 320 -8.69 3.41 33.76
C THR B 320 -8.90 4.75 33.03
N ARG B 321 -10.06 4.87 32.43
CA ARG B 321 -10.47 6.07 31.73
C ARG B 321 -10.19 7.33 32.52
N SER B 322 -10.48 7.26 33.79
CA SER B 322 -10.28 8.40 34.64
C SER B 322 -8.83 8.77 34.80
N GLN B 323 -7.97 7.81 35.03
CA GLN B 323 -6.59 8.18 35.18
C GLN B 323 -5.98 8.71 33.89
N ALA B 324 -6.40 8.15 32.76
CA ALA B 324 -5.88 8.59 31.47
C ALA B 324 -6.33 10.01 31.12
N CYS B 325 -7.60 10.26 31.40
CA CYS B 325 -8.23 11.53 31.17
C CYS B 325 -7.57 12.62 31.99
N GLN B 326 -7.20 12.25 33.22
CA GLN B 326 -6.52 13.16 34.14
C GLN B 326 -5.06 13.29 33.77
N ARG B 327 -4.39 12.19 33.57
CA ARG B 327 -2.99 12.26 33.20
C ARG B 327 -2.67 12.95 31.84
N PHE B 328 -3.33 12.47 30.79
CA PHE B 328 -3.11 12.93 29.43
C PHE B 328 -3.97 14.05 28.93
N GLU B 329 -5.13 14.29 29.54
CA GLU B 329 -6.01 15.40 29.12
C GLU B 329 -6.83 15.16 27.89
N LEU B 330 -7.48 14.05 27.99
CA LEU B 330 -8.34 13.50 27.00
C LEU B 330 -9.80 13.66 27.36
N PRO B 331 -10.64 13.57 26.36
CA PRO B 331 -12.07 13.72 26.58
C PRO B 331 -12.67 12.43 27.11
N GLU B 332 -13.12 12.48 28.36
CA GLU B 332 -13.71 11.31 28.96
C GLU B 332 -14.76 10.52 28.20
N ASP B 333 -15.51 11.23 27.38
CA ASP B 333 -16.57 10.60 26.63
C ASP B 333 -16.13 10.03 25.31
N ARG B 334 -14.86 10.05 25.06
CA ARG B 334 -14.46 9.54 23.78
C ARG B 334 -13.37 8.53 23.92
N ILE B 335 -13.18 8.09 25.19
CA ILE B 335 -12.17 7.13 25.65
C ILE B 335 -12.86 5.88 26.14
N GLY B 336 -12.15 4.74 26.06
CA GLY B 336 -12.67 3.46 26.49
C GLY B 336 -12.47 3.28 27.97
N ASP B 337 -12.90 2.16 28.46
CA ASP B 337 -12.80 1.86 29.87
C ASP B 337 -11.42 1.87 30.42
N LEU B 338 -10.47 1.46 29.59
CA LEU B 338 -9.09 1.38 29.99
C LEU B 338 -8.23 1.79 28.82
N VAL B 339 -7.08 2.37 29.15
CA VAL B 339 -6.11 2.83 28.20
C VAL B 339 -4.87 1.95 28.34
N VAL B 340 -4.38 1.48 27.20
CA VAL B 340 -3.25 0.59 27.20
C VAL B 340 -2.07 1.20 26.51
N LEU B 341 -0.93 1.22 27.20
CA LEU B 341 0.30 1.79 26.66
C LEU B 341 1.34 0.77 26.26
N GLY B 342 1.89 0.95 25.04
CA GLY B 342 2.92 0.05 24.52
C GLY B 342 4.32 0.44 24.98
N GLU B 343 5.18 -0.57 25.19
CA GLU B 343 6.59 -0.29 25.58
C GLU B 343 7.35 0.35 24.39
N ARG B 344 8.55 0.87 24.62
CA ARG B 344 9.38 1.53 23.61
C ARG B 344 9.39 0.88 22.22
N LEU B 345 9.57 -0.44 22.21
CA LEU B 345 9.67 -1.18 20.98
C LEU B 345 8.51 -2.09 20.65
N THR B 346 7.37 -1.89 21.34
CA THR B 346 6.19 -2.69 21.10
C THR B 346 5.00 -1.90 20.56
N VAL B 347 4.23 -2.54 19.65
CA VAL B 347 3.03 -1.95 19.06
C VAL B 347 1.84 -2.75 19.49
N LEU B 348 0.67 -2.16 19.42
CA LEU B 348 -0.54 -2.85 19.86
C LEU B 348 -1.56 -3.07 18.75
N GLY B 349 -1.91 -4.35 18.54
CA GLY B 349 -2.90 -4.70 17.55
C GLY B 349 -4.16 -5.22 18.20
N SER B 350 -5.06 -5.59 17.33
CA SER B 350 -6.34 -6.11 17.76
C SER B 350 -6.26 -7.62 17.69
N ALA B 351 -6.75 -8.12 16.54
CA ALA B 351 -6.76 -9.52 16.18
C ALA B 351 -5.77 -9.72 15.04
N ALA B 352 -5.09 -10.85 15.07
CA ALA B 352 -4.09 -11.14 14.04
C ALA B 352 -4.65 -11.14 12.62
N ASP B 353 -5.95 -11.49 12.51
CA ASP B 353 -6.77 -11.59 11.29
C ASP B 353 -7.05 -10.28 10.65
N LYS B 354 -7.21 -9.30 11.53
CA LYS B 354 -7.53 -7.95 11.13
C LYS B 354 -6.34 -7.09 10.70
N HIS B 355 -5.15 -7.68 10.66
CA HIS B 355 -3.96 -6.93 10.27
C HIS B 355 -3.22 -7.52 9.05
N ASP B 356 -2.74 -6.62 8.17
CA ASP B 356 -1.98 -6.98 6.97
C ASP B 356 -0.56 -6.45 7.08
N LEU B 357 0.32 -7.40 7.27
CA LEU B 357 1.72 -7.15 7.46
C LEU B 357 2.52 -7.27 6.17
N SER B 358 1.90 -7.84 5.12
CA SER B 358 2.58 -8.05 3.83
C SER B 358 2.90 -6.77 3.08
N GLY B 359 2.29 -5.66 3.52
CA GLY B 359 2.51 -4.33 2.92
C GLY B 359 3.66 -3.56 3.62
N LEU B 360 4.16 -4.15 4.73
CA LEU B 360 5.25 -3.60 5.52
C LEU B 360 6.57 -4.07 4.91
N THR B 361 7.03 -3.37 3.87
CA THR B 361 8.28 -3.75 3.20
C THR B 361 9.50 -3.63 4.11
N VAL B 362 9.65 -2.43 4.69
CA VAL B 362 10.74 -2.17 5.61
C VAL B 362 10.29 -2.37 7.05
N PRO B 363 11.27 -2.54 7.92
CA PRO B 363 11.02 -2.75 9.32
C PRO B 363 10.07 -1.69 9.92
N LEU B 364 9.12 -2.15 10.72
CA LEU B 364 8.18 -1.27 11.35
C LEU B 364 8.87 -0.16 12.22
N ARG B 365 8.45 1.08 12.02
CA ARG B 365 8.85 2.26 12.79
C ARG B 365 7.46 2.85 13.19
N SER B 366 7.20 3.11 14.45
CA SER B 366 5.89 3.64 14.85
C SER B 366 5.91 4.63 16.01
N HIS B 367 4.69 5.09 16.45
CA HIS B 367 4.54 6.06 17.50
C HIS B 367 3.15 5.91 18.23
N GLY B 368 2.88 6.72 19.22
CA GLY B 368 1.57 6.62 19.89
C GLY B 368 1.68 6.52 21.39
N GLY B 369 2.87 6.07 21.83
CA GLY B 369 3.18 5.87 23.23
C GLY B 369 3.95 7.03 23.86
N VAL B 370 4.36 6.83 25.11
CA VAL B 370 5.12 7.82 25.85
C VAL B 370 6.56 7.86 25.34
N SER B 371 6.95 6.78 24.69
CA SER B 371 8.29 6.65 24.17
C SER B 371 8.50 7.60 23.00
N GLU B 372 7.39 8.17 22.51
CA GLU B 372 7.42 9.12 21.43
C GLU B 372 6.95 10.54 21.89
N GLN B 373 6.98 10.80 23.19
CA GLN B 373 6.52 12.05 23.73
C GLN B 373 7.42 13.25 23.60
N LYS B 374 8.71 13.06 23.70
CA LYS B 374 9.63 14.16 23.56
C LYS B 374 9.77 14.64 22.12
N VAL B 375 9.62 15.96 21.96
CA VAL B 375 9.71 16.65 20.69
C VAL B 375 10.49 17.94 20.83
N PRO B 376 11.12 18.38 19.75
CA PRO B 376 11.86 19.61 19.81
C PRO B 376 10.98 20.85 19.64
N LEU B 377 11.52 22.00 20.08
CA LEU B 377 10.89 23.31 19.94
C LEU B 377 12.02 24.23 19.52
N ILE B 378 12.02 24.61 18.24
CA ILE B 378 13.07 25.42 17.68
C ILE B 378 12.60 26.74 17.10
N PHE B 379 13.28 27.83 17.51
CA PHE B 379 12.96 29.17 17.06
C PHE B 379 14.18 29.85 16.47
N ASN B 380 13.95 30.79 15.57
CA ASN B 380 15.05 31.50 14.94
C ASN B 380 15.24 32.86 15.59
N ARG B 381 14.77 32.95 16.82
CA ARG B 381 14.86 34.16 17.63
C ARG B 381 15.18 33.81 19.06
N LYS B 382 15.62 34.81 19.80
CA LYS B 382 15.85 34.61 21.19
C LYS B 382 14.47 34.82 21.87
N LEU B 383 14.23 34.13 22.94
CA LEU B 383 12.95 34.23 23.63
C LEU B 383 13.11 34.68 25.08
N VAL B 384 12.05 35.27 25.60
CA VAL B 384 11.98 35.76 26.96
C VAL B 384 10.79 35.13 27.65
N GLY B 385 10.83 35.22 28.97
CA GLY B 385 9.76 34.76 29.83
C GLY B 385 9.50 33.30 29.94
N LEU B 386 10.55 32.51 30.09
CA LEU B 386 10.38 31.08 30.24
C LEU B 386 10.40 30.68 31.74
N ASP B 387 9.31 29.99 32.15
CA ASP B 387 9.09 29.55 33.52
C ASP B 387 10.36 29.09 34.26
N ARG B 391 7.21 22.84 32.33
CA ARG B 391 6.73 21.72 31.53
C ARG B 391 6.10 22.18 30.20
N LEU B 392 6.99 22.37 29.24
CA LEU B 392 6.71 22.81 27.88
C LEU B 392 5.94 21.78 27.09
N ARG B 393 5.03 22.24 26.28
CA ARG B 393 4.26 21.34 25.48
C ARG B 393 4.46 21.76 24.07
N ASN B 394 4.24 20.85 23.16
CA ASN B 394 4.36 21.21 21.77
C ASN B 394 3.28 22.22 21.44
N PHE B 395 2.13 22.14 22.16
CA PHE B 395 1.08 23.08 21.88
C PHE B 395 1.20 24.48 22.47
N ASP B 396 2.40 24.79 22.99
CA ASP B 396 2.72 26.10 23.52
C ASP B 396 3.51 26.94 22.48
N ILE B 397 3.87 26.30 21.37
CA ILE B 397 4.67 26.94 20.30
C ILE B 397 4.15 28.32 19.81
N ILE B 398 2.86 28.37 19.50
CA ILE B 398 2.25 29.60 19.01
C ILE B 398 2.33 30.73 20.02
N ASP B 399 2.22 30.38 21.30
CA ASP B 399 2.30 31.33 22.37
C ASP B 399 3.76 31.80 22.49
N LEU B 400 4.63 30.85 22.50
CA LEU B 400 6.06 31.16 22.51
C LEU B 400 6.36 32.06 21.34
N ALA B 401 5.89 31.63 20.18
CA ALA B 401 6.09 32.37 18.94
C ALA B 401 5.47 33.75 18.88
N LEU B 402 4.30 33.93 19.48
CA LEU B 402 3.66 35.22 19.42
C LEU B 402 3.90 36.09 20.65
N ASN B 403 3.97 35.49 21.86
CA ASN B 403 4.14 36.27 23.06
C ASN B 403 5.48 36.26 23.72
N HIS B 404 6.42 35.42 23.33
CA HIS B 404 7.69 35.38 24.05
C HIS B 404 8.90 35.83 23.30
N LEU B 405 8.71 36.52 22.21
CA LEU B 405 9.88 36.95 21.47
C LEU B 405 10.70 37.95 22.30
N ALA B 406 12.01 37.97 22.14
CA ALA B 406 12.79 38.92 22.91
C ALA B 406 12.96 40.25 22.18
N THR C 1 24.98 -35.92 27.21
CA THR C 1 26.31 -36.17 27.72
C THR C 1 26.37 -36.00 29.24
N ASN C 2 27.37 -35.19 29.71
CA ASN C 2 27.63 -34.85 31.12
C ASN C 2 26.87 -33.61 31.52
N LEU C 3 26.02 -33.81 32.50
CA LEU C 3 25.23 -32.77 33.05
C LEU C 3 25.94 -32.19 34.27
N ILE C 4 25.96 -30.87 34.41
CA ILE C 4 26.54 -30.18 35.56
C ILE C 4 25.53 -29.20 36.14
N SER C 5 25.72 -28.84 37.38
CA SER C 5 24.80 -27.93 38.02
C SER C 5 25.53 -26.73 38.57
N VAL C 6 25.11 -25.56 38.10
CA VAL C 6 25.68 -24.28 38.51
C VAL C 6 24.58 -23.31 38.87
N ASN C 7 24.72 -22.78 40.07
CA ASN C 7 23.80 -21.83 40.63
C ASN C 7 22.35 -22.26 40.43
N SER C 8 22.12 -23.53 40.70
CA SER C 8 20.82 -24.13 40.59
C SER C 8 20.23 -24.30 39.21
N ARG C 9 21.09 -24.31 38.22
CA ARG C 9 20.65 -24.53 36.87
C ARG C 9 21.53 -25.66 36.37
N SER C 10 20.93 -26.60 35.63
CA SER C 10 21.65 -27.75 35.10
C SER C 10 22.04 -27.43 33.67
N TYR C 11 23.21 -27.89 33.27
CA TYR C 11 23.72 -27.63 31.94
C TYR C 11 24.41 -28.82 31.35
N ARG C 12 24.06 -29.14 30.11
CA ARG C 12 24.62 -30.24 29.40
C ARG C 12 25.90 -29.74 28.73
N LEU C 13 27.03 -30.36 29.03
CA LEU C 13 28.32 -29.97 28.45
C LEU C 13 28.29 -30.04 26.92
N SER C 14 28.96 -29.08 26.28
CA SER C 14 29.01 -29.00 24.83
C SER C 14 29.55 -30.24 24.08
N SER C 15 28.91 -30.54 22.94
CA SER C 15 29.27 -31.64 22.05
C SER C 15 30.19 -31.12 20.93
N ALA C 16 29.96 -29.84 20.61
CA ALA C 16 30.67 -29.06 19.61
C ALA C 16 31.23 -27.81 20.29
N PRO C 17 32.23 -27.18 19.70
CA PRO C 17 32.73 -26.00 20.35
C PRO C 17 31.67 -24.92 20.31
N THR C 18 31.39 -24.37 21.48
CA THR C 18 30.41 -23.34 21.61
C THR C 18 31.06 -21.98 21.90
N ILE C 19 30.57 -20.96 21.24
CA ILE C 19 31.06 -19.61 21.43
C ILE C 19 29.92 -18.70 21.84
N VAL C 20 30.09 -18.15 23.02
CA VAL C 20 29.13 -17.25 23.54
C VAL C 20 29.73 -15.88 23.45
N ILE C 21 29.03 -14.98 22.75
CA ILE C 21 29.56 -13.66 22.56
C ILE C 21 28.72 -12.57 23.17
N CYS C 22 29.36 -11.70 23.94
CA CYS C 22 28.68 -10.61 24.52
C CYS C 22 29.07 -9.31 23.83
N VAL C 23 28.22 -8.83 22.91
CA VAL C 23 28.46 -7.58 22.21
C VAL C 23 28.01 -6.44 23.11
N ASP C 24 28.97 -5.91 23.80
CA ASP C 24 28.75 -4.82 24.70
C ASP C 24 28.01 -3.63 24.07
N GLY C 25 26.93 -3.16 24.69
CA GLY C 25 26.20 -2.00 24.18
C GLY C 25 25.40 -2.23 22.91
N CYS C 26 25.06 -3.49 22.64
CA CYS C 26 24.32 -3.77 21.42
C CYS C 26 22.78 -3.58 21.41
N GLU C 27 22.31 -2.33 21.34
CA GLU C 27 20.92 -2.00 21.22
C GLU C 27 20.44 -2.74 19.95
N GLN C 28 19.26 -3.36 19.92
CA GLN C 28 18.90 -4.11 18.73
C GLN C 28 18.98 -3.43 17.40
N GLU C 29 18.87 -2.12 17.41
CA GLU C 29 18.84 -1.33 16.21
C GLU C 29 20.12 -1.34 15.38
N TYR C 30 21.25 -1.58 16.01
CA TYR C 30 22.53 -1.63 15.30
C TYR C 30 22.50 -2.74 14.26
N ILE C 31 22.04 -3.91 14.71
CA ILE C 31 21.92 -5.07 13.86
C ILE C 31 20.92 -4.87 12.77
N ASN C 32 19.80 -4.32 13.13
CA ASN C 32 18.78 -4.11 12.15
C ASN C 32 19.15 -3.13 11.06
N GLN C 33 19.84 -2.07 11.45
CA GLN C 33 20.26 -1.03 10.62
C GLN C 33 21.40 -1.51 9.71
N ALA C 34 22.34 -2.33 10.24
CA ALA C 34 23.46 -2.90 9.43
C ALA C 34 22.91 -3.84 8.35
N ILE C 35 21.97 -4.70 8.72
CA ILE C 35 21.37 -5.63 7.78
C ILE C 35 20.66 -4.85 6.66
N GLN C 36 19.77 -3.94 7.03
CA GLN C 36 19.05 -3.14 6.05
C GLN C 36 20.01 -2.46 5.08
N ALA C 37 21.19 -2.16 5.55
CA ALA C 37 22.19 -1.48 4.74
C ALA C 37 23.13 -2.38 3.91
N GLY C 38 22.97 -3.69 4.01
CA GLY C 38 23.80 -4.64 3.29
C GLY C 38 25.24 -4.81 3.85
N GLN C 39 25.45 -4.42 5.11
CA GLN C 39 26.74 -4.52 5.78
C GLN C 39 26.79 -5.66 6.80
N ALA C 40 25.85 -6.60 6.73
CA ALA C 40 25.81 -7.75 7.62
C ALA C 40 25.06 -8.88 7.00
N PRO C 41 25.62 -9.32 5.87
CA PRO C 41 25.10 -10.37 5.03
C PRO C 41 25.01 -11.71 5.71
N PHE C 42 25.93 -12.00 6.63
CA PHE C 42 25.82 -13.28 7.32
C PHE C 42 24.58 -13.24 8.31
N LEU C 43 24.49 -12.19 9.13
CA LEU C 43 23.38 -12.03 10.08
C LEU C 43 22.08 -11.96 9.32
N ALA C 44 22.20 -11.36 8.14
CA ALA C 44 21.09 -11.16 7.20
C ALA C 44 20.36 -12.43 6.77
N GLU C 45 21.07 -13.56 6.74
CA GLU C 45 20.46 -14.81 6.32
C GLU C 45 20.28 -15.80 7.44
N LEU C 46 20.90 -15.49 8.58
CA LEU C 46 20.84 -16.37 9.75
C LEU C 46 19.41 -16.90 10.06
N THR C 47 18.48 -16.09 9.70
CA THR C 47 17.07 -16.35 9.86
C THR C 47 16.64 -17.73 9.38
N GLY C 48 17.24 -18.22 8.32
CA GLY C 48 16.84 -19.51 7.82
C GLY C 48 17.40 -20.72 8.54
N PHE C 49 18.36 -20.48 9.39
CA PHE C 49 18.92 -21.61 10.08
C PHE C 49 19.20 -21.35 11.53
N GLY C 50 19.10 -20.07 11.93
CA GLY C 50 19.35 -19.65 13.29
C GLY C 50 18.07 -19.23 13.98
N THR C 51 18.22 -18.64 15.14
CA THR C 51 17.12 -18.16 15.98
C THR C 51 17.50 -16.78 16.50
N VAL C 52 16.55 -15.85 16.41
CA VAL C 52 16.74 -14.48 16.88
C VAL C 52 15.62 -14.20 17.91
N LEU C 53 15.93 -13.86 19.14
CA LEU C 53 14.92 -13.58 20.15
C LEU C 53 15.25 -12.27 20.81
N THR C 54 14.41 -11.87 21.73
CA THR C 54 14.66 -10.66 22.50
C THR C 54 14.68 -11.02 23.97
N GLY C 55 15.62 -10.44 24.75
CA GLY C 55 15.69 -10.70 26.18
C GLY C 55 15.83 -9.42 26.95
N ASP C 56 15.83 -9.54 28.28
CA ASP C 56 15.99 -8.41 29.19
C ASP C 56 17.30 -8.58 29.91
N CYS C 57 18.01 -7.49 29.97
CA CYS C 57 19.23 -7.54 30.67
C CYS C 57 18.91 -7.15 32.09
N VAL C 58 19.96 -7.10 32.90
CA VAL C 58 19.86 -6.71 34.25
C VAL C 58 19.95 -5.18 34.38
N VAL C 59 19.16 -4.60 35.29
CA VAL C 59 19.16 -3.17 35.57
C VAL C 59 19.82 -3.01 36.96
N PRO C 60 20.86 -2.16 37.12
CA PRO C 60 21.41 -1.22 36.17
C PRO C 60 22.03 -1.87 34.90
N SER C 61 21.59 -1.41 33.75
CA SER C 61 22.04 -1.89 32.49
C SER C 61 23.45 -1.41 32.27
N PHE C 62 24.33 -1.99 33.10
CA PHE C 62 25.76 -1.67 33.18
C PHE C 62 26.65 -2.83 32.69
N THR C 63 27.86 -2.52 32.35
CA THR C 63 28.75 -3.48 31.84
C THR C 63 29.02 -4.68 32.74
N ASN C 64 29.61 -4.45 33.91
CA ASN C 64 29.95 -5.53 34.86
C ASN C 64 28.86 -6.43 35.40
N PRO C 65 27.78 -5.87 35.98
CA PRO C 65 26.74 -6.74 36.51
C PRO C 65 26.25 -7.70 35.45
N ASN C 66 26.09 -7.14 34.28
CA ASN C 66 25.59 -7.91 33.16
C ASN C 66 26.44 -9.06 32.74
N ASN C 67 27.73 -8.81 32.45
CA ASN C 67 28.65 -9.89 32.09
C ASN C 67 28.72 -10.93 33.21
N LEU C 68 28.68 -10.49 34.46
CA LEU C 68 28.74 -11.43 35.55
C LEU C 68 27.49 -12.28 35.59
N SER C 69 26.35 -11.71 35.26
CA SER C 69 25.13 -12.51 35.29
C SER C 69 25.11 -13.57 34.17
N ILE C 70 25.70 -13.25 33.04
CA ILE C 70 25.77 -14.17 31.91
C ILE C 70 26.58 -15.44 32.24
N VAL C 71 27.74 -15.22 32.87
CA VAL C 71 28.66 -16.26 33.23
C VAL C 71 28.28 -17.11 34.40
N THR C 72 27.44 -16.56 35.25
CA THR C 72 26.96 -17.31 36.41
C THR C 72 25.60 -17.88 36.09
N GLY C 73 24.92 -17.20 35.13
CA GLY C 73 23.59 -17.56 34.68
C GLY C 73 22.56 -17.18 35.77
N ALA C 74 22.98 -16.23 36.63
CA ALA C 74 22.21 -15.72 37.75
C ALA C 74 22.28 -14.21 37.83
N PRO C 75 21.35 -13.61 38.60
CA PRO C 75 21.32 -12.18 38.79
C PRO C 75 22.30 -11.75 39.91
N PRO C 76 22.54 -10.44 40.05
CA PRO C 76 23.43 -9.86 41.05
C PRO C 76 23.02 -10.16 42.50
N SER C 77 21.76 -10.47 42.72
CA SER C 77 21.36 -10.81 44.08
C SER C 77 22.06 -12.09 44.50
N VAL C 78 22.47 -12.84 43.50
CA VAL C 78 23.15 -14.09 43.71
C VAL C 78 24.66 -13.93 43.63
N HIS C 79 25.12 -13.26 42.57
CA HIS C 79 26.55 -13.07 42.35
C HIS C 79 27.18 -11.90 43.11
N GLY C 80 26.37 -10.91 43.45
CA GLY C 80 26.84 -9.78 44.21
C GLY C 80 27.44 -8.61 43.47
N ILE C 81 27.69 -8.71 42.19
CA ILE C 81 28.26 -7.58 41.48
C ILE C 81 27.10 -6.78 40.88
N CYS C 82 26.79 -5.66 41.51
CA CYS C 82 25.67 -4.81 41.08
C CYS C 82 26.11 -3.42 40.60
N GLY C 83 27.41 -3.21 40.56
CA GLY C 83 27.98 -1.95 40.10
C GLY C 83 29.50 -2.03 40.14
N ASN C 84 30.15 -0.87 39.99
CA ASN C 84 31.60 -0.79 40.04
C ASN C 84 32.10 -0.54 41.46
N PHE C 85 31.17 -0.14 42.32
CA PHE C 85 31.46 0.14 43.72
C PHE C 85 30.21 0.35 44.52
N PHE C 86 30.40 0.35 45.83
CA PHE C 86 29.35 0.54 46.79
C PHE C 86 29.87 1.30 47.99
N PHE C 87 28.96 1.84 48.75
CA PHE C 87 29.35 2.58 49.90
C PHE C 87 29.00 1.83 51.16
N ASP C 88 30.05 1.46 51.91
CA ASP C 88 29.92 0.75 53.16
C ASP C 88 29.76 1.74 54.29
N GLN C 89 28.61 1.69 54.97
CA GLN C 89 28.28 2.60 56.07
C GLN C 89 29.10 2.35 57.35
N THR C 91 31.97 1.50 58.22
CA THR C 91 33.30 1.68 57.65
C THR C 91 33.37 2.90 56.75
N GLN C 92 32.22 3.56 56.60
CA GLN C 92 32.02 4.78 55.79
C GLN C 92 33.02 4.99 54.70
N GLU C 93 33.08 3.99 53.83
CA GLU C 93 33.98 3.91 52.71
C GLU C 93 33.32 3.41 51.44
N GLU C 94 33.93 3.81 50.36
CA GLU C 94 33.51 3.42 49.05
C GLU C 94 34.28 2.20 48.61
N VAL C 95 33.56 1.12 48.40
CA VAL C 95 34.18 -0.14 48.01
C VAL C 95 34.10 -0.43 46.52
N LEU C 96 35.26 -0.70 45.90
CA LEU C 96 35.28 -1.04 44.48
C LEU C 96 35.12 -2.54 44.37
N MET C 97 34.23 -3.00 43.48
CA MET C 97 34.05 -4.43 43.26
C MET C 97 34.83 -4.86 42.01
N ASN C 98 36.16 -4.63 42.04
CA ASN C 98 37.05 -4.94 40.94
C ASN C 98 37.89 -6.17 41.22
N ASP C 99 37.46 -6.89 42.22
CA ASP C 99 38.13 -8.06 42.64
C ASP C 99 37.17 -9.22 42.76
N ALA C 100 37.60 -10.39 42.26
CA ALA C 100 36.79 -11.61 42.31
C ALA C 100 36.32 -11.84 43.75
N LYS C 101 37.07 -11.24 44.64
CA LYS C 101 36.86 -11.26 46.05
C LYS C 101 35.45 -10.85 46.43
N TYR C 102 34.82 -10.05 45.57
CA TYR C 102 33.48 -9.62 45.84
C TYR C 102 32.44 -10.56 45.22
N LEU C 103 32.92 -11.55 44.49
CA LEU C 103 32.06 -12.52 43.88
C LEU C 103 31.43 -13.39 44.95
N ARG C 104 30.12 -13.62 44.85
CA ARG C 104 29.42 -14.43 45.81
C ARG C 104 28.89 -15.72 45.21
N ALA C 105 29.38 -16.06 44.01
CA ALA C 105 28.95 -17.26 43.27
C ALA C 105 29.98 -17.75 42.27
N PRO C 106 29.91 -19.01 41.98
CA PRO C 106 30.81 -19.58 41.01
C PRO C 106 30.32 -19.31 39.60
N THR C 107 31.27 -19.18 38.63
CA THR C 107 30.87 -18.99 37.25
C THR C 107 30.58 -20.34 36.61
N ILE C 108 29.74 -20.35 35.61
CA ILE C 108 29.46 -21.58 34.93
C ILE C 108 30.70 -22.01 34.16
N LEU C 109 31.60 -21.06 33.89
CA LEU C 109 32.82 -21.36 33.11
C LEU C 109 33.78 -22.21 33.93
N ALA C 110 33.95 -21.80 35.17
CA ALA C 110 34.83 -22.48 36.06
C ALA C 110 34.45 -23.94 36.16
N GLU C 111 33.18 -24.16 36.39
CA GLU C 111 32.65 -25.49 36.50
C GLU C 111 32.84 -26.36 35.29
N MET C 112 32.68 -25.81 34.10
CA MET C 112 32.85 -26.63 32.92
C MET C 112 34.27 -27.14 32.85
N ALA C 113 35.19 -26.30 33.25
CA ALA C 113 36.57 -26.68 33.22
C ALA C 113 36.86 -27.74 34.27
N LYS C 114 36.05 -27.78 35.31
CA LYS C 114 36.18 -28.75 36.36
C LYS C 114 35.71 -30.12 35.88
N ALA C 115 34.75 -30.06 34.99
CA ALA C 115 34.18 -31.25 34.42
C ALA C 115 35.05 -31.78 33.28
N GLY C 116 36.23 -31.14 33.13
CA GLY C 116 37.23 -31.51 32.14
C GLY C 116 37.28 -30.76 30.82
N GLN C 117 36.39 -29.82 30.63
CA GLN C 117 36.36 -29.07 29.38
C GLN C 117 37.44 -28.01 29.20
N LEU C 118 37.74 -27.71 27.93
CA LEU C 118 38.71 -26.68 27.57
C LEU C 118 37.89 -25.40 27.36
N VAL C 119 38.06 -24.47 28.30
CA VAL C 119 37.33 -23.23 28.32
C VAL C 119 38.21 -22.03 28.10
N ALA C 120 37.81 -21.20 27.14
CA ALA C 120 38.58 -20.00 26.80
C ALA C 120 37.71 -18.77 26.99
N VAL C 121 38.32 -17.76 27.60
CA VAL C 121 37.71 -16.48 27.87
C VAL C 121 38.57 -15.36 27.30
N VAL C 122 37.97 -14.50 26.50
CA VAL C 122 38.70 -13.38 25.91
C VAL C 122 37.89 -12.09 25.97
N THR C 123 38.45 -11.12 26.67
CA THR C 123 37.85 -9.81 26.90
C THR C 123 38.62 -8.70 26.25
N ALA C 124 37.91 -7.59 26.02
CA ALA C 124 38.49 -6.40 25.44
C ALA C 124 39.39 -5.75 26.48
N LYS C 125 38.76 -5.50 27.64
CA LYS C 125 39.39 -4.89 28.80
C LYS C 125 39.87 -5.90 29.79
N ASP C 126 40.96 -5.57 30.43
CA ASP C 126 41.57 -6.44 31.38
C ASP C 126 40.91 -6.60 32.73
N LYS C 127 40.26 -5.55 33.22
CA LYS C 127 39.57 -5.58 34.52
C LYS C 127 38.52 -6.65 34.61
N LEU C 128 37.79 -6.79 33.52
CA LEU C 128 36.71 -7.76 33.40
C LEU C 128 37.28 -9.16 33.43
N ARG C 129 38.32 -9.32 32.62
CA ARG C 129 39.08 -10.52 32.45
C ARG C 129 39.32 -11.16 33.80
N ASN C 130 39.84 -10.34 34.67
CA ASN C 130 40.18 -10.68 36.03
C ASN C 130 38.99 -11.14 36.87
N LEU C 131 37.82 -10.61 36.56
CA LEU C 131 36.65 -10.99 37.30
C LEU C 131 36.05 -12.26 36.77
N LEU C 132 36.04 -12.37 35.46
CA LEU C 132 35.47 -13.49 34.76
C LEU C 132 36.24 -14.79 34.93
N GLY C 133 37.56 -14.67 35.11
CA GLY C 133 38.45 -15.83 35.22
C GLY C 133 38.65 -16.42 36.60
N HIS C 134 37.74 -16.09 37.49
CA HIS C 134 37.77 -16.58 38.85
C HIS C 134 37.64 -18.09 38.93
N GLN C 135 38.65 -18.75 39.52
CA GLN C 135 38.69 -20.21 39.70
C GLN C 135 38.63 -20.95 38.38
N LEU C 136 39.02 -20.27 37.33
CA LEU C 136 38.97 -20.86 36.03
C LEU C 136 40.30 -21.42 35.54
N LYS C 137 40.27 -22.70 35.22
CA LYS C 137 41.42 -23.35 34.70
C LYS C 137 41.34 -23.43 33.18
N GLY C 138 42.12 -22.61 32.51
CA GLY C 138 42.09 -22.64 31.07
C GLY C 138 42.65 -21.37 30.48
N ILE C 139 42.16 -21.03 29.27
CA ILE C 139 42.61 -19.83 28.57
C ILE C 139 41.83 -18.60 29.00
N CYS C 140 42.56 -17.52 29.29
CA CYS C 140 41.93 -16.33 29.75
C CYS C 140 42.84 -15.14 29.71
N PHE C 141 42.56 -14.23 28.80
CA PHE C 141 43.36 -13.01 28.67
C PHE C 141 42.53 -11.89 28.01
N SER C 142 43.00 -10.65 28.11
CA SER C 142 42.32 -9.54 27.47
C SER C 142 43.07 -9.08 26.24
N ALA C 143 42.39 -8.39 25.33
CA ALA C 143 43.03 -7.86 24.13
C ALA C 143 43.89 -6.68 24.57
N GLU C 144 43.40 -5.99 25.60
CA GLU C 144 44.08 -4.84 26.18
C GLU C 144 45.53 -5.14 26.53
N LYS C 145 45.72 -6.26 27.24
CA LYS C 145 47.03 -6.71 27.67
C LYS C 145 47.55 -7.92 26.88
N ALA C 146 47.15 -8.05 25.61
CA ALA C 146 47.57 -9.17 24.75
C ALA C 146 49.08 -9.25 24.57
N ASP C 147 49.71 -8.28 25.21
CA ASP C 147 51.12 -8.01 25.30
C ASP C 147 51.84 -8.98 26.26
N GLN C 148 51.33 -8.97 27.48
CA GLN C 148 51.82 -9.72 28.60
C GLN C 148 51.28 -11.13 28.81
N VAL C 149 50.93 -11.84 27.70
CA VAL C 149 50.40 -13.22 27.82
C VAL C 149 51.46 -14.28 28.02
N ASN C 150 51.21 -15.13 29.02
CA ASN C 150 52.09 -16.23 29.36
C ASN C 150 51.28 -17.51 29.55
N LEU C 151 51.88 -18.64 29.23
CA LEU C 151 51.19 -19.91 29.36
C LEU C 151 50.76 -20.20 30.80
N GLU C 152 51.59 -19.77 31.72
CA GLU C 152 51.28 -20.02 33.11
C GLU C 152 49.97 -19.38 33.53
N GLU C 153 49.93 -18.07 33.36
CA GLU C 153 48.80 -17.24 33.71
C GLU C 153 47.63 -17.35 32.76
N HIS C 154 47.88 -17.05 31.49
CA HIS C 154 46.87 -17.03 30.44
C HIS C 154 46.55 -18.28 29.70
N GLY C 155 47.45 -19.23 29.71
CA GLY C 155 47.18 -20.47 29.00
C GLY C 155 47.49 -20.34 27.51
N VAL C 156 48.13 -19.24 27.14
CA VAL C 156 48.48 -19.00 25.76
C VAL C 156 49.75 -18.18 25.72
N GLU C 157 50.30 -18.04 24.52
CA GLU C 157 51.48 -17.26 24.29
C GLU C 157 51.66 -16.98 22.82
N ASN C 158 52.34 -15.86 22.54
CA ASN C 158 52.58 -15.45 21.19
C ASN C 158 51.29 -15.16 20.50
N ILE C 159 50.30 -14.74 21.27
CA ILE C 159 49.03 -14.43 20.68
C ILE C 159 49.16 -13.25 19.71
N LEU C 160 49.89 -12.21 20.14
CA LEU C 160 50.07 -11.04 19.30
C LEU C 160 50.58 -11.43 17.93
N ALA C 161 51.53 -12.34 17.99
CA ALA C 161 52.16 -12.88 16.82
C ALA C 161 51.20 -13.77 16.03
N ARG C 162 50.32 -14.46 16.77
CA ARG C 162 49.32 -15.36 16.20
C ARG C 162 48.25 -14.62 15.42
N VAL C 163 47.85 -13.49 15.97
CA VAL C 163 46.81 -12.70 15.35
C VAL C 163 47.24 -11.89 14.14
N GLY C 164 48.43 -11.33 14.22
CA GLY C 164 48.93 -10.54 13.14
C GLY C 164 48.61 -9.08 13.37
N MET C 165 48.51 -8.71 14.64
CA MET C 165 48.22 -7.35 14.97
C MET C 165 48.91 -6.98 16.26
N PRO C 166 49.14 -5.68 16.35
CA PRO C 166 49.77 -5.01 17.49
C PRO C 166 48.72 -4.83 18.57
N VAL C 167 49.12 -4.57 19.81
CA VAL C 167 48.11 -4.34 20.82
C VAL C 167 47.30 -3.15 20.36
N PRO C 168 45.98 -3.29 20.43
CA PRO C 168 45.08 -2.26 19.98
C PRO C 168 44.91 -1.15 21.04
N SER C 169 44.62 0.08 20.59
CA SER C 169 44.42 1.17 21.52
C SER C 169 43.08 0.97 22.22
N VAL C 170 43.02 1.36 23.50
CA VAL C 170 41.83 1.25 24.33
C VAL C 170 40.62 1.94 23.70
N TYR C 171 40.85 3.06 23.03
CA TYR C 171 39.74 3.75 22.39
C TYR C 171 39.73 3.50 20.94
N SER C 172 39.18 2.33 20.63
CA SER C 172 39.08 1.95 19.28
C SER C 172 38.27 0.70 19.11
N ALA C 173 37.77 0.53 17.88
CA ALA C 173 37.02 -0.63 17.54
C ALA C 173 37.99 -1.80 17.54
N ASP C 174 39.26 -1.45 17.27
CA ASP C 174 40.39 -2.38 17.18
C ASP C 174 40.49 -3.31 18.35
N LEU C 175 40.21 -2.75 19.49
CA LEU C 175 40.25 -3.52 20.69
C LEU C 175 39.23 -4.65 20.62
N SER C 176 38.14 -4.35 19.97
CA SER C 176 37.09 -5.31 19.83
C SER C 176 37.38 -6.33 18.71
N GLU C 177 38.01 -5.86 17.61
CA GLU C 177 38.38 -6.73 16.48
C GLU C 177 39.37 -7.76 16.96
N PHE C 178 40.28 -7.28 17.79
CA PHE C 178 41.27 -8.10 18.38
C PHE C 178 40.64 -9.30 19.05
N VAL C 179 39.64 -9.03 19.90
CA VAL C 179 38.94 -10.10 20.60
C VAL C 179 38.47 -11.17 19.63
N PHE C 180 37.89 -10.76 18.53
CA PHE C 180 37.37 -11.68 17.55
C PHE C 180 38.47 -12.35 16.75
N ALA C 181 39.54 -11.63 16.55
CA ALA C 181 40.57 -12.27 15.77
C ALA C 181 41.17 -13.35 16.65
N ALA C 182 41.36 -13.00 17.92
CA ALA C 182 41.90 -13.93 18.89
C ALA C 182 41.07 -15.20 19.02
N GLY C 183 39.75 -15.04 19.08
CA GLY C 183 38.82 -16.14 19.21
C GLY C 183 38.84 -17.08 18.02
N LEU C 184 39.06 -16.51 16.86
CA LEU C 184 39.13 -17.33 15.68
C LEU C 184 40.36 -18.22 15.75
N SER C 185 41.45 -17.64 16.26
CA SER C 185 42.71 -18.32 16.41
C SER C 185 42.59 -19.49 17.34
N LEU C 186 42.08 -19.25 18.53
CA LEU C 186 41.92 -20.33 19.45
C LEU C 186 41.06 -21.39 18.87
N LEU C 187 39.99 -20.94 18.29
CA LEU C 187 39.02 -21.84 17.72
C LEU C 187 39.62 -22.86 16.77
N THR C 188 40.46 -22.36 15.90
CA THR C 188 41.12 -23.14 14.88
C THR C 188 42.24 -24.06 15.40
N ASN C 189 42.93 -23.60 16.42
CA ASN C 189 44.00 -24.36 17.02
C ASN C 189 43.52 -25.17 18.18
N GLU C 190 43.60 -24.56 19.33
CA GLU C 190 43.17 -25.19 20.56
C GLU C 190 41.78 -25.79 20.45
N ARG C 191 40.88 -25.11 19.76
CA ARG C 191 39.51 -25.59 19.61
C ARG C 191 38.82 -25.82 20.96
N PRO C 192 38.65 -24.77 21.77
CA PRO C 192 38.02 -24.95 23.06
C PRO C 192 36.61 -25.47 22.93
N ASP C 193 36.18 -26.12 23.98
CA ASP C 193 34.84 -26.69 24.01
C ASP C 193 33.80 -25.60 24.15
N PHE C 194 34.21 -24.63 24.95
CA PHE C 194 33.43 -23.50 25.28
C PHE C 194 34.25 -22.24 25.36
N MET C 195 33.77 -21.22 24.68
CA MET C 195 34.48 -19.97 24.67
C MET C 195 33.57 -18.78 24.81
N TYR C 196 34.07 -17.83 25.60
CA TYR C 196 33.38 -16.61 25.90
C TYR C 196 34.14 -15.41 25.47
N LEU C 197 33.54 -14.68 24.53
CA LEU C 197 34.09 -13.46 23.99
C LEU C 197 33.31 -12.22 24.52
N SER C 198 33.99 -11.16 24.90
CA SER C 198 33.31 -9.99 25.40
C SER C 198 33.91 -8.71 24.89
N THR C 199 33.12 -7.91 24.17
CA THR C 199 33.63 -6.69 23.61
C THR C 199 33.60 -5.49 24.52
N THR C 200 33.66 -4.32 23.86
CA THR C 200 33.59 -3.01 24.49
C THR C 200 32.61 -2.13 23.71
N ASP C 201 31.79 -1.33 24.45
CA ASP C 201 30.76 -0.41 23.90
C ASP C 201 31.31 0.90 23.36
N TYR C 202 32.56 0.91 23.02
CA TYR C 202 33.20 2.14 22.49
C TYR C 202 32.54 2.76 21.25
N VAL C 203 32.28 1.93 20.26
CA VAL C 203 31.69 2.47 19.06
C VAL C 203 30.27 2.91 19.31
N GLN C 204 29.58 2.14 20.15
CA GLN C 204 28.18 2.38 20.51
C GLN C 204 27.97 3.68 21.29
N HIS C 205 28.93 4.07 22.11
CA HIS C 205 28.86 5.32 22.83
C HIS C 205 29.14 6.52 21.91
N LYS C 206 29.87 6.26 20.80
CA LYS C 206 30.27 7.28 19.82
C LYS C 206 29.38 7.46 18.59
N HIS C 207 28.81 6.34 18.08
CA HIS C 207 27.97 6.36 16.91
C HIS C 207 26.70 5.60 17.08
N ALA C 208 25.63 6.22 16.56
CA ALA C 208 24.26 5.67 16.62
C ALA C 208 24.01 4.61 15.57
N PRO C 209 22.98 3.80 15.78
CA PRO C 209 22.66 2.77 14.79
C PRO C 209 22.48 3.40 13.39
N GLY C 210 22.92 2.71 12.35
CA GLY C 210 22.75 3.25 10.99
C GLY C 210 23.79 4.19 10.38
N THR C 211 24.80 4.61 11.14
CA THR C 211 25.80 5.48 10.61
C THR C 211 26.88 4.60 9.95
N PRO C 212 27.55 5.17 9.01
CA PRO C 212 28.61 4.49 8.30
C PRO C 212 29.56 3.78 9.26
N GLU C 213 29.96 4.53 10.31
CA GLU C 213 30.85 4.00 11.33
C GLU C 213 30.26 2.83 12.06
N ALA C 214 29.05 2.98 12.56
CA ALA C 214 28.41 1.89 13.24
C ALA C 214 28.27 0.73 12.28
N ASN C 215 27.77 1.00 11.07
CA ASN C 215 27.63 -0.08 10.09
C ASN C 215 28.95 -0.81 9.84
N ALA C 216 30.03 -0.07 9.70
CA ALA C 216 31.31 -0.68 9.45
C ALA C 216 31.71 -1.62 10.54
N PHE C 217 31.44 -1.22 11.76
CA PHE C 217 31.78 -2.04 12.90
C PHE C 217 31.04 -3.34 12.92
N TYR C 218 29.78 -3.25 12.58
CA TYR C 218 28.96 -4.42 12.54
C TYR C 218 29.36 -5.30 11.38
N ALA C 219 29.85 -4.66 10.33
CA ALA C 219 30.28 -5.40 9.17
C ALA C 219 31.43 -6.34 9.56
N MET C 220 32.33 -5.78 10.35
CA MET C 220 33.47 -6.51 10.86
C MET C 220 33.02 -7.66 11.73
N MET C 221 32.12 -7.42 12.67
CA MET C 221 31.71 -8.50 13.48
C MET C 221 31.03 -9.61 12.69
N ASP C 222 30.18 -9.22 11.76
CA ASP C 222 29.46 -10.20 10.97
C ASP C 222 30.38 -11.17 10.27
N SER C 223 31.53 -10.65 9.87
CA SER C 223 32.50 -11.42 9.16
C SER C 223 33.07 -12.53 9.98
N TYR C 224 33.30 -12.23 11.25
CA TYR C 224 33.82 -13.19 12.19
C TYR C 224 32.79 -14.20 12.53
N PHE C 225 31.56 -13.73 12.70
CA PHE C 225 30.49 -14.63 13.02
C PHE C 225 30.40 -15.70 11.97
N LYS C 226 30.47 -15.25 10.73
CA LYS C 226 30.37 -16.16 9.61
C LYS C 226 31.48 -17.19 9.59
N ARG C 227 32.70 -16.75 9.91
CA ARG C 227 33.82 -17.67 9.92
C ARG C 227 33.72 -18.68 11.06
N TYR C 228 33.20 -18.24 12.19
CA TYR C 228 33.04 -19.15 13.30
C TYR C 228 32.04 -20.22 12.87
N HIS C 229 31.03 -19.77 12.18
CA HIS C 229 30.00 -20.63 11.71
C HIS C 229 30.52 -21.61 10.69
N GLU C 230 31.50 -21.18 9.91
CA GLU C 230 32.02 -22.11 8.91
C GLU C 230 32.90 -23.19 9.48
N GLN C 231 33.52 -22.88 10.61
CA GLN C 231 34.38 -23.79 11.30
C GLN C 231 33.56 -24.79 12.07
N GLY C 232 32.23 -24.67 11.92
CA GLY C 232 31.28 -25.56 12.58
C GLY C 232 31.00 -25.31 14.07
N ALA C 233 31.10 -24.08 14.54
CA ALA C 233 30.83 -23.85 15.94
C ALA C 233 29.40 -23.38 16.24
N ILE C 234 28.96 -23.60 17.49
CA ILE C 234 27.62 -23.14 17.90
C ILE C 234 27.87 -21.71 18.35
N VAL C 235 27.22 -20.76 17.66
CA VAL C 235 27.37 -19.35 17.96
C VAL C 235 26.12 -18.80 18.65
N ALA C 236 26.32 -18.16 19.80
CA ALA C 236 25.23 -17.55 20.58
C ALA C 236 25.67 -16.12 20.89
N ILE C 237 24.89 -15.15 20.45
CA ILE C 237 25.22 -13.75 20.66
C ILE C 237 24.18 -12.92 21.44
N THR C 238 24.62 -12.17 22.44
CA THR C 238 23.74 -11.33 23.23
C THR C 238 24.44 -10.03 23.53
N ALA C 239 23.92 -9.28 24.48
CA ALA C 239 24.58 -8.03 24.83
C ALA C 239 24.47 -7.82 26.32
N ASP C 240 25.35 -6.92 26.89
CA ASP C 240 25.34 -6.56 28.33
C ASP C 240 24.19 -5.53 28.59
N HIS C 241 23.84 -4.81 27.56
CA HIS C 241 22.78 -3.82 27.59
C HIS C 241 22.80 -3.05 26.26
N GLY C 242 21.78 -2.26 26.09
CA GLY C 242 21.50 -1.42 24.93
C GLY C 242 22.05 -0.06 25.05
N MET C 243 21.52 0.85 24.25
CA MET C 243 22.13 2.14 24.31
C MET C 243 21.30 3.18 23.65
N ASN C 244 21.41 4.43 24.13
CA ASN C 244 20.60 5.44 23.55
C ASN C 244 21.22 6.76 23.67
N ALA C 245 20.67 7.68 22.84
CA ALA C 245 21.09 9.06 22.87
C ALA C 245 20.60 9.66 24.17
N LYS C 246 21.39 10.56 24.73
CA LYS C 246 21.06 11.23 25.95
C LYS C 246 21.14 12.73 25.78
N THR C 247 20.67 13.18 24.63
CA THR C 247 20.73 14.55 24.26
C THR C 247 19.43 15.05 23.70
N ASP C 248 19.43 16.34 23.47
CA ASP C 248 18.34 17.02 22.87
C ASP C 248 18.59 17.05 21.35
N ALA C 249 17.70 17.70 20.60
CA ALA C 249 17.81 17.78 19.15
C ALA C 249 19.13 18.26 18.60
N ILE C 250 19.85 19.09 19.33
CA ILE C 250 21.10 19.59 18.80
C ILE C 250 22.33 18.95 19.41
N GLY C 251 22.11 17.84 20.07
CA GLY C 251 23.23 17.14 20.65
C GLY C 251 23.62 17.58 22.01
N ARG C 252 22.73 18.29 22.71
CA ARG C 252 23.13 18.70 24.04
C ARG C 252 22.69 17.67 25.02
N PRO C 253 23.60 17.32 25.88
CA PRO C 253 23.35 16.33 26.88
C PRO C 253 22.30 16.74 27.92
N ASN C 254 21.39 15.81 28.27
CA ASN C 254 20.35 16.01 29.30
C ASN C 254 20.83 15.35 30.60
N ILE C 255 21.38 16.14 31.48
CA ILE C 255 21.89 15.66 32.71
C ILE C 255 21.24 16.20 33.99
N LEU C 256 21.07 15.39 34.97
CA LEU C 256 20.53 15.87 36.23
C LEU C 256 21.59 15.69 37.25
N PHE C 257 22.03 16.76 37.90
CA PHE C 257 23.06 16.66 38.93
C PHE C 257 22.41 16.49 40.24
N LEU C 258 22.18 15.27 40.55
CA LEU C 258 21.54 14.83 41.75
C LEU C 258 22.17 15.33 43.05
N GLN C 259 23.49 15.39 43.12
CA GLN C 259 24.05 15.85 44.37
C GLN C 259 23.62 17.29 44.64
N ASP C 260 23.91 18.11 43.64
CA ASP C 260 23.58 19.52 43.65
C ASP C 260 22.12 19.75 44.00
N LEU C 261 21.24 18.95 43.43
CA LEU C 261 19.82 19.14 43.68
C LEU C 261 19.45 18.86 45.10
N LEU C 262 19.93 17.74 45.59
CA LEU C 262 19.68 17.30 46.93
C LEU C 262 20.24 18.23 47.96
N ASP C 263 21.43 18.65 47.71
CA ASP C 263 22.13 19.57 48.57
C ASP C 263 21.33 20.83 48.78
N ALA C 264 20.73 21.28 47.69
CA ALA C 264 19.92 22.49 47.70
C ALA C 264 18.58 22.31 48.38
N GLN C 265 18.16 21.07 48.46
CA GLN C 265 16.88 20.80 49.06
C GLN C 265 17.00 20.47 50.52
N TYR C 266 18.09 19.78 50.85
CA TYR C 266 18.32 19.33 52.20
C TYR C 266 19.58 19.86 52.85
N GLY C 267 20.48 20.43 52.07
CA GLY C 267 21.69 20.94 52.63
C GLY C 267 22.80 19.92 52.49
N ALA C 268 24.02 20.41 52.46
CA ALA C 268 25.19 19.58 52.31
C ALA C 268 25.41 18.60 53.44
N GLN C 269 25.87 17.41 53.03
CA GLN C 269 26.19 16.27 53.86
C GLN C 269 25.00 15.49 54.40
N ARG C 270 23.83 15.82 53.88
CA ARG C 270 22.60 15.16 54.29
C ARG C 270 22.33 13.90 53.42
N THR C 271 22.92 13.87 52.24
CA THR C 271 22.73 12.76 51.32
C THR C 271 24.00 12.46 50.51
N ARG C 272 24.13 11.22 50.09
CA ARG C 272 25.28 10.84 49.30
C ARG C 272 24.84 10.08 48.06
N VAL C 273 25.11 10.67 46.89
CA VAL C 273 24.76 10.13 45.58
C VAL C 273 25.93 9.40 44.95
N LEU C 274 25.70 8.15 44.56
CA LEU C 274 26.73 7.34 43.93
C LEU C 274 26.33 7.02 42.50
N LEU C 275 27.30 7.06 41.62
CA LEU C 275 27.12 6.75 40.20
C LEU C 275 27.98 5.50 39.85
N PRO C 276 27.44 4.34 40.21
CA PRO C 276 28.09 3.08 40.07
C PRO C 276 28.42 2.63 38.65
N ILE C 277 28.22 3.52 37.68
CA ILE C 277 28.51 3.21 36.28
C ILE C 277 29.99 2.98 36.05
N THR C 278 30.83 3.76 36.71
CA THR C 278 32.25 3.61 36.58
C THR C 278 32.87 3.59 37.96
N ASP C 279 34.19 3.62 38.07
CA ASP C 279 34.75 3.63 39.41
C ASP C 279 34.48 4.98 40.09
N PRO C 280 34.53 5.01 41.43
CA PRO C 280 34.25 6.19 42.27
C PRO C 280 34.86 7.55 41.91
N TYR C 281 36.05 7.58 41.32
CA TYR C 281 36.61 8.89 41.03
C TYR C 281 36.79 9.31 39.58
N VAL C 282 36.13 8.61 38.68
CA VAL C 282 36.15 8.90 37.25
C VAL C 282 35.13 10.02 36.99
N VAL C 283 35.59 11.26 37.09
CA VAL C 283 34.71 12.41 36.91
C VAL C 283 34.35 12.76 35.47
N HIS C 284 34.98 12.08 34.49
CA HIS C 284 34.69 12.37 33.09
C HIS C 284 33.29 11.97 32.62
N HIS C 285 33.07 12.20 31.34
CA HIS C 285 31.81 11.92 30.68
C HIS C 285 31.38 10.47 30.84
N GLY C 286 32.39 9.60 30.92
CA GLY C 286 32.20 8.16 31.05
C GLY C 286 31.45 7.78 32.31
N ALA C 287 31.37 8.74 33.22
CA ALA C 287 30.71 8.57 34.51
C ALA C 287 29.21 8.84 34.45
N LEU C 288 28.74 9.10 33.23
CA LEU C 288 27.34 9.42 33.00
C LEU C 288 26.46 8.34 32.39
N GLY C 289 25.53 7.84 33.21
CA GLY C 289 24.57 6.82 32.83
C GLY C 289 23.18 7.15 33.39
N SER C 290 22.18 6.36 33.04
CA SER C 290 20.80 6.57 33.46
C SER C 290 20.30 5.88 34.78
N TYR C 291 21.22 5.65 35.70
CA TYR C 291 20.94 4.99 36.95
C TYR C 291 21.90 5.47 38.02
N ALA C 292 21.39 5.71 39.23
CA ALA C 292 22.20 6.16 40.37
C ALA C 292 21.59 5.69 41.70
N THR C 293 22.41 5.65 42.72
CA THR C 293 21.92 5.22 43.99
C THR C 293 22.22 6.31 45.02
N VAL C 294 21.29 6.43 45.97
CA VAL C 294 21.40 7.46 47.00
C VAL C 294 21.32 6.93 48.40
N TYR C 295 22.23 7.49 49.23
CA TYR C 295 22.36 7.23 50.65
C TYR C 295 21.92 8.49 51.39
N LEU C 296 21.04 8.28 52.31
CA LEU C 296 20.42 9.31 53.12
C LEU C 296 20.82 9.30 54.57
N ARG C 297 21.07 10.47 55.16
CA ARG C 297 21.38 10.44 56.59
C ARG C 297 20.03 10.20 57.31
N ASP C 298 20.01 9.70 58.55
CA ASP C 298 18.77 9.43 59.27
C ASP C 298 17.80 10.62 59.35
N ALA C 299 18.38 11.80 59.53
CA ALA C 299 17.68 13.06 59.63
C ALA C 299 16.61 13.23 58.56
N VAL C 300 16.98 12.87 57.32
CA VAL C 300 16.14 12.97 56.13
C VAL C 300 15.09 11.91 56.00
N PRO C 301 13.79 12.33 56.03
CA PRO C 301 12.70 11.39 55.87
C PRO C 301 12.78 10.87 54.43
N GLN C 302 12.79 9.58 54.29
CA GLN C 302 12.93 9.01 53.00
C GLN C 302 11.78 9.31 52.06
N ARG C 303 10.57 9.39 52.64
CA ARG C 303 9.38 9.68 51.87
C ARG C 303 9.49 11.02 51.14
N ASP C 304 10.01 11.98 51.87
CA ASP C 304 10.17 13.31 51.37
C ASP C 304 11.15 13.30 50.24
N ALA C 305 12.27 12.66 50.49
CA ALA C 305 13.30 12.53 49.50
C ALA C 305 12.72 11.95 48.22
N ILE C 306 11.95 10.88 48.39
CA ILE C 306 11.31 10.25 47.25
C ILE C 306 10.41 11.20 46.51
N ASP C 307 9.46 11.78 47.21
CA ASP C 307 8.58 12.70 46.55
C ASP C 307 9.31 13.85 45.88
N PHE C 308 10.40 14.26 46.50
CA PHE C 308 11.17 15.34 45.92
C PHE C 308 11.80 14.93 44.56
N LEU C 309 12.56 13.85 44.57
CA LEU C 309 13.22 13.38 43.39
C LEU C 309 12.25 12.95 42.35
N ALA C 310 11.18 12.36 42.80
CA ALA C 310 10.21 11.90 41.84
C ALA C 310 9.67 13.00 40.99
N GLY C 311 9.66 14.22 41.54
CA GLY C 311 9.12 15.38 40.83
C GLY C 311 10.02 16.12 39.87
N ILE C 312 11.26 15.71 39.78
CA ILE C 312 12.19 16.35 38.91
C ILE C 312 12.01 15.83 37.50
N ALA C 313 11.98 16.72 36.55
CA ALA C 313 11.82 16.35 35.16
C ALA C 313 13.08 15.62 34.72
N GLY C 314 12.94 14.35 34.32
CA GLY C 314 14.09 13.56 33.90
C GLY C 314 14.18 12.31 34.77
N VAL C 315 13.52 12.39 35.90
CA VAL C 315 13.49 11.26 36.75
C VAL C 315 12.34 10.39 36.31
N GLU C 316 12.70 9.17 35.98
CA GLU C 316 11.76 8.20 35.56
C GLU C 316 11.13 7.59 36.78
N ALA C 317 11.94 7.14 37.70
CA ALA C 317 11.37 6.57 38.91
C ALA C 317 12.34 6.64 40.05
N VAL C 318 11.79 6.59 41.26
CA VAL C 318 12.54 6.59 42.51
C VAL C 318 12.08 5.42 43.32
N LEU C 319 12.99 4.51 43.56
CA LEU C 319 12.69 3.31 44.33
C LEU C 319 13.53 3.19 45.60
N THR C 320 12.92 2.60 46.65
CA THR C 320 13.54 2.31 47.92
C THR C 320 14.41 1.09 47.71
N ARG C 321 15.27 0.84 48.64
CA ARG C 321 16.13 -0.30 48.55
C ARG C 321 15.31 -1.58 48.39
N SER C 322 14.31 -1.71 49.20
CA SER C 322 13.52 -2.89 49.13
C SER C 322 12.85 -3.10 47.81
N GLN C 323 12.38 -2.03 47.17
CA GLN C 323 11.67 -2.15 45.89
C GLN C 323 12.56 -2.57 44.73
N ALA C 324 13.71 -1.92 44.66
CA ALA C 324 14.74 -2.14 43.66
C ALA C 324 15.38 -3.51 43.71
N CYS C 325 15.69 -3.97 44.92
CA CYS C 325 16.29 -5.26 45.08
C CYS C 325 15.33 -6.30 44.60
N GLN C 326 14.11 -6.09 45.01
CA GLN C 326 13.00 -6.93 44.69
C GLN C 326 12.74 -7.00 43.20
N ARG C 327 12.48 -5.85 42.68
CA ARG C 327 12.15 -5.73 41.30
C ARG C 327 13.30 -6.08 40.37
N PHE C 328 14.50 -5.71 40.75
CA PHE C 328 15.61 -5.96 39.84
C PHE C 328 16.53 -7.09 40.20
N GLU C 329 16.35 -7.63 41.39
CA GLU C 329 17.15 -8.73 41.92
C GLU C 329 18.61 -8.36 42.18
N LEU C 330 18.74 -7.41 43.12
CA LEU C 330 19.99 -6.85 43.58
C LEU C 330 20.29 -7.22 45.02
N PRO C 331 21.59 -7.15 45.40
CA PRO C 331 22.01 -7.44 46.76
C PRO C 331 21.65 -6.23 47.66
N GLU C 332 20.92 -6.43 48.76
CA GLU C 332 20.53 -5.31 49.64
C GLU C 332 21.70 -4.57 50.29
N ASP C 333 22.78 -5.31 50.55
CA ASP C 333 23.97 -4.76 51.19
C ASP C 333 24.91 -3.93 50.29
N ARG C 334 24.66 -3.94 48.99
CA ARG C 334 25.52 -3.19 48.12
C ARG C 334 24.75 -2.11 47.42
N ILE C 335 23.57 -1.88 47.93
CA ILE C 335 22.67 -0.91 47.37
C ILE C 335 22.31 0.24 48.34
N GLY C 336 22.02 1.44 47.78
CA GLY C 336 21.69 2.65 48.55
C GLY C 336 20.26 2.64 49.11
N ASP C 337 19.92 3.67 49.88
CA ASP C 337 18.60 3.77 50.45
C ASP C 337 17.57 3.94 49.37
N LEU C 338 17.95 4.64 48.34
CA LEU C 338 17.04 4.87 47.24
C LEU C 338 17.78 4.57 45.95
N VAL C 339 17.02 4.26 44.94
CA VAL C 339 17.49 4.01 43.61
C VAL C 339 16.78 4.96 42.65
N VAL C 340 17.55 5.63 41.85
CA VAL C 340 17.03 6.59 40.90
C VAL C 340 17.29 6.21 39.46
N LEU C 341 16.20 6.14 38.71
CA LEU C 341 16.26 5.81 37.32
C LEU C 341 16.00 7.00 36.46
N GLY C 342 16.85 7.21 35.46
CA GLY C 342 16.61 8.33 34.55
C GLY C 342 15.67 7.92 33.39
N GLU C 343 15.10 8.88 32.73
CA GLU C 343 14.23 8.61 31.58
C GLU C 343 15.10 8.30 30.34
N ARG C 344 14.50 7.87 29.25
CA ARG C 344 15.14 7.52 27.99
C ARG C 344 16.36 8.33 27.60
N LEU C 345 16.20 9.68 27.50
CA LEU C 345 17.25 10.58 27.07
C LEU C 345 17.98 11.39 28.12
N THR C 346 17.93 10.95 29.36
CA THR C 346 18.56 11.65 30.46
C THR C 346 19.54 10.81 31.25
N VAL C 347 20.56 11.49 31.77
CA VAL C 347 21.55 10.87 32.58
C VAL C 347 21.61 11.59 33.88
N LEU C 348 22.04 10.84 34.91
CA LEU C 348 22.18 11.35 36.23
C LEU C 348 23.64 11.55 36.57
N GLY C 349 23.95 12.74 37.04
CA GLY C 349 25.27 13.10 37.52
C GLY C 349 25.23 13.34 39.01
N SER C 350 26.36 13.79 39.55
CA SER C 350 26.41 14.08 40.97
C SER C 350 26.39 15.58 41.21
N ALA C 351 27.55 16.18 40.91
CA ALA C 351 27.83 17.62 41.06
C ALA C 351 28.51 18.21 39.85
N ALA C 352 27.95 19.33 39.45
CA ALA C 352 28.43 20.06 38.29
C ALA C 352 29.92 20.36 38.34
N ASP C 353 30.41 20.73 39.52
CA ASP C 353 31.82 21.05 39.70
C ASP C 353 32.70 19.82 39.59
N LYS C 354 32.10 18.68 39.93
CA LYS C 354 32.76 17.39 39.92
C LYS C 354 33.06 16.81 38.53
N HIS C 355 32.04 16.81 37.68
CA HIS C 355 32.15 16.27 36.35
C HIS C 355 32.94 17.10 35.37
N ASP C 356 33.81 16.40 34.64
CA ASP C 356 34.64 16.98 33.59
C ASP C 356 34.10 16.50 32.26
N LEU C 357 33.35 17.40 31.62
CA LEU C 357 32.70 17.17 30.34
C LEU C 357 33.52 17.69 29.17
N SER C 358 34.69 18.21 29.45
CA SER C 358 35.49 18.75 28.39
C SER C 358 35.90 17.72 27.36
N GLY C 359 36.17 16.51 27.86
CA GLY C 359 36.58 15.38 27.06
C GLY C 359 35.50 14.92 26.10
N LEU C 360 34.29 15.45 26.28
CA LEU C 360 33.12 15.13 25.46
C LEU C 360 33.13 15.81 24.11
N THR C 361 33.51 15.08 23.05
CA THR C 361 33.54 15.68 21.72
C THR C 361 32.29 15.44 20.86
N VAL C 362 31.74 14.23 20.93
CA VAL C 362 30.55 13.91 20.18
C VAL C 362 29.34 13.86 21.15
N PRO C 363 28.10 13.90 20.63
CA PRO C 363 26.91 13.87 21.47
C PRO C 363 26.82 12.64 22.34
N LEU C 364 26.40 12.89 23.53
CA LEU C 364 26.28 11.84 24.50
C LEU C 364 25.26 10.73 24.23
N ARG C 365 25.75 9.48 24.38
CA ARG C 365 24.99 8.23 24.24
C ARG C 365 25.32 7.43 25.46
N SER C 366 24.33 6.93 26.19
CA SER C 366 24.66 6.15 27.38
C SER C 366 23.72 5.04 27.64
N HIS C 367 23.86 4.49 28.86
CA HIS C 367 23.05 3.39 29.28
C HIS C 367 22.90 3.29 30.82
N GLY C 368 22.25 2.25 31.37
CA GLY C 368 22.09 2.10 32.85
C GLY C 368 20.65 2.03 33.30
N GLY C 369 19.79 2.60 32.46
CA GLY C 369 18.40 2.64 32.73
C GLY C 369 17.69 1.53 32.08
N VAL C 370 16.40 1.58 32.31
CA VAL C 370 15.47 0.61 31.82
C VAL C 370 15.32 0.74 30.32
N SER C 371 15.52 1.92 29.85
CA SER C 371 15.38 2.10 28.42
C SER C 371 16.54 1.43 27.62
N GLU C 372 17.47 0.73 28.30
CA GLU C 372 18.59 0.06 27.60
C GLU C 372 18.67 -1.41 27.97
N GLN C 373 17.55 -1.91 28.50
CA GLN C 373 17.33 -3.27 29.02
C GLN C 373 17.02 -4.36 28.01
N LYS C 374 16.35 -3.98 26.90
CA LYS C 374 16.03 -4.93 25.84
C LYS C 374 17.31 -5.19 25.01
N VAL C 375 17.70 -6.48 24.88
CA VAL C 375 18.92 -6.89 24.16
C VAL C 375 18.75 -8.05 23.18
N PRO C 376 19.66 -8.24 22.20
CA PRO C 376 19.45 -9.37 21.30
C PRO C 376 19.88 -10.74 21.91
N LEU C 377 19.26 -11.83 21.40
CA LEU C 377 19.55 -13.21 21.76
C LEU C 377 19.60 -13.93 20.41
N ILE C 378 20.80 -14.08 19.83
CA ILE C 378 20.92 -14.67 18.49
C ILE C 378 21.69 -15.99 18.39
N PHE C 379 21.13 -16.98 17.66
CA PHE C 379 21.83 -18.26 17.54
C PHE C 379 21.96 -18.75 16.12
N ASN C 380 23.02 -19.53 15.86
CA ASN C 380 23.24 -20.09 14.55
C ASN C 380 22.65 -21.47 14.42
N ARG C 381 21.60 -21.71 15.17
CA ARG C 381 20.91 -22.98 15.16
C ARG C 381 19.46 -22.77 15.52
N LYS C 382 18.66 -23.79 15.32
CA LYS C 382 17.29 -23.73 15.67
C LYS C 382 17.21 -24.26 17.09
N LEU C 383 16.28 -23.73 17.83
CA LEU C 383 16.13 -24.08 19.22
C LEU C 383 14.79 -24.73 19.43
N VAL C 384 14.71 -25.48 20.51
CA VAL C 384 13.51 -26.17 20.87
C VAL C 384 13.21 -25.95 22.34
N GLY C 385 11.97 -26.15 22.76
CA GLY C 385 11.64 -25.99 24.17
C GLY C 385 11.39 -24.55 24.62
N LEU C 386 10.59 -23.83 23.85
CA LEU C 386 10.25 -22.46 24.15
C LEU C 386 8.73 -22.31 24.34
N ARG C 391 9.82 -14.98 29.71
CA ARG C 391 10.72 -13.88 30.05
C ARG C 391 12.22 -14.22 29.92
N LEU C 392 12.74 -14.08 28.69
CA LEU C 392 14.14 -14.34 28.40
C LEU C 392 15.04 -13.24 28.92
N ARG C 393 16.15 -13.64 29.55
CA ARG C 393 17.11 -12.71 30.08
C ARG C 393 18.38 -12.89 29.29
N ASN C 394 19.24 -11.89 29.23
CA ASN C 394 20.48 -12.17 28.51
C ASN C 394 21.22 -13.28 29.26
N PHE C 395 20.94 -13.43 30.58
CA PHE C 395 21.61 -14.46 31.38
C PHE C 395 21.14 -15.87 31.21
N ASP C 396 20.15 -16.02 30.34
CA ASP C 396 19.58 -17.30 29.99
C ASP C 396 20.38 -17.84 28.81
N ILE C 397 21.24 -17.00 28.28
CA ILE C 397 22.03 -17.41 27.11
C ILE C 397 22.73 -18.74 27.12
N ILE C 398 23.44 -18.99 28.19
CA ILE C 398 24.14 -20.24 28.29
C ILE C 398 23.17 -21.41 28.35
N ASP C 399 22.09 -21.24 29.10
CA ASP C 399 21.16 -22.32 29.18
C ASP C 399 20.56 -22.72 27.82
N LEU C 400 20.34 -21.74 27.00
CA LEU C 400 19.78 -21.99 25.67
C LEU C 400 20.81 -22.57 24.74
N ALA C 401 22.03 -22.09 24.84
CA ALA C 401 23.07 -22.60 23.94
C ALA C 401 23.48 -24.04 24.18
N LEU C 402 23.47 -24.47 25.45
CA LEU C 402 23.84 -25.81 25.82
C LEU C 402 22.67 -26.79 25.91
N ASN C 403 21.49 -26.30 26.29
CA ASN C 403 20.34 -27.15 26.50
C ASN C 403 19.15 -27.03 25.57
N HIS C 404 19.10 -26.04 24.68
CA HIS C 404 17.93 -25.90 23.84
C HIS C 404 18.10 -26.12 22.36
N LEU C 405 19.25 -26.65 22.03
CA LEU C 405 19.64 -26.94 20.68
C LEU C 405 18.76 -28.01 20.11
N ALA C 406 18.29 -27.73 18.91
CA ALA C 406 17.46 -28.68 18.24
C ALA C 406 18.30 -29.79 17.65
N THR D 1 -9.53 -46.25 -13.58
CA THR D 1 -8.97 -46.45 -12.25
C THR D 1 -10.02 -46.37 -11.13
N ASN D 2 -9.63 -45.90 -9.93
CA ASN D 2 -10.55 -45.74 -8.77
C ASN D 2 -11.39 -44.48 -9.01
N LEU D 3 -12.64 -44.56 -8.64
CA LEU D 3 -13.52 -43.46 -8.86
C LEU D 3 -14.07 -42.86 -7.58
N ILE D 4 -13.83 -41.56 -7.37
CA ILE D 4 -14.34 -40.90 -6.18
C ILE D 4 -15.48 -39.98 -6.51
N SER D 5 -16.39 -39.85 -5.56
CA SER D 5 -17.53 -38.98 -5.71
C SER D 5 -17.36 -37.78 -4.71
N VAL D 6 -17.46 -36.54 -5.23
CA VAL D 6 -17.29 -35.33 -4.43
C VAL D 6 -18.28 -34.28 -4.85
N ASN D 7 -19.10 -33.88 -3.91
CA ASN D 7 -20.07 -32.87 -4.22
C ASN D 7 -20.94 -33.25 -5.38
N SER D 8 -21.27 -34.53 -5.39
CA SER D 8 -22.14 -35.10 -6.37
C SER D 8 -21.58 -35.17 -7.77
N ARG D 9 -20.27 -35.29 -7.85
CA ARG D 9 -19.60 -35.40 -9.13
C ARG D 9 -18.60 -36.51 -8.97
N SER D 10 -18.52 -37.34 -9.98
CA SER D 10 -17.62 -38.44 -9.94
C SER D 10 -16.34 -38.10 -10.70
N TYR D 11 -15.23 -38.56 -10.13
CA TYR D 11 -13.88 -38.35 -10.65
C TYR D 11 -13.05 -39.61 -10.65
N ARG D 12 -12.42 -39.80 -11.80
CA ARG D 12 -11.54 -40.89 -12.07
C ARG D 12 -10.14 -40.41 -11.80
N LEU D 13 -9.50 -41.05 -10.84
CA LEU D 13 -8.17 -40.74 -10.39
C LEU D 13 -7.17 -40.79 -11.53
N SER D 14 -6.27 -39.80 -11.57
CA SER D 14 -5.26 -39.70 -12.62
C SER D 14 -4.24 -40.82 -12.68
N SER D 15 -3.91 -41.17 -13.92
CA SER D 15 -2.92 -42.19 -14.23
C SER D 15 -1.56 -41.54 -14.45
N ALA D 16 -1.61 -40.28 -14.85
CA ALA D 16 -0.44 -39.47 -15.11
C ALA D 16 -0.55 -38.23 -14.25
N PRO D 17 0.60 -37.66 -13.90
CA PRO D 17 0.58 -36.47 -13.08
C PRO D 17 -0.24 -35.37 -13.73
N THR D 18 -1.25 -34.89 -12.99
CA THR D 18 -2.10 -33.85 -13.49
C THR D 18 -1.90 -32.52 -12.82
N ILE D 19 -1.82 -31.48 -13.63
CA ILE D 19 -1.58 -30.16 -13.13
C ILE D 19 -2.68 -29.17 -13.48
N VAL D 20 -3.45 -28.76 -12.48
CA VAL D 20 -4.47 -27.80 -12.74
C VAL D 20 -3.98 -26.44 -12.28
N ILE D 21 -3.91 -25.50 -13.22
CA ILE D 21 -3.41 -24.18 -12.96
C ILE D 21 -4.45 -23.10 -12.95
N CYS D 22 -4.45 -22.28 -11.89
CA CYS D 22 -5.39 -21.21 -11.87
C CYS D 22 -4.66 -19.93 -12.07
N VAL D 23 -4.82 -19.33 -13.26
CA VAL D 23 -4.13 -18.08 -13.59
C VAL D 23 -5.00 -16.92 -13.17
N ASP D 24 -4.63 -16.37 -12.04
CA ASP D 24 -5.34 -15.29 -11.45
C ASP D 24 -5.52 -14.10 -12.35
N GLY D 25 -6.77 -13.65 -12.51
CA GLY D 25 -7.09 -12.47 -13.34
C GLY D 25 -6.88 -12.63 -14.83
N CYS D 26 -6.91 -13.85 -15.30
CA CYS D 26 -6.67 -14.15 -16.70
C CYS D 26 -7.68 -13.78 -17.78
N GLU D 27 -7.86 -12.48 -18.04
CA GLU D 27 -8.76 -12.10 -19.12
C GLU D 27 -8.17 -12.68 -20.41
N GLN D 28 -8.96 -13.29 -21.25
CA GLN D 28 -8.48 -13.90 -22.46
C GLN D 28 -7.54 -13.12 -23.31
N GLU D 29 -7.73 -11.81 -23.38
CA GLU D 29 -6.90 -10.96 -24.20
C GLU D 29 -5.46 -11.01 -23.87
N TYR D 30 -5.17 -11.29 -22.60
CA TYR D 30 -3.80 -11.37 -22.18
C TYR D 30 -3.05 -12.37 -23.03
N ILE D 31 -3.71 -13.51 -23.22
CA ILE D 31 -3.21 -14.59 -23.97
C ILE D 31 -3.15 -14.27 -25.43
N ASN D 32 -4.27 -13.83 -25.98
CA ASN D 32 -4.29 -13.50 -27.39
C ASN D 32 -3.18 -12.49 -27.76
N GLN D 33 -2.98 -11.50 -26.90
CA GLN D 33 -1.99 -10.50 -27.14
C GLN D 33 -0.54 -10.98 -27.11
N ALA D 34 -0.22 -11.87 -26.15
CA ALA D 34 1.12 -12.38 -26.01
C ALA D 34 1.50 -13.21 -27.22
N ILE D 35 0.54 -13.98 -27.68
CA ILE D 35 0.76 -14.80 -28.82
C ILE D 35 1.04 -13.96 -30.02
N GLN D 36 0.16 -13.00 -30.23
CA GLN D 36 0.32 -12.10 -31.36
C GLN D 36 1.67 -11.45 -31.30
N ALA D 37 2.02 -11.06 -30.10
CA ALA D 37 3.28 -10.42 -29.85
C ALA D 37 4.43 -11.39 -30.03
N GLY D 38 4.09 -12.66 -30.20
CA GLY D 38 5.12 -13.66 -30.35
C GLY D 38 5.75 -14.00 -29.02
N GLN D 39 5.05 -13.76 -27.91
CA GLN D 39 5.65 -14.05 -26.60
C GLN D 39 5.15 -15.27 -25.89
N ALA D 40 4.42 -16.10 -26.61
CA ALA D 40 3.87 -17.30 -26.07
C ALA D 40 3.79 -18.39 -27.16
N PRO D 41 4.99 -18.82 -27.63
CA PRO D 41 5.13 -19.83 -28.69
C PRO D 41 4.46 -21.16 -28.39
N PHE D 42 4.54 -21.59 -27.14
CA PHE D 42 3.94 -22.83 -26.73
C PHE D 42 2.44 -22.80 -26.84
N LEU D 43 1.84 -21.76 -26.30
CA LEU D 43 0.40 -21.66 -26.36
C LEU D 43 0.00 -21.43 -27.78
N ALA D 44 0.91 -20.77 -28.51
CA ALA D 44 0.66 -20.47 -29.90
C ALA D 44 0.39 -21.72 -30.74
N GLU D 45 1.06 -22.82 -30.43
CA GLU D 45 0.89 -24.05 -31.20
C GLU D 45 0.13 -25.14 -30.48
N LEU D 46 -0.25 -24.84 -29.25
CA LEU D 46 -0.98 -25.78 -28.43
C LEU D 46 -2.21 -26.33 -29.13
N THR D 47 -2.74 -25.59 -30.10
CA THR D 47 -3.90 -26.07 -30.85
C THR D 47 -3.66 -27.34 -31.64
N GLY D 48 -2.40 -27.57 -31.95
CA GLY D 48 -2.06 -28.75 -32.69
C GLY D 48 -2.38 -30.02 -31.91
N PHE D 49 -2.15 -29.99 -30.59
CA PHE D 49 -2.43 -31.14 -29.74
C PHE D 49 -3.40 -30.84 -28.59
N GLY D 50 -3.72 -29.56 -28.44
CA GLY D 50 -4.59 -29.18 -27.35
C GLY D 50 -5.99 -28.76 -27.69
N THR D 51 -6.67 -28.35 -26.63
CA THR D 51 -8.04 -27.86 -26.63
C THR D 51 -8.13 -26.52 -25.91
N VAL D 52 -8.73 -25.54 -26.59
CA VAL D 52 -8.94 -24.19 -26.07
C VAL D 52 -10.44 -23.96 -25.93
N LEU D 53 -10.88 -23.62 -24.76
CA LEU D 53 -12.30 -23.36 -24.60
C LEU D 53 -12.48 -22.05 -23.87
N THR D 54 -13.73 -21.63 -23.77
CA THR D 54 -14.11 -20.44 -23.07
C THR D 54 -15.22 -20.81 -22.10
N GLY D 55 -15.10 -20.43 -20.83
CA GLY D 55 -16.15 -20.76 -19.87
C GLY D 55 -16.55 -19.55 -19.02
N ASP D 56 -17.50 -19.76 -18.13
CA ASP D 56 -17.98 -18.68 -17.28
C ASP D 56 -17.52 -18.89 -15.84
N CYS D 57 -16.99 -17.87 -15.23
CA CYS D 57 -16.64 -18.10 -13.86
C CYS D 57 -17.88 -17.81 -13.03
N VAL D 58 -17.67 -17.84 -11.74
CA VAL D 58 -18.69 -17.53 -10.75
C VAL D 58 -18.82 -16.01 -10.53
N VAL D 59 -20.06 -15.53 -10.28
CA VAL D 59 -20.30 -14.09 -10.00
C VAL D 59 -20.73 -14.05 -8.52
N PRO D 60 -20.17 -13.20 -7.61
CA PRO D 60 -19.19 -12.17 -7.86
C PRO D 60 -17.85 -12.75 -8.34
N SER D 61 -17.34 -12.20 -9.44
CA SER D 61 -16.06 -12.63 -10.05
C SER D 61 -14.82 -12.28 -9.23
N PHE D 62 -14.72 -12.86 -8.06
CA PHE D 62 -13.61 -12.64 -7.14
C PHE D 62 -12.79 -13.90 -7.01
N THR D 63 -11.57 -13.72 -6.53
CA THR D 63 -10.62 -14.78 -6.32
C THR D 63 -11.03 -15.91 -5.37
N ASN D 64 -11.35 -15.60 -4.13
CA ASN D 64 -11.72 -16.68 -3.19
C ASN D 64 -12.87 -17.57 -3.67
N PRO D 65 -14.04 -16.98 -3.88
CA PRO D 65 -15.19 -17.74 -4.35
C PRO D 65 -14.92 -18.66 -5.56
N ASN D 66 -14.14 -18.12 -6.53
CA ASN D 66 -13.77 -18.84 -7.74
C ASN D 66 -12.82 -19.97 -7.54
N ASN D 67 -11.78 -19.70 -6.77
CA ASN D 67 -10.79 -20.71 -6.46
C ASN D 67 -11.44 -21.84 -5.68
N LEU D 68 -12.26 -21.48 -4.71
CA LEU D 68 -12.90 -22.51 -3.95
C LEU D 68 -13.78 -23.33 -4.86
N SER D 69 -14.50 -22.64 -5.76
CA SER D 69 -15.36 -23.33 -6.69
C SER D 69 -14.56 -24.32 -7.55
N ILE D 70 -13.42 -23.88 -8.08
CA ILE D 70 -12.61 -24.78 -8.89
C ILE D 70 -12.26 -26.08 -8.15
N VAL D 71 -11.63 -25.98 -6.97
CA VAL D 71 -11.22 -27.13 -6.16
C VAL D 71 -12.35 -27.97 -5.56
N THR D 72 -13.57 -27.42 -5.53
CA THR D 72 -14.65 -28.23 -5.01
C THR D 72 -15.50 -28.73 -6.17
N GLY D 73 -15.38 -28.08 -7.34
CA GLY D 73 -16.20 -28.50 -8.50
C GLY D 73 -17.65 -28.05 -8.34
N ALA D 74 -17.89 -27.15 -7.38
CA ALA D 74 -19.23 -26.64 -7.13
C ALA D 74 -19.25 -25.11 -7.01
N PRO D 75 -20.47 -24.55 -6.88
CA PRO D 75 -20.71 -23.12 -6.70
C PRO D 75 -20.75 -22.77 -5.23
N PRO D 76 -20.75 -21.46 -4.94
CA PRO D 76 -20.74 -20.98 -3.55
C PRO D 76 -21.96 -21.39 -2.74
N SER D 77 -23.04 -21.67 -3.41
CA SER D 77 -24.20 -22.10 -2.71
C SER D 77 -23.91 -23.45 -2.08
N VAL D 78 -22.84 -24.08 -2.57
CA VAL D 78 -22.45 -25.40 -2.03
C VAL D 78 -21.31 -25.27 -1.05
N HIS D 79 -20.20 -24.70 -1.51
CA HIS D 79 -19.09 -24.54 -0.62
C HIS D 79 -19.30 -23.40 0.39
N GLY D 80 -20.19 -22.46 0.05
CA GLY D 80 -20.52 -21.34 0.93
C GLY D 80 -19.59 -20.15 0.96
N ILE D 81 -18.51 -20.15 0.15
CA ILE D 81 -17.56 -19.03 0.12
C ILE D 81 -17.84 -18.14 -1.09
N CYS D 82 -18.59 -17.07 -0.82
CA CYS D 82 -19.06 -16.10 -1.84
C CYS D 82 -18.43 -14.73 -1.75
N GLY D 83 -17.43 -14.61 -0.92
CA GLY D 83 -16.79 -13.34 -0.77
C GLY D 83 -15.80 -13.45 0.35
N ASN D 84 -15.18 -12.32 0.73
CA ASN D 84 -14.21 -12.35 1.83
C ASN D 84 -14.82 -12.18 3.18
N PHE D 85 -16.08 -11.80 3.17
CA PHE D 85 -16.80 -11.60 4.38
C PHE D 85 -18.29 -11.32 4.14
N PHE D 86 -19.03 -11.37 5.22
CA PHE D 86 -20.46 -11.14 5.15
C PHE D 86 -20.93 -10.42 6.41
N PHE D 87 -22.24 -10.43 6.65
CA PHE D 87 -22.73 -9.73 7.80
C PHE D 87 -23.77 -10.47 8.64
N ASP D 88 -23.47 -10.54 9.97
CA ASP D 88 -24.25 -11.16 11.07
C ASP D 88 -23.91 -12.62 11.30
N GLU D 93 -22.62 -8.49 13.21
CA GLU D 93 -21.21 -8.89 13.12
C GLU D 93 -20.69 -8.96 11.68
N GLU D 94 -19.57 -8.23 11.40
CA GLU D 94 -18.90 -8.19 10.08
C GLU D 94 -17.79 -9.23 9.97
N VAL D 95 -18.24 -10.47 10.16
CA VAL D 95 -17.47 -11.70 10.15
C VAL D 95 -16.69 -11.90 8.86
N LEU D 96 -15.57 -12.59 8.98
CA LEU D 96 -14.76 -12.86 7.82
C LEU D 96 -14.61 -14.33 7.57
N MET D 97 -14.86 -14.73 6.32
CA MET D 97 -14.70 -16.11 5.93
C MET D 97 -13.27 -16.22 5.43
N ASN D 98 -12.38 -16.50 6.36
CA ASN D 98 -10.95 -16.59 6.13
C ASN D 98 -10.49 -17.92 6.66
N ASP D 99 -11.46 -18.62 7.20
CA ASP D 99 -11.23 -19.88 7.80
C ASP D 99 -12.04 -20.94 7.16
N ALA D 100 -11.44 -22.13 7.13
CA ALA D 100 -12.06 -23.31 6.58
C ALA D 100 -13.30 -23.63 7.40
N LYS D 101 -13.36 -22.95 8.52
CA LYS D 101 -14.45 -23.03 9.44
C LYS D 101 -15.71 -22.69 8.65
N TYR D 102 -15.53 -21.77 7.70
CA TYR D 102 -16.61 -21.30 6.86
C TYR D 102 -16.92 -22.21 5.71
N LEU D 103 -16.01 -23.15 5.41
CA LEU D 103 -16.15 -24.12 4.32
C LEU D 103 -17.26 -25.09 4.63
N ARG D 104 -18.19 -25.22 3.67
CA ARG D 104 -19.34 -26.09 3.84
C ARG D 104 -19.32 -27.31 2.96
N ALA D 105 -18.24 -27.50 2.22
CA ALA D 105 -18.11 -28.65 1.36
C ALA D 105 -16.65 -29.09 1.35
N PRO D 106 -16.42 -30.33 0.92
CA PRO D 106 -15.08 -30.86 0.85
C PRO D 106 -14.42 -30.51 -0.48
N THR D 107 -13.10 -30.53 -0.54
CA THR D 107 -12.46 -30.23 -1.79
C THR D 107 -12.24 -31.54 -2.52
N ILE D 108 -12.08 -31.47 -3.82
CA ILE D 108 -11.80 -32.68 -4.52
C ILE D 108 -10.39 -33.11 -4.15
N LEU D 109 -9.62 -32.11 -3.72
CA LEU D 109 -8.24 -32.22 -3.32
C LEU D 109 -8.05 -33.16 -2.18
N ALA D 110 -8.84 -32.91 -1.13
CA ALA D 110 -8.74 -33.73 0.04
C ALA D 110 -9.15 -35.19 -0.17
N GLU D 111 -10.07 -35.39 -1.09
CA GLU D 111 -10.58 -36.71 -1.41
C GLU D 111 -9.61 -37.53 -2.19
N MET D 112 -8.93 -36.89 -3.12
CA MET D 112 -7.97 -37.61 -3.88
C MET D 112 -6.92 -38.12 -2.92
N ALA D 113 -6.53 -37.24 -1.98
CA ALA D 113 -5.51 -37.57 -0.97
C ALA D 113 -5.93 -38.75 -0.10
N LYS D 114 -7.18 -38.71 0.38
CA LYS D 114 -7.75 -39.75 1.19
C LYS D 114 -7.77 -41.07 0.44
N ALA D 115 -7.92 -40.97 -0.87
CA ALA D 115 -7.92 -42.15 -1.69
C ALA D 115 -6.48 -42.68 -1.92
N GLY D 116 -5.50 -42.03 -1.30
CA GLY D 116 -4.12 -42.46 -1.40
C GLY D 116 -3.24 -41.73 -2.39
N GLN D 117 -3.80 -40.74 -3.05
CA GLN D 117 -3.01 -40.00 -4.01
C GLN D 117 -2.11 -38.97 -3.37
N LEU D 118 -1.00 -38.65 -4.07
CA LEU D 118 -0.12 -37.62 -3.56
C LEU D 118 -0.56 -36.31 -4.24
N VAL D 119 -1.26 -35.50 -3.47
CA VAL D 119 -1.79 -34.23 -3.90
C VAL D 119 -0.93 -33.06 -3.40
N ALA D 120 -0.70 -32.08 -4.28
CA ALA D 120 0.08 -30.91 -3.96
C ALA D 120 -0.66 -29.62 -4.31
N VAL D 121 -0.49 -28.63 -3.47
CA VAL D 121 -1.10 -27.33 -3.68
C VAL D 121 -0.10 -26.27 -3.48
N VAL D 122 0.00 -25.39 -4.47
CA VAL D 122 0.90 -24.25 -4.36
C VAL D 122 0.17 -22.96 -4.75
N THR D 123 0.24 -21.95 -3.90
CA THR D 123 -0.44 -20.71 -4.20
C THR D 123 0.51 -19.61 -3.93
N ALA D 124 0.27 -18.50 -4.58
CA ALA D 124 1.14 -17.36 -4.37
C ALA D 124 0.89 -16.72 -3.01
N LYS D 125 -0.39 -16.51 -2.69
CA LYS D 125 -0.73 -15.90 -1.43
C LYS D 125 -1.00 -16.90 -0.37
N ASP D 126 -0.49 -16.64 0.81
CA ASP D 126 -0.66 -17.58 1.87
C ASP D 126 -2.09 -17.74 2.37
N LYS D 127 -2.86 -16.68 2.31
CA LYS D 127 -4.22 -16.72 2.80
C LYS D 127 -5.08 -17.75 2.11
N LEU D 128 -4.92 -17.83 0.80
CA LEU D 128 -5.65 -18.78 -0.01
C LEU D 128 -5.34 -20.20 0.46
N ARG D 129 -4.04 -20.44 0.56
CA ARG D 129 -3.46 -21.68 1.00
C ARG D 129 -4.21 -22.29 2.18
N ASN D 130 -4.65 -21.43 3.09
CA ASN D 130 -5.41 -21.87 4.27
C ASN D 130 -6.72 -22.48 3.90
N LEU D 131 -7.48 -21.73 3.14
CA LEU D 131 -8.77 -22.21 2.72
C LEU D 131 -8.68 -23.51 1.92
N LEU D 132 -7.81 -23.51 0.92
CA LEU D 132 -7.62 -24.64 0.01
C LEU D 132 -7.15 -25.94 0.62
N GLY D 133 -6.30 -25.83 1.62
CA GLY D 133 -5.75 -27.01 2.28
C GLY D 133 -6.64 -27.67 3.30
N HIS D 134 -7.89 -27.23 3.37
CA HIS D 134 -8.80 -27.81 4.30
C HIS D 134 -8.87 -29.35 4.18
N GLN D 135 -8.54 -30.06 5.28
CA GLN D 135 -8.56 -31.54 5.39
C GLN D 135 -7.61 -32.26 4.43
N LEU D 136 -6.65 -31.53 3.88
CA LEU D 136 -5.73 -32.12 2.92
C LEU D 136 -4.49 -32.71 3.53
N LYS D 137 -4.26 -33.95 3.18
CA LYS D 137 -3.07 -34.58 3.65
C LYS D 137 -2.11 -34.76 2.49
N GLY D 138 -1.19 -33.84 2.36
CA GLY D 138 -0.24 -33.92 1.26
C GLY D 138 0.72 -32.75 1.26
N ILE D 139 1.01 -32.20 0.07
CA ILE D 139 1.91 -31.06 -0.03
C ILE D 139 1.10 -29.80 -0.18
N CYS D 140 1.32 -28.80 0.69
CA CYS D 140 0.54 -27.57 0.60
C CYS D 140 1.22 -26.35 1.18
N PHE D 141 1.56 -25.40 0.33
CA PHE D 141 2.21 -24.19 0.82
C PHE D 141 2.06 -22.99 -0.12
N SER D 142 2.52 -21.81 0.31
CA SER D 142 2.43 -20.62 -0.51
C SER D 142 3.82 -20.07 -0.82
N ALA D 143 3.92 -19.27 -1.87
CA ALA D 143 5.19 -18.65 -2.25
C ALA D 143 5.49 -17.57 -1.23
N GLU D 144 4.40 -16.96 -0.80
CA GLU D 144 4.41 -15.88 0.18
C GLU D 144 5.20 -16.26 1.46
N LYS D 145 5.12 -17.51 1.91
CA LYS D 145 5.81 -17.97 3.13
C LYS D 145 6.70 -19.17 2.87
N ALA D 146 7.32 -19.16 1.70
CA ALA D 146 8.20 -20.23 1.30
C ALA D 146 9.27 -20.47 2.35
N ASP D 147 9.75 -19.36 2.89
CA ASP D 147 10.77 -19.35 3.89
C ASP D 147 10.48 -20.20 5.09
N GLN D 148 9.19 -20.42 5.40
CA GLN D 148 8.94 -21.21 6.56
C GLN D 148 8.30 -22.54 6.40
N VAL D 149 8.50 -23.18 5.27
CA VAL D 149 7.90 -24.48 5.12
C VAL D 149 8.68 -25.55 5.86
N ASN D 150 7.91 -26.47 6.41
CA ASN D 150 8.43 -27.61 7.12
C ASN D 150 7.67 -28.86 6.70
N LEU D 151 8.35 -29.98 6.78
CA LEU D 151 7.79 -31.25 6.40
C LEU D 151 6.44 -31.63 7.00
N GLU D 152 6.33 -31.43 8.29
CA GLU D 152 5.09 -31.79 8.97
C GLU D 152 3.92 -30.90 8.62
N GLU D 153 4.19 -29.62 8.54
CA GLU D 153 3.19 -28.64 8.23
C GLU D 153 2.82 -28.60 6.75
N HIS D 154 3.86 -28.51 5.93
CA HIS D 154 3.68 -28.40 4.51
C HIS D 154 4.02 -29.55 3.60
N GLY D 155 4.54 -30.63 4.16
CA GLY D 155 4.85 -31.77 3.31
C GLY D 155 6.12 -31.56 2.49
N VAL D 156 6.80 -30.49 2.75
CA VAL D 156 8.00 -30.24 2.01
C VAL D 156 8.96 -29.43 2.86
N GLU D 157 10.19 -29.32 2.38
CA GLU D 157 11.18 -28.54 3.11
C GLU D 157 12.28 -28.06 2.20
N ASN D 158 12.84 -26.88 2.55
CA ASN D 158 13.91 -26.27 1.78
C ASN D 158 13.58 -26.04 0.32
N ILE D 159 12.38 -25.53 0.07
CA ILE D 159 11.94 -25.27 -1.29
C ILE D 159 12.68 -24.09 -1.93
N LEU D 160 13.08 -23.12 -1.08
CA LEU D 160 13.82 -21.91 -1.48
C LEU D 160 15.13 -22.28 -2.20
N ALA D 161 15.84 -23.21 -1.57
CA ALA D 161 17.11 -23.71 -2.06
C ALA D 161 16.95 -24.49 -3.36
N ARG D 162 15.86 -25.26 -3.39
CA ARG D 162 15.46 -26.11 -4.48
C ARG D 162 15.07 -25.30 -5.70
N VAL D 163 14.35 -24.23 -5.39
CA VAL D 163 13.84 -23.30 -6.35
C VAL D 163 14.92 -22.31 -6.83
N GLY D 164 15.81 -21.96 -5.91
CA GLY D 164 16.90 -21.07 -6.21
C GLY D 164 16.47 -19.64 -6.34
N MET D 165 15.55 -19.28 -5.45
CA MET D 165 15.00 -17.95 -5.39
C MET D 165 14.66 -17.66 -3.96
N PRO D 166 14.82 -16.40 -3.56
CA PRO D 166 14.53 -15.94 -2.22
C PRO D 166 13.04 -15.72 -2.08
N VAL D 167 12.57 -15.54 -0.82
CA VAL D 167 11.16 -15.28 -0.61
C VAL D 167 10.85 -14.04 -1.45
N PRO D 168 9.84 -14.13 -2.30
CA PRO D 168 9.48 -13.01 -3.15
C PRO D 168 8.59 -11.98 -2.45
N SER D 169 8.49 -10.79 -3.05
CA SER D 169 7.65 -9.76 -2.47
C SER D 169 6.22 -9.98 -2.91
N VAL D 170 5.31 -9.87 -1.96
CA VAL D 170 3.90 -10.05 -2.24
C VAL D 170 3.44 -9.17 -3.41
N TYR D 171 4.00 -8.01 -3.46
CA TYR D 171 3.63 -7.13 -4.51
C TYR D 171 4.72 -7.14 -5.57
N SER D 172 4.83 -8.29 -6.20
CA SER D 172 5.79 -8.55 -7.23
C SER D 172 5.27 -9.64 -8.13
N ALA D 173 5.86 -9.71 -9.33
CA ALA D 173 5.50 -10.72 -10.32
C ALA D 173 6.20 -12.00 -9.95
N ASP D 174 7.24 -11.82 -9.16
CA ASP D 174 8.08 -12.89 -8.69
C ASP D 174 7.34 -13.87 -7.81
N LEU D 175 6.28 -13.38 -7.20
CA LEU D 175 5.48 -14.24 -6.35
C LEU D 175 4.87 -15.39 -7.19
N SER D 176 4.42 -15.07 -8.40
CA SER D 176 3.81 -16.05 -9.29
C SER D 176 4.80 -16.96 -9.94
N GLU D 177 5.94 -16.39 -10.32
CA GLU D 177 6.96 -17.19 -10.93
C GLU D 177 7.32 -18.30 -9.95
N PHE D 178 7.55 -17.88 -8.71
CA PHE D 178 7.89 -18.79 -7.63
C PHE D 178 6.95 -19.95 -7.62
N VAL D 179 5.68 -19.66 -7.84
CA VAL D 179 4.70 -20.70 -7.89
C VAL D 179 5.03 -21.71 -9.02
N PHE D 180 5.30 -21.21 -10.19
CA PHE D 180 5.63 -22.07 -11.32
C PHE D 180 6.90 -22.84 -11.10
N ALA D 181 7.90 -22.15 -10.55
CA ALA D 181 9.20 -22.74 -10.29
C ALA D 181 9.13 -23.84 -9.27
N ALA D 182 8.24 -23.65 -8.32
CA ALA D 182 8.07 -24.63 -7.28
C ALA D 182 7.37 -25.86 -7.81
N GLY D 183 6.38 -25.62 -8.70
CA GLY D 183 5.60 -26.66 -9.34
C GLY D 183 6.45 -27.54 -10.23
N LEU D 184 7.51 -26.96 -10.77
CA LEU D 184 8.42 -27.72 -11.63
C LEU D 184 9.28 -28.64 -10.79
N SER D 185 9.85 -28.07 -9.79
CA SER D 185 10.67 -28.87 -8.90
C SER D 185 9.86 -30.03 -8.28
N LEU D 186 8.59 -29.81 -7.92
CA LEU D 186 7.80 -30.89 -7.34
C LEU D 186 7.47 -31.95 -8.37
N LEU D 187 7.20 -31.48 -9.57
CA LEU D 187 6.89 -32.39 -10.65
C LEU D 187 8.03 -33.36 -10.87
N THR D 188 9.22 -32.80 -11.04
CA THR D 188 10.42 -33.56 -11.29
C THR D 188 11.04 -34.24 -10.08
N ASN D 189 10.46 -34.09 -8.90
CA ASN D 189 11.05 -34.74 -7.77
C ASN D 189 10.07 -35.65 -7.18
N GLU D 190 9.17 -35.08 -6.40
CA GLU D 190 8.12 -35.82 -5.78
C GLU D 190 7.19 -36.46 -6.81
N ARG D 191 6.94 -35.76 -7.93
CA ARG D 191 6.03 -36.28 -8.96
C ARG D 191 4.61 -36.52 -8.40
N PRO D 192 3.98 -35.48 -7.92
CA PRO D 192 2.65 -35.65 -7.38
C PRO D 192 1.68 -36.15 -8.45
N ASP D 193 0.68 -36.84 -8.01
CA ASP D 193 -0.34 -37.37 -8.92
C ASP D 193 -1.16 -36.24 -9.50
N PHE D 194 -1.51 -35.32 -8.59
CA PHE D 194 -2.31 -34.15 -8.88
C PHE D 194 -1.75 -32.92 -8.20
N MET D 195 -1.66 -31.83 -8.95
CA MET D 195 -1.11 -30.60 -8.42
C MET D 195 -1.98 -29.42 -8.77
N TYR D 196 -2.16 -28.54 -7.83
CA TYR D 196 -2.97 -27.37 -8.07
C TYR D 196 -2.15 -26.16 -7.83
N LEU D 197 -2.07 -25.32 -8.83
CA LEU D 197 -1.30 -24.11 -8.73
C LEU D 197 -2.16 -22.92 -8.93
N SER D 198 -1.86 -21.90 -8.15
CA SER D 198 -2.61 -20.69 -8.20
C SER D 198 -1.74 -19.45 -7.99
N THR D 199 -1.81 -18.54 -8.96
CA THR D 199 -1.06 -17.29 -8.93
C THR D 199 -1.89 -16.14 -8.29
N THR D 200 -1.44 -14.88 -8.50
CA THR D 200 -2.12 -13.63 -8.07
C THR D 200 -2.24 -12.80 -9.28
N ASP D 201 -3.18 -11.90 -9.23
CA ASP D 201 -3.42 -11.05 -10.35
C ASP D 201 -2.81 -9.73 -10.18
N TYR D 202 -1.74 -9.73 -9.45
CA TYR D 202 -1.01 -8.52 -9.23
C TYR D 202 -0.63 -7.83 -10.56
N VAL D 203 -0.06 -8.60 -11.50
CA VAL D 203 0.34 -8.05 -12.80
C VAL D 203 -0.83 -7.49 -13.65
N GLN D 204 -1.91 -8.27 -13.68
CA GLN D 204 -3.12 -7.96 -14.41
C GLN D 204 -3.84 -6.73 -13.90
N HIS D 205 -3.62 -6.44 -12.62
CA HIS D 205 -4.18 -5.28 -11.99
C HIS D 205 -3.35 -4.04 -12.40
N LYS D 206 -2.09 -4.27 -12.67
CA LYS D 206 -1.22 -3.17 -13.01
C LYS D 206 -1.04 -2.93 -14.48
N HIS D 207 -1.13 -3.99 -15.31
CA HIS D 207 -0.94 -3.90 -16.76
C HIS D 207 -2.02 -4.51 -17.56
N ALA D 208 -2.37 -3.81 -18.66
CA ALA D 208 -3.41 -4.25 -19.60
C ALA D 208 -2.79 -5.22 -20.60
N PRO D 209 -3.60 -6.06 -21.26
CA PRO D 209 -3.03 -6.98 -22.22
C PRO D 209 -2.28 -6.29 -23.32
N GLY D 210 -1.20 -6.90 -23.81
CA GLY D 210 -0.50 -6.28 -24.92
C GLY D 210 0.66 -5.39 -24.58
N THR D 211 0.81 -5.05 -23.29
CA THR D 211 1.90 -4.20 -22.85
C THR D 211 3.13 -5.09 -22.55
N PRO D 212 4.31 -4.54 -22.70
CA PRO D 212 5.55 -5.26 -22.47
C PRO D 212 5.54 -6.08 -21.17
N GLU D 213 5.09 -5.42 -20.11
CA GLU D 213 5.03 -6.00 -18.79
C GLU D 213 4.13 -7.19 -18.74
N ALA D 214 2.97 -7.08 -19.39
CA ALA D 214 2.02 -8.16 -19.44
C ALA D 214 2.59 -9.29 -20.28
N ASN D 215 3.05 -8.94 -21.49
CA ASN D 215 3.61 -9.93 -22.38
C ASN D 215 4.73 -10.73 -21.73
N ALA D 216 5.61 -9.99 -21.07
CA ALA D 216 6.73 -10.59 -20.36
C ALA D 216 6.33 -11.63 -19.32
N PHE D 217 5.23 -11.36 -18.59
CA PHE D 217 4.78 -12.25 -17.57
C PHE D 217 4.27 -13.53 -18.17
N TYR D 218 3.54 -13.34 -19.27
CA TYR D 218 2.95 -14.43 -20.02
C TYR D 218 3.99 -15.29 -20.71
N ALA D 219 5.04 -14.62 -21.15
CA ALA D 219 6.12 -15.30 -21.78
C ALA D 219 6.71 -16.21 -20.73
N MET D 220 6.75 -15.73 -19.48
CA MET D 220 7.29 -16.55 -18.41
C MET D 220 6.47 -17.77 -18.09
N MET D 221 5.18 -17.59 -18.05
CA MET D 221 4.32 -18.68 -17.73
C MET D 221 4.33 -19.71 -18.84
N ASP D 222 4.36 -19.20 -20.08
CA ASP D 222 4.37 -20.07 -21.23
C ASP D 222 5.55 -21.05 -21.18
N SER D 223 6.72 -20.58 -20.73
CA SER D 223 7.89 -21.40 -20.59
C SER D 223 7.64 -22.57 -19.64
N TYR D 224 6.99 -22.27 -18.53
CA TYR D 224 6.65 -23.27 -17.56
C TYR D 224 5.67 -24.29 -18.08
N PHE D 225 4.73 -23.80 -18.83
CA PHE D 225 3.76 -24.72 -19.38
C PHE D 225 4.47 -25.70 -20.29
N LYS D 226 5.41 -25.17 -21.06
CA LYS D 226 6.20 -25.94 -21.99
C LYS D 226 6.94 -27.03 -21.28
N ARG D 227 7.63 -26.62 -20.24
CA ARG D 227 8.37 -27.56 -19.47
C ARG D 227 7.49 -28.60 -18.82
N TYR D 228 6.30 -28.22 -18.36
CA TYR D 228 5.44 -29.17 -17.72
C TYR D 228 4.99 -30.19 -18.73
N HIS D 229 4.75 -29.68 -19.89
CA HIS D 229 4.28 -30.51 -20.94
C HIS D 229 5.35 -31.50 -21.35
N GLU D 230 6.59 -30.97 -21.54
CA GLU D 230 7.77 -31.76 -21.93
C GLU D 230 7.95 -32.92 -20.94
N GLN D 231 7.43 -32.77 -19.68
CA GLN D 231 7.55 -33.78 -18.59
C GLN D 231 6.51 -34.85 -18.62
N GLY D 232 5.65 -34.79 -19.61
CA GLY D 232 4.62 -35.80 -19.70
C GLY D 232 3.41 -35.51 -18.80
N ALA D 233 3.34 -34.36 -18.18
CA ALA D 233 2.18 -34.10 -17.37
C ALA D 233 0.98 -33.65 -18.20
N ILE D 234 -0.21 -33.83 -17.62
CA ILE D 234 -1.44 -33.38 -18.23
C ILE D 234 -1.59 -31.96 -17.68
N VAL D 235 -1.72 -30.96 -18.56
CA VAL D 235 -1.83 -29.59 -18.09
C VAL D 235 -3.19 -28.97 -18.39
N ALA D 236 -3.88 -28.57 -17.35
CA ALA D 236 -5.19 -27.93 -17.47
C ALA D 236 -5.09 -26.48 -16.90
N ILE D 237 -5.45 -25.48 -17.71
CA ILE D 237 -5.35 -24.09 -17.28
C ILE D 237 -6.64 -23.31 -17.43
N THR D 238 -6.98 -22.58 -16.38
CA THR D 238 -8.12 -21.70 -16.37
C THR D 238 -7.81 -20.43 -15.59
N ALA D 239 -8.85 -19.62 -15.29
CA ALA D 239 -8.70 -18.39 -14.49
C ALA D 239 -9.85 -18.31 -13.43
N ASP D 240 -9.70 -17.49 -12.39
CA ASP D 240 -10.75 -17.38 -11.37
C ASP D 240 -11.78 -16.36 -11.77
N HIS D 241 -11.31 -15.42 -12.59
CA HIS D 241 -12.05 -14.27 -13.17
C HIS D 241 -11.17 -13.57 -14.19
N GLY D 242 -11.82 -12.67 -14.93
CA GLY D 242 -11.25 -11.81 -15.92
C GLY D 242 -10.72 -10.50 -15.32
N MET D 243 -10.69 -9.47 -16.08
CA MET D 243 -10.17 -8.23 -15.57
C MET D 243 -10.51 -7.16 -16.55
N ASN D 244 -10.66 -5.94 -16.06
CA ASN D 244 -10.98 -4.83 -16.94
C ASN D 244 -10.49 -3.48 -16.40
N ALA D 245 -10.49 -2.50 -17.27
CA ALA D 245 -10.15 -1.16 -16.92
C ALA D 245 -11.42 -0.64 -16.26
N LYS D 246 -11.29 0.18 -15.26
CA LYS D 246 -12.43 0.75 -14.56
C LYS D 246 -12.17 2.27 -14.55
N THR D 247 -11.69 2.83 -15.66
CA THR D 247 -11.33 4.24 -15.70
C THR D 247 -11.82 4.96 -16.92
N ASP D 248 -11.54 6.27 -16.94
CA ASP D 248 -11.87 7.10 -18.04
C ASP D 248 -10.67 7.03 -18.99
N ALA D 249 -10.64 7.91 -19.93
CA ALA D 249 -9.60 7.94 -20.94
C ALA D 249 -8.27 8.38 -20.44
N ILE D 250 -8.25 8.94 -19.28
CA ILE D 250 -7.00 9.38 -18.77
C ILE D 250 -6.65 8.64 -17.49
N GLY D 251 -7.24 7.49 -17.27
CA GLY D 251 -6.86 6.78 -16.09
C GLY D 251 -7.61 7.13 -14.83
N ARG D 252 -8.54 8.08 -14.87
CA ARG D 252 -9.25 8.34 -13.59
C ARG D 252 -10.33 7.32 -13.37
N PRO D 253 -10.37 6.78 -12.12
CA PRO D 253 -11.33 5.75 -11.76
C PRO D 253 -12.74 6.26 -11.79
N ASN D 254 -13.61 5.34 -12.18
CA ASN D 254 -15.07 5.47 -12.32
C ASN D 254 -15.66 4.82 -11.08
N ILE D 255 -15.80 5.57 -10.00
CA ILE D 255 -16.30 4.98 -8.78
C ILE D 255 -17.68 5.52 -8.40
N LEU D 256 -18.44 4.69 -7.71
CA LEU D 256 -19.76 5.00 -7.20
C LEU D 256 -19.79 4.64 -5.72
N PHE D 257 -19.77 5.63 -4.86
CA PHE D 257 -19.80 5.43 -3.45
C PHE D 257 -21.24 5.17 -2.98
N LEU D 258 -21.64 3.91 -2.97
CA LEU D 258 -22.95 3.52 -2.61
C LEU D 258 -23.39 4.00 -1.23
N GLN D 259 -22.53 3.84 -0.25
CA GLN D 259 -22.86 4.27 1.09
C GLN D 259 -23.21 5.74 1.09
N ASP D 260 -22.39 6.55 0.45
CA ASP D 260 -22.66 7.98 0.39
C ASP D 260 -23.95 8.29 -0.28
N LEU D 261 -24.13 7.67 -1.42
CA LEU D 261 -25.33 7.88 -2.14
C LEU D 261 -26.57 7.43 -1.37
N LEU D 262 -26.50 6.28 -0.73
CA LEU D 262 -27.63 5.75 0.02
C LEU D 262 -28.01 6.63 1.22
N ASP D 263 -26.99 7.01 1.95
CA ASP D 263 -27.10 7.87 3.12
C ASP D 263 -27.75 9.21 2.81
N ALA D 264 -27.48 9.69 1.63
CA ALA D 264 -28.05 10.94 1.19
C ALA D 264 -29.51 10.78 0.84
N GLN D 265 -29.84 9.59 0.39
CA GLN D 265 -31.18 9.31 -0.03
C GLN D 265 -32.09 8.82 1.05
N TYR D 266 -31.55 8.01 1.92
CA TYR D 266 -32.37 7.46 2.98
C TYR D 266 -31.90 7.83 4.36
N GLY D 267 -30.84 8.60 4.43
CA GLY D 267 -30.30 8.97 5.70
C GLY D 267 -29.37 7.89 6.24
N ALA D 268 -28.23 8.36 6.73
CA ALA D 268 -27.20 7.50 7.27
C ALA D 268 -27.71 6.44 8.19
N GLN D 269 -26.81 5.53 8.52
CA GLN D 269 -27.13 4.45 9.42
C GLN D 269 -28.35 3.61 9.00
N ARG D 270 -29.00 3.96 7.87
CA ARG D 270 -30.19 3.27 7.37
C ARG D 270 -29.92 2.11 6.42
N THR D 271 -28.72 2.09 5.85
CA THR D 271 -28.28 1.06 4.92
C THR D 271 -26.87 0.62 5.24
N ARG D 272 -26.50 -0.58 4.77
CA ARG D 272 -25.18 -1.10 5.00
C ARG D 272 -24.59 -1.71 3.73
N VAL D 273 -23.67 -0.95 3.11
CA VAL D 273 -22.97 -1.36 1.90
C VAL D 273 -21.78 -2.21 2.26
N LEU D 274 -21.77 -3.48 1.79
CA LEU D 274 -20.68 -4.40 2.04
C LEU D 274 -19.86 -4.66 0.75
N LEU D 275 -18.53 -4.58 0.86
CA LEU D 275 -17.63 -4.86 -0.30
C LEU D 275 -16.82 -6.11 -0.06
N PRO D 276 -17.34 -7.29 -0.48
CA PRO D 276 -16.72 -8.59 -0.26
C PRO D 276 -15.27 -8.79 -0.71
N ILE D 277 -14.47 -7.73 -0.68
CA ILE D 277 -13.06 -7.82 -1.02
C ILE D 277 -12.25 -6.93 -0.15
N THR D 278 -10.95 -7.00 -0.35
CA THR D 278 -10.02 -6.22 0.43
C THR D 278 -8.73 -5.97 -0.33
N VAL D 283 -0.93 -3.16 -3.35
CA VAL D 283 -2.31 -2.78 -3.58
C VAL D 283 -2.74 -3.18 -4.97
N HIS D 284 -3.95 -3.73 -5.04
CA HIS D 284 -4.48 -4.18 -6.30
C HIS D 284 -5.61 -3.30 -6.81
N HIS D 285 -6.61 -3.08 -5.96
CA HIS D 285 -7.77 -2.30 -6.34
C HIS D 285 -8.28 -1.33 -5.27
N GLY D 286 -7.60 -1.30 -4.11
CA GLY D 286 -7.99 -0.44 -3.02
C GLY D 286 -9.40 -0.80 -2.51
N ALA D 287 -9.78 -2.11 -2.71
CA ALA D 287 -11.09 -2.72 -2.35
C ALA D 287 -12.21 -2.31 -3.30
N LEU D 288 -11.80 -1.92 -4.51
CA LEU D 288 -12.71 -1.46 -5.52
C LEU D 288 -12.96 -2.53 -6.59
N GLY D 289 -14.21 -2.98 -6.64
CA GLY D 289 -14.69 -3.99 -7.57
C GLY D 289 -16.06 -3.62 -8.10
N SER D 290 -16.53 -4.39 -9.07
CA SER D 290 -17.81 -4.13 -9.69
C SER D 290 -18.93 -4.96 -9.08
N TYR D 291 -18.85 -5.24 -7.82
CA TYR D 291 -19.92 -5.99 -7.21
C TYR D 291 -20.01 -5.63 -5.76
N ALA D 292 -21.22 -5.43 -5.25
CA ALA D 292 -21.39 -5.10 -3.83
C ALA D 292 -22.71 -5.63 -3.32
N THR D 293 -22.86 -5.65 -2.00
CA THR D 293 -24.10 -6.09 -1.35
C THR D 293 -24.62 -5.00 -0.47
N VAL D 294 -25.92 -4.96 -0.32
CA VAL D 294 -26.54 -3.97 0.48
C VAL D 294 -27.49 -4.57 1.49
N TYR D 295 -27.29 -4.13 2.73
CA TYR D 295 -28.14 -4.56 3.84
C TYR D 295 -29.04 -3.41 4.28
N LEU D 296 -30.34 -3.62 4.20
CA LEU D 296 -31.33 -2.63 4.55
C LEU D 296 -31.89 -2.73 5.97
N ARG D 297 -31.80 -1.63 6.70
CA ARG D 297 -32.38 -1.64 8.01
C ARG D 297 -33.87 -1.40 7.81
N ASP D 298 -34.66 -2.20 8.53
CA ASP D 298 -36.12 -2.21 8.51
C ASP D 298 -36.78 -0.93 7.99
N ALA D 299 -36.17 0.19 8.35
CA ALA D 299 -36.65 1.48 7.95
C ALA D 299 -36.88 1.64 6.43
N VAL D 300 -35.94 1.15 5.64
CA VAL D 300 -35.99 1.25 4.17
C VAL D 300 -36.78 0.14 3.45
N PRO D 301 -37.51 0.53 2.39
CA PRO D 301 -38.35 -0.35 1.57
C PRO D 301 -37.66 -0.78 0.29
N GLN D 302 -37.35 -2.06 0.25
CA GLN D 302 -36.66 -2.73 -0.83
C GLN D 302 -37.07 -2.25 -2.21
N ARG D 303 -38.34 -2.09 -2.40
CA ARG D 303 -38.85 -1.65 -3.68
C ARG D 303 -38.21 -0.34 -4.11
N ASP D 304 -38.22 0.58 -3.16
CA ASP D 304 -37.72 1.89 -3.37
C ASP D 304 -36.25 1.92 -3.66
N ALA D 305 -35.51 1.21 -2.81
CA ALA D 305 -34.08 1.11 -2.90
C ALA D 305 -33.61 0.62 -4.27
N ILE D 306 -34.30 -0.40 -4.77
CA ILE D 306 -33.98 -0.97 -6.04
C ILE D 306 -34.12 0.02 -7.15
N ASP D 307 -35.25 0.73 -7.10
CA ASP D 307 -35.54 1.71 -8.12
C ASP D 307 -34.56 2.85 -8.10
N PHE D 308 -34.28 3.26 -6.90
CA PHE D 308 -33.32 4.28 -6.69
C PHE D 308 -31.92 3.88 -7.27
N LEU D 309 -31.35 2.78 -6.78
CA LEU D 309 -30.04 2.30 -7.18
C LEU D 309 -29.91 2.01 -8.67
N ALA D 310 -30.93 1.35 -9.20
CA ALA D 310 -30.99 0.98 -10.59
C ALA D 310 -30.94 2.18 -11.50
N GLY D 311 -31.45 3.29 -11.05
CA GLY D 311 -31.42 4.48 -11.88
C GLY D 311 -30.08 5.22 -11.85
N ILE D 312 -29.15 4.76 -11.03
CA ILE D 312 -27.85 5.41 -10.95
C ILE D 312 -26.91 4.99 -12.12
N ALA D 313 -26.38 5.97 -12.83
CA ALA D 313 -25.50 5.68 -13.95
C ALA D 313 -24.21 4.98 -13.53
N GLY D 314 -24.05 3.73 -13.98
CA GLY D 314 -22.86 2.96 -13.66
C GLY D 314 -23.28 1.65 -13.02
N VAL D 315 -24.52 1.62 -12.60
CA VAL D 315 -25.05 0.45 -12.03
C VAL D 315 -25.51 -0.42 -13.17
N GLU D 316 -25.12 -1.66 -13.16
CA GLU D 316 -25.56 -2.48 -14.25
C GLU D 316 -26.86 -3.16 -13.97
N ALA D 317 -26.98 -3.63 -12.74
CA ALA D 317 -28.17 -4.32 -12.34
C ALA D 317 -28.31 -4.34 -10.83
N VAL D 318 -29.57 -4.34 -10.36
CA VAL D 318 -29.88 -4.44 -8.95
C VAL D 318 -30.68 -5.70 -8.74
N LEU D 319 -30.13 -6.64 -7.99
CA LEU D 319 -30.79 -7.89 -7.75
C LEU D 319 -31.12 -8.11 -6.30
N THR D 320 -32.23 -8.75 -6.07
CA THR D 320 -32.61 -9.09 -4.71
C THR D 320 -31.88 -10.35 -4.38
N ARG D 321 -31.87 -10.62 -3.11
CA ARG D 321 -31.23 -11.76 -2.56
C ARG D 321 -31.61 -12.98 -3.34
N SER D 322 -32.89 -13.29 -3.36
CA SER D 322 -33.41 -14.44 -4.09
C SER D 322 -32.99 -14.45 -5.57
N GLN D 323 -33.01 -13.30 -6.19
CA GLN D 323 -32.64 -13.19 -7.58
C GLN D 323 -31.21 -13.60 -7.82
N ALA D 324 -30.35 -12.94 -7.08
CA ALA D 324 -28.93 -13.20 -7.12
C ALA D 324 -28.58 -14.65 -6.81
N CYS D 325 -29.11 -15.14 -5.69
CA CYS D 325 -28.84 -16.48 -5.21
C CYS D 325 -29.15 -17.54 -6.18
N GLN D 326 -30.20 -17.30 -6.90
CA GLN D 326 -30.64 -18.25 -7.87
C GLN D 326 -29.93 -18.08 -9.20
N ARG D 327 -29.68 -16.84 -9.56
CA ARG D 327 -28.99 -16.56 -10.80
C ARG D 327 -27.52 -16.96 -10.77
N PHE D 328 -26.85 -16.60 -9.67
CA PHE D 328 -25.44 -16.87 -9.51
C PHE D 328 -25.13 -18.07 -8.66
N GLU D 329 -26.13 -18.62 -8.00
CA GLU D 329 -25.93 -19.77 -7.13
C GLU D 329 -25.08 -19.43 -5.95
N LEU D 330 -25.65 -18.64 -5.05
CA LEU D 330 -24.95 -18.22 -3.86
C LEU D 330 -25.73 -18.63 -2.62
N PRO D 331 -25.08 -18.63 -1.46
CA PRO D 331 -25.74 -19.00 -0.22
C PRO D 331 -26.62 -17.87 0.30
N GLU D 332 -27.92 -18.08 0.37
CA GLU D 332 -28.74 -17.00 0.84
C GLU D 332 -28.44 -16.40 2.18
N ASP D 333 -27.84 -17.18 3.05
CA ASP D 333 -27.53 -16.69 4.38
C ASP D 333 -26.29 -15.86 4.53
N ARG D 334 -25.52 -15.69 3.45
CA ARG D 334 -24.30 -14.92 3.52
C ARG D 334 -24.25 -13.78 2.54
N ILE D 335 -25.46 -13.38 2.13
CA ILE D 335 -25.62 -12.32 1.17
C ILE D 335 -26.64 -11.28 1.64
N GLY D 336 -26.41 -10.01 1.27
CA GLY D 336 -27.27 -8.91 1.64
C GLY D 336 -28.64 -8.99 1.04
N ASP D 337 -29.44 -7.99 1.29
CA ASP D 337 -30.81 -7.95 0.79
C ASP D 337 -30.86 -7.67 -0.68
N LEU D 338 -29.86 -6.95 -1.12
CA LEU D 338 -29.71 -6.55 -2.50
C LEU D 338 -28.30 -6.84 -2.97
N VAL D 339 -28.17 -7.09 -4.25
CA VAL D 339 -26.86 -7.34 -4.86
C VAL D 339 -26.71 -6.32 -5.96
N VAL D 340 -25.64 -5.55 -5.95
CA VAL D 340 -25.49 -4.55 -6.98
C VAL D 340 -24.37 -4.90 -7.94
N LEU D 341 -24.65 -4.76 -9.23
CA LEU D 341 -23.67 -5.04 -10.28
C LEU D 341 -23.23 -3.77 -10.95
N GLY D 342 -21.92 -3.66 -11.11
CA GLY D 342 -21.29 -2.53 -11.76
C GLY D 342 -21.15 -2.78 -13.24
N GLU D 343 -21.13 -1.70 -14.01
CA GLU D 343 -21.02 -1.78 -15.44
C GLU D 343 -19.57 -2.14 -15.84
N ARG D 344 -19.35 -2.43 -17.09
CA ARG D 344 -18.04 -2.79 -17.61
C ARG D 344 -16.86 -2.01 -17.02
N LEU D 345 -16.93 -0.67 -17.14
CA LEU D 345 -15.95 0.24 -16.65
C LEU D 345 -16.21 0.92 -15.29
N THR D 346 -17.09 0.37 -14.47
CA THR D 346 -17.38 0.99 -13.16
C THR D 346 -17.15 0.05 -11.96
N VAL D 347 -16.58 0.62 -10.87
CA VAL D 347 -16.35 -0.10 -9.65
C VAL D 347 -17.27 0.52 -8.60
N LEU D 348 -17.51 -0.21 -7.57
CA LEU D 348 -18.35 0.27 -6.52
C LEU D 348 -17.62 0.35 -5.21
N GLY D 349 -17.63 1.54 -4.62
CA GLY D 349 -17.04 1.75 -3.32
C GLY D 349 -18.17 1.91 -2.24
N SER D 350 -17.79 2.12 -0.96
CA SER D 350 -18.77 2.30 0.14
C SER D 350 -18.93 3.79 0.36
N ALA D 351 -18.03 4.34 1.16
CA ALA D 351 -17.98 5.76 1.43
C ALA D 351 -16.59 6.28 1.05
N ALA D 352 -16.54 7.48 0.51
CA ALA D 352 -15.30 8.09 0.07
C ALA D 352 -14.24 8.20 1.15
N ASP D 353 -14.75 8.48 2.36
CA ASP D 353 -13.95 8.67 3.58
C ASP D 353 -13.23 7.43 3.99
N LYS D 354 -13.81 6.31 3.56
CA LYS D 354 -13.27 5.02 3.91
C LYS D 354 -12.37 4.40 2.86
N HIS D 355 -11.91 5.16 1.88
CA HIS D 355 -11.05 4.57 0.88
C HIS D 355 -9.78 5.37 0.69
N ASP D 356 -8.68 4.65 0.51
CA ASP D 356 -7.39 5.24 0.26
C ASP D 356 -7.10 5.12 -1.23
N LEU D 357 -7.38 6.21 -1.94
CA LEU D 357 -7.18 6.22 -3.36
C LEU D 357 -5.85 6.76 -3.72
N SER D 358 -5.23 7.31 -2.73
CA SER D 358 -3.95 7.88 -2.96
C SER D 358 -2.90 6.81 -3.18
N GLY D 359 -3.32 5.58 -2.89
CA GLY D 359 -2.48 4.43 -3.07
C GLY D 359 -2.45 4.01 -4.54
N LEU D 360 -3.50 4.33 -5.31
CA LEU D 360 -3.54 3.97 -6.73
C LEU D 360 -2.41 4.63 -7.45
N THR D 361 -1.39 3.84 -7.81
CA THR D 361 -0.22 4.33 -8.51
C THR D 361 -0.31 4.24 -10.05
N VAL D 362 -1.25 3.43 -10.51
CA VAL D 362 -1.56 3.23 -11.91
C VAL D 362 -3.07 3.25 -12.03
N PRO D 363 -3.55 3.43 -13.26
CA PRO D 363 -4.98 3.44 -13.47
C PRO D 363 -5.58 2.16 -13.03
N LEU D 364 -6.71 2.26 -12.38
CA LEU D 364 -7.38 1.13 -11.87
C LEU D 364 -7.91 0.10 -12.92
N ARG D 365 -7.67 -1.16 -12.60
CA ARG D 365 -8.11 -2.29 -13.37
C ARG D 365 -8.64 -3.21 -12.32
N SER D 366 -9.87 -3.67 -12.44
CA SER D 366 -10.43 -4.56 -11.47
C SER D 366 -11.38 -5.54 -12.09
N HIS D 367 -12.13 -6.23 -11.22
CA HIS D 367 -13.11 -7.28 -11.55
C HIS D 367 -14.25 -7.33 -10.47
N GLY D 368 -15.16 -8.29 -10.56
CA GLY D 368 -16.23 -8.43 -9.59
C GLY D 368 -17.56 -8.66 -10.24
N GLY D 369 -17.74 -7.98 -11.38
CA GLY D 369 -18.98 -8.09 -12.11
C GLY D 369 -19.01 -9.12 -13.22
N VAL D 370 -20.07 -8.98 -14.00
CA VAL D 370 -20.32 -9.84 -15.11
C VAL D 370 -19.38 -9.68 -16.31
N SER D 371 -18.80 -8.50 -16.50
CA SER D 371 -17.86 -8.26 -17.63
C SER D 371 -16.46 -8.87 -17.43
N GLU D 372 -16.25 -9.60 -16.32
CA GLU D 372 -14.98 -10.25 -16.02
C GLU D 372 -15.24 -11.75 -15.83
N GLN D 373 -16.38 -12.19 -16.38
CA GLN D 373 -16.89 -13.55 -16.30
C GLN D 373 -16.32 -14.54 -17.30
N LYS D 374 -16.11 -14.10 -18.50
CA LYS D 374 -15.54 -14.96 -19.51
C LYS D 374 -14.08 -15.21 -19.16
N VAL D 375 -13.70 -16.52 -19.11
CA VAL D 375 -12.36 -17.02 -18.79
C VAL D 375 -12.03 -18.19 -19.69
N PRO D 376 -10.73 -18.44 -19.91
CA PRO D 376 -10.35 -19.54 -20.76
C PRO D 376 -10.22 -20.86 -20.03
N LEU D 377 -10.27 -21.95 -20.79
CA LEU D 377 -10.08 -23.33 -20.31
C LEU D 377 -9.16 -23.96 -21.35
N ILE D 378 -7.92 -24.20 -20.97
CA ILE D 378 -6.93 -24.74 -21.90
C ILE D 378 -6.33 -26.08 -21.52
N PHE D 379 -6.27 -27.00 -22.45
CA PHE D 379 -5.68 -28.31 -22.18
C PHE D 379 -4.60 -28.67 -23.19
N ASN D 380 -3.59 -29.45 -22.74
CA ASN D 380 -2.47 -29.89 -23.61
C ASN D 380 -2.77 -31.27 -24.15
N ARG D 381 -4.06 -31.57 -24.14
CA ARG D 381 -4.60 -32.84 -24.60
C ARG D 381 -5.85 -32.61 -25.41
N LYS D 382 -6.35 -33.67 -26.05
CA LYS D 382 -7.59 -33.55 -26.78
C LYS D 382 -8.67 -34.11 -25.89
N LEU D 383 -9.87 -33.55 -25.93
CA LEU D 383 -10.93 -34.03 -25.05
C LEU D 383 -12.07 -34.71 -25.80
N VAL D 384 -12.91 -35.38 -25.02
CA VAL D 384 -14.07 -36.06 -25.51
C VAL D 384 -15.28 -35.79 -24.60
N GLY D 385 -16.48 -36.08 -25.12
CA GLY D 385 -17.75 -35.92 -24.40
C GLY D 385 -18.18 -34.50 -24.07
N LEU D 386 -17.94 -33.59 -25.00
CA LEU D 386 -18.31 -32.21 -24.78
C LEU D 386 -19.70 -31.89 -25.29
N ASP D 387 -20.57 -31.62 -24.34
CA ASP D 387 -21.95 -31.27 -24.61
C ASP D 387 -21.98 -29.87 -25.22
N ARG D 391 -22.93 -24.90 -21.52
CA ARG D 391 -22.49 -23.93 -20.52
C ARG D 391 -21.40 -24.45 -19.58
N LEU D 392 -20.20 -24.15 -20.01
CA LEU D 392 -18.98 -24.50 -19.35
C LEU D 392 -18.60 -23.50 -18.27
N ARG D 393 -18.21 -24.04 -17.13
CA ARG D 393 -17.77 -23.24 -16.01
C ARG D 393 -16.30 -23.49 -15.75
N ASN D 394 -15.66 -22.54 -15.12
CA ASN D 394 -14.29 -22.70 -14.79
C ASN D 394 -14.12 -23.83 -13.78
N PHE D 395 -15.14 -24.07 -12.94
CA PHE D 395 -15.03 -25.12 -11.95
C PHE D 395 -15.31 -26.56 -12.43
N ASP D 396 -15.50 -26.68 -13.74
CA ASP D 396 -15.69 -27.94 -14.40
C ASP D 396 -14.28 -28.39 -14.90
N ILE D 397 -13.27 -27.59 -14.64
CA ILE D 397 -11.95 -27.95 -15.12
C ILE D 397 -11.44 -29.31 -14.69
N ILE D 398 -11.61 -29.59 -13.43
CA ILE D 398 -11.12 -30.85 -12.95
C ILE D 398 -11.82 -32.01 -13.62
N ASP D 399 -13.16 -31.85 -13.77
CA ASP D 399 -14.00 -32.82 -14.39
C ASP D 399 -13.43 -33.21 -15.74
N LEU D 400 -13.30 -32.21 -16.58
CA LEU D 400 -12.77 -32.39 -17.90
C LEU D 400 -11.38 -32.99 -17.88
N ALA D 401 -10.53 -32.51 -16.94
CA ALA D 401 -9.14 -33.02 -16.82
C ALA D 401 -9.10 -34.45 -16.35
N LEU D 402 -10.09 -34.92 -15.60
CA LEU D 402 -9.98 -36.30 -15.16
C LEU D 402 -10.83 -37.28 -15.93
N ASN D 403 -11.91 -36.77 -16.52
CA ASN D 403 -12.86 -37.61 -17.15
C ASN D 403 -13.04 -37.44 -18.61
N HIS D 404 -12.69 -36.29 -19.16
CA HIS D 404 -12.93 -36.06 -20.58
C HIS D 404 -11.70 -36.17 -21.47
N LEU D 405 -10.68 -36.91 -21.06
CA LEU D 405 -9.49 -37.01 -21.91
C LEU D 405 -9.66 -37.97 -23.07
N ALA D 406 -9.14 -37.59 -24.23
CA ALA D 406 -9.23 -38.43 -25.41
C ALA D 406 -8.18 -39.53 -25.36
ZN ZN E . -16.56 4.14 -36.64
ZN ZN F . -15.27 -0.14 -37.61
C1 PPF G . -18.11 1.58 -38.86
O1 PPF G . -17.27 0.78 -41.26
O2 PPF G . -15.81 2.32 -39.98
O3 PPF G . -16.05 0.00 -39.27
O4 PPF G . -17.84 2.02 -37.80
O5 PPF G . -19.33 1.36 -39.24
P1 PPF G . -16.74 1.15 -39.91
ZN ZN H . 2.26 12.51 12.99
ZN ZN I . 2.78 8.27 11.69
O1 TLA J . -2.64 9.74 12.59
O11 TLA J . -0.97 9.34 14.00
C1 TLA J . -1.58 9.19 12.84
C2 TLA J . -0.85 8.25 11.87
O2 TLA J . -0.34 7.20 12.55
C3 TLA J . -0.19 9.07 10.98
O3 TLA J . 0.86 9.57 11.70
C4 TLA J . 0.30 8.01 10.03
O4 TLA J . -0.40 7.47 9.19
O41 TLA J . 1.58 7.68 10.19
ZN ZN K . 28.61 -2.65 28.36
ZN ZN L . 29.19 1.94 28.16
C1 PPF M . 29.44 0.03 31.75
O1 PPF M . 29.89 1.68 29.64
O2 PPF M . 31.80 0.81 30.86
O3 PPF M . 30.57 -0.59 29.36
O4 PPF M . 29.76 0.32 32.86
O5 PPF M . 28.33 -0.58 31.49
P1 PPF M . 30.45 0.49 30.34
ZN ZN N . -8.33 -13.49 -8.55
ZN ZN O . -7.82 -8.96 -8.25
C1 PPF P . -9.72 -9.95 -5.30
O1 PPF P . -7.25 -9.04 -4.78
O2 PPF P . -7.51 -11.42 -5.33
O3 PPF P . -7.71 -9.70 -7.05
O4 PPF P . -10.43 -10.95 -5.40
O5 PPF P . -10.23 -8.78 -4.97
P1 PPF P . -7.98 -10.03 -5.63
#